data_8S8Z
#
_entry.id   8S8Z
#
_cell.length_a   1.00
_cell.length_b   1.00
_cell.length_c   1.00
_cell.angle_alpha   90.00
_cell.angle_beta   90.00
_cell.angle_gamma   90.00
#
_symmetry.space_group_name_H-M   'P 1'
#
loop_
_entity.id
_entity.type
_entity.pdbx_description
1 polymer 'Calcium homeostasis modulator protein 1'
2 non-polymer '(2S)-3-(hexadecanoyloxy)-2-[(9Z)-octadec-9-enoyloxy]propyl 2-(trimethylammonio)ethyl phosphate'
3 non-polymer 'ruthenium(6+) azanide pentaamino(oxido)ruthenium (1/4/2)'
#
_entity_poly.entity_id   1
_entity_poly.type   'polypeptide(L)'
_entity_poly.pdbx_seq_one_letter_code
;MMDKFRMIFQFLQSNQESFMNGICGIMALASAQMYSAFDFNCPCLPGYNAAYSAGILLAPPLVLFLLGLVMNNNVSMLAE
EWKRPPGRRAKDPAVLRYMFCSMAQRALWAPVVWVAVTLLDGKCFLCAFCTAVPVSALGNGSLAPGLPAPELARLLARVP
CPEIYDGDWLLAREVAVRYLRCISQALGWSFVLLTTLLAFVVRSVRPCFTQAAFLKSKYWSHYIDIERKLFDETCTEHAK
AFAKVCIQQFFEAMNHDLELGHTNGTLATAPASAAAPTTPDGAEEEREKLRGITDQGTMNRLLGSAWSHPQFEK
;
_entity_poly.pdbx_strand_id   B,A,C,D,E,F,G,H
#
loop_
_chem_comp.id
_chem_comp.type
_chem_comp.name
_chem_comp.formula
POV non-polymer '(2S)-3-(hexadecanoyloxy)-2-[(9Z)-octadec-9-enoyloxy]propyl 2-(trimethylammonio)ethyl phosphate' 'C42 H82 N O8 P'
R2R non-polymer 'ruthenium(6+) azanide pentaamino(oxido)ruthenium (1/4/2)' 'H28 N14 O2 Ru3'
#
# COMPACT_ATOMS: atom_id res chain seq x y z
N MET A 1 15.12 -8.12 12.91
CA MET A 1 15.37 -9.47 12.41
C MET A 1 14.70 -9.67 11.06
N MET A 2 13.81 -8.74 10.71
CA MET A 2 13.10 -8.82 9.45
C MET A 2 14.02 -8.65 8.25
N ASP A 3 15.23 -8.12 8.46
CA ASP A 3 16.10 -7.76 7.34
C ASP A 3 16.46 -8.98 6.48
N LYS A 4 16.76 -10.11 7.11
CA LYS A 4 17.26 -11.26 6.35
C LYS A 4 16.19 -11.80 5.41
N PHE A 5 14.91 -11.56 5.73
CA PHE A 5 13.82 -12.10 4.94
C PHE A 5 12.98 -11.02 4.27
N ARG A 6 12.89 -9.83 4.86
CA ARG A 6 12.13 -8.74 4.23
C ARG A 6 12.77 -8.33 2.91
N MET A 7 14.07 -8.60 2.76
CA MET A 7 14.76 -8.33 1.50
C MET A 7 14.18 -9.09 0.33
N ILE A 8 14.13 -10.42 0.41
CA ILE A 8 13.50 -11.20 -0.65
C ILE A 8 12.01 -10.91 -0.74
N PHE A 9 11.41 -10.40 0.35
CA PHE A 9 10.00 -10.02 0.35
C PHE A 9 9.67 -9.00 -0.72
N GLN A 10 10.36 -7.85 -0.74
CA GLN A 10 10.17 -6.91 -1.82
C GLN A 10 10.83 -7.40 -3.10
N PHE A 11 11.92 -8.17 -2.98
CA PHE A 11 12.51 -8.81 -4.15
C PHE A 11 11.51 -9.76 -4.80
N LEU A 12 10.81 -10.54 -4.00
CA LEU A 12 9.64 -11.26 -4.49
C LEU A 12 8.62 -10.28 -5.04
N GLN A 13 8.34 -9.23 -4.29
CA GLN A 13 7.47 -8.16 -4.76
C GLN A 13 8.03 -7.45 -5.99
N SER A 14 9.34 -7.57 -6.23
CA SER A 14 9.97 -6.83 -7.32
C SER A 14 9.40 -7.19 -8.68
N ASN A 15 9.58 -8.42 -9.14
CA ASN A 15 9.16 -8.78 -10.49
C ASN A 15 8.81 -10.26 -10.51
N GLN A 16 8.56 -10.77 -11.71
CA GLN A 16 8.19 -12.16 -11.92
C GLN A 16 9.04 -12.76 -13.04
N GLU A 17 10.35 -12.53 -12.97
CA GLU A 17 11.28 -13.02 -13.99
C GLU A 17 12.19 -14.07 -13.38
N SER A 18 12.02 -15.31 -13.81
CA SER A 18 12.83 -16.41 -13.30
C SER A 18 12.66 -17.68 -14.15
N PHE A 19 13.17 -18.79 -13.63
CA PHE A 19 13.07 -20.09 -14.30
C PHE A 19 12.76 -21.16 -13.25
N MET A 20 13.00 -22.43 -13.60
CA MET A 20 12.86 -23.53 -12.66
C MET A 20 13.60 -23.25 -11.35
N ASN A 21 14.80 -22.68 -11.45
CA ASN A 21 15.47 -22.15 -10.25
C ASN A 21 14.63 -21.06 -9.60
N GLY A 22 14.02 -20.19 -10.40
CA GLY A 22 13.05 -19.25 -9.86
C GLY A 22 11.82 -19.96 -9.34
N ILE A 23 11.45 -21.07 -9.97
CA ILE A 23 10.44 -21.95 -9.38
C ILE A 23 10.94 -22.52 -8.06
N CYS A 24 12.23 -22.90 -8.02
CA CYS A 24 12.86 -23.17 -6.74
C CYS A 24 12.91 -21.92 -5.89
N GLY A 25 12.94 -20.74 -6.53
CA GLY A 25 12.81 -19.51 -5.79
C GLY A 25 11.50 -19.41 -5.03
N ILE A 26 10.47 -20.11 -5.52
CA ILE A 26 9.23 -20.19 -4.78
C ILE A 26 9.46 -20.79 -3.40
N MET A 27 10.28 -21.84 -3.33
CA MET A 27 10.53 -22.49 -2.06
C MET A 27 11.69 -21.84 -1.30
N ALA A 28 12.89 -21.85 -1.89
CA ALA A 28 14.09 -21.54 -1.12
C ALA A 28 14.13 -20.10 -0.68
N LEU A 29 13.49 -19.20 -1.42
CA LEU A 29 13.33 -17.83 -0.94
C LEU A 29 12.64 -17.83 0.42
N ALA A 30 11.63 -18.69 0.58
CA ALA A 30 11.11 -18.96 1.91
C ALA A 30 12.19 -19.53 2.82
N SER A 31 13.07 -20.38 2.28
CA SER A 31 14.16 -20.91 3.09
C SER A 31 15.13 -19.80 3.48
N ALA A 32 15.25 -18.78 2.64
CA ALA A 32 15.97 -17.58 3.06
C ALA A 32 15.20 -16.83 4.14
N GLN A 33 13.90 -17.06 4.23
CA GLN A 33 13.06 -16.29 5.13
C GLN A 33 12.59 -17.12 6.32
N MET A 34 12.34 -18.42 6.08
CA MET A 34 11.87 -19.33 7.13
C MET A 34 12.80 -19.31 8.34
N TYR A 35 14.08 -19.05 8.12
CA TYR A 35 14.99 -18.85 9.25
C TYR A 35 14.53 -17.71 10.13
N SER A 36 13.93 -16.68 9.54
CA SER A 36 13.67 -15.44 10.27
C SER A 36 12.69 -15.64 11.42
N ALA A 37 11.55 -16.30 11.16
CA ALA A 37 10.53 -16.47 12.18
C ALA A 37 10.76 -17.67 13.08
N PHE A 38 11.51 -18.67 12.61
CA PHE A 38 11.91 -19.79 13.43
C PHE A 38 13.04 -19.40 14.37
N ASP A 39 12.74 -19.33 15.66
CA ASP A 39 13.67 -18.76 16.64
C ASP A 39 14.85 -19.71 16.82
N PHE A 40 15.82 -19.28 17.62
CA PHE A 40 16.97 -20.10 17.99
C PHE A 40 17.37 -19.75 19.41
N ASN A 41 17.61 -20.77 20.23
CA ASN A 41 17.97 -20.55 21.63
C ASN A 41 18.55 -21.85 22.16
N CYS A 42 19.78 -21.80 22.65
CA CYS A 42 20.47 -23.03 23.00
C CYS A 42 20.35 -23.29 24.49
N PRO A 43 20.45 -24.55 24.89
CA PRO A 43 20.19 -24.94 26.28
C PRO A 43 21.06 -24.25 27.30
N CYS A 44 22.25 -23.80 26.89
CA CYS A 44 23.27 -23.33 27.81
C CYS A 44 23.37 -24.23 29.04
N LEU A 45 23.76 -25.48 28.78
CA LEU A 45 24.07 -26.60 29.63
C LEU A 45 25.41 -27.20 29.22
N PRO A 46 25.98 -28.13 29.98
CA PRO A 46 27.40 -28.45 29.79
C PRO A 46 27.73 -29.24 28.54
N GLY A 47 26.88 -30.17 28.11
CA GLY A 47 27.27 -31.01 27.00
C GLY A 47 26.25 -31.10 25.89
N TYR A 48 25.03 -30.63 26.14
CA TYR A 48 23.97 -30.70 25.16
C TYR A 48 24.23 -29.82 23.96
N ASN A 49 24.95 -28.71 24.13
CA ASN A 49 25.13 -27.74 23.05
C ASN A 49 25.66 -28.41 21.79
N ALA A 50 26.85 -29.02 21.88
CA ALA A 50 27.48 -29.59 20.69
C ALA A 50 26.61 -30.68 20.08
N ALA A 51 25.72 -31.27 20.87
CA ALA A 51 24.66 -32.07 20.27
C ALA A 51 23.65 -31.18 19.57
N TYR A 52 23.13 -30.19 20.26
CA TYR A 52 21.96 -29.48 19.75
C TYR A 52 22.30 -28.67 18.52
N SER A 53 23.45 -28.04 18.47
CA SER A 53 23.74 -27.18 17.35
C SER A 53 23.86 -27.98 16.06
N ALA A 54 24.40 -29.19 16.14
CA ALA A 54 24.49 -30.02 14.95
C ALA A 54 23.11 -30.40 14.45
N GLY A 55 22.09 -30.23 15.28
CA GLY A 55 20.74 -30.44 14.80
C GLY A 55 20.32 -29.41 13.77
N ILE A 56 20.86 -28.20 13.85
CA ILE A 56 20.38 -27.15 12.98
C ILE A 56 21.37 -26.85 11.87
N LEU A 57 22.23 -27.82 11.53
CA LEU A 57 22.95 -27.75 10.27
C LEU A 57 22.81 -29.01 9.44
N LEU A 58 22.05 -30.00 9.87
CA LEU A 58 21.90 -31.23 9.11
C LEU A 58 20.46 -31.63 8.88
N ALA A 59 19.58 -31.45 9.83
CA ALA A 59 18.23 -31.92 9.57
C ALA A 59 17.50 -30.94 8.66
N PRO A 60 17.34 -29.67 9.05
CA PRO A 60 16.59 -28.73 8.22
C PRO A 60 17.19 -28.53 6.84
N PRO A 61 18.49 -28.72 6.66
CA PRO A 61 18.95 -28.84 5.27
C PRO A 61 18.38 -30.04 4.57
N LEU A 62 18.57 -31.23 5.15
CA LEU A 62 18.17 -32.46 4.48
C LEU A 62 16.69 -32.48 4.17
N VAL A 63 15.87 -31.85 5.00
CA VAL A 63 14.45 -31.72 4.69
C VAL A 63 14.26 -30.93 3.41
N LEU A 64 14.90 -29.77 3.31
CA LEU A 64 14.69 -28.96 2.12
C LEU A 64 15.19 -29.65 0.86
N PHE A 65 16.12 -30.60 1.01
CA PHE A 65 16.54 -31.37 -0.15
C PHE A 65 15.44 -32.29 -0.64
N LEU A 66 15.01 -33.23 0.21
CA LEU A 66 13.98 -34.19 -0.17
C LEU A 66 12.68 -33.54 -0.57
N LEU A 67 12.41 -32.33 -0.07
CA LEU A 67 11.22 -31.62 -0.51
C LEU A 67 11.42 -31.04 -1.90
N GLY A 68 12.63 -31.17 -2.45
CA GLY A 68 12.84 -30.75 -3.83
C GLY A 68 12.57 -31.85 -4.82
N LEU A 69 12.96 -33.07 -4.50
CA LEU A 69 12.68 -34.18 -5.41
C LEU A 69 11.18 -34.40 -5.54
N VAL A 70 10.49 -34.58 -4.43
CA VAL A 70 9.06 -34.89 -4.47
C VAL A 70 8.28 -33.73 -5.09
N MET A 71 8.82 -32.52 -5.03
CA MET A 71 8.05 -31.36 -5.47
C MET A 71 7.89 -31.33 -6.98
N ASN A 72 8.88 -31.84 -7.72
CA ASN A 72 8.78 -31.77 -9.17
C ASN A 72 8.18 -33.05 -9.74
N ASN A 73 7.59 -32.93 -10.92
CA ASN A 73 6.71 -33.93 -11.49
C ASN A 73 7.43 -34.89 -12.42
N ASN A 74 8.52 -35.51 -11.94
CA ASN A 74 9.28 -36.42 -12.78
C ASN A 74 9.64 -37.73 -12.11
N VAL A 75 9.71 -37.78 -10.78
CA VAL A 75 10.36 -38.90 -10.10
C VAL A 75 9.64 -40.21 -10.36
N SER A 76 8.33 -40.16 -10.59
CA SER A 76 7.59 -41.38 -10.90
C SER A 76 8.14 -42.05 -12.14
N MET A 77 8.32 -41.27 -13.22
CA MET A 77 8.80 -41.83 -14.48
C MET A 77 10.17 -42.49 -14.31
N LEU A 78 11.02 -41.91 -13.46
CA LEU A 78 12.28 -42.57 -13.13
C LEU A 78 12.04 -43.70 -12.15
N ALA A 79 11.20 -43.47 -11.13
CA ALA A 79 10.93 -44.52 -10.15
C ALA A 79 10.23 -45.70 -10.79
N GLU A 80 9.27 -45.44 -11.70
CA GLU A 80 8.54 -46.53 -12.34
C GLU A 80 9.48 -47.41 -13.17
N GLU A 81 10.30 -46.79 -14.01
CA GLU A 81 11.11 -47.56 -14.95
C GLU A 81 12.38 -48.11 -14.32
N TRP A 82 12.69 -47.74 -13.07
CA TRP A 82 13.83 -48.33 -12.41
C TRP A 82 13.48 -49.66 -11.78
N LYS A 83 12.37 -49.71 -11.04
CA LYS A 83 11.91 -50.96 -10.43
C LYS A 83 11.71 -52.08 -11.45
N ARG A 84 11.30 -51.75 -12.67
CA ARG A 84 11.13 -52.77 -13.69
C ARG A 84 12.48 -53.41 -14.03
N PRO A 85 12.47 -54.56 -14.71
CA PRO A 85 13.72 -55.22 -15.08
C PRO A 85 14.39 -54.52 -16.24
N PRO A 86 15.71 -54.62 -16.36
CA PRO A 86 16.39 -54.14 -17.56
C PRO A 86 15.87 -54.84 -18.81
N GLY A 87 16.08 -54.21 -19.96
CA GLY A 87 15.57 -54.75 -21.21
C GLY A 87 14.18 -54.23 -21.50
N ARG A 88 13.25 -54.48 -20.59
CA ARG A 88 11.91 -53.91 -20.70
C ARG A 88 11.91 -52.40 -20.63
N ARG A 89 12.96 -51.80 -20.07
CA ARG A 89 13.07 -50.34 -19.96
C ARG A 89 12.97 -49.73 -21.35
N ALA A 90 11.95 -48.91 -21.57
CA ALA A 90 11.79 -48.22 -22.85
C ALA A 90 12.77 -47.07 -23.03
N LYS A 91 13.73 -46.91 -22.13
CA LYS A 91 14.68 -45.81 -22.19
C LYS A 91 16.09 -46.31 -21.89
N ASP A 92 17.06 -45.72 -22.58
CA ASP A 92 18.44 -46.08 -22.39
C ASP A 92 18.92 -45.64 -21.01
N PRO A 93 19.92 -46.33 -20.45
CA PRO A 93 20.59 -45.82 -19.25
C PRO A 93 21.04 -44.37 -19.38
N ALA A 94 21.47 -43.95 -20.58
CA ALA A 94 21.93 -42.60 -20.77
C ALA A 94 20.85 -41.59 -20.42
N VAL A 95 19.67 -41.72 -21.04
CA VAL A 95 18.58 -40.81 -20.74
C VAL A 95 18.15 -40.94 -19.28
N LEU A 96 18.27 -42.14 -18.72
CA LEU A 96 18.05 -42.28 -17.30
C LEU A 96 19.11 -41.51 -16.51
N ARG A 97 20.39 -41.82 -16.74
CA ARG A 97 21.45 -41.22 -15.95
C ARG A 97 21.45 -39.71 -16.03
N TYR A 98 21.25 -39.16 -17.23
CA TYR A 98 21.14 -37.71 -17.34
C TYR A 98 19.94 -37.21 -16.59
N MET A 99 18.74 -37.64 -17.00
CA MET A 99 17.51 -37.12 -16.42
C MET A 99 17.45 -37.28 -14.91
N PHE A 100 18.06 -38.33 -14.37
CA PHE A 100 18.19 -38.43 -12.93
C PHE A 100 19.15 -37.39 -12.36
N CYS A 101 20.25 -37.12 -13.02
CA CYS A 101 21.19 -36.10 -12.56
C CYS A 101 20.66 -34.70 -12.70
N SER A 102 19.74 -34.46 -13.64
CA SER A 102 19.18 -33.13 -13.78
C SER A 102 18.07 -32.88 -12.76
N MET A 103 17.92 -33.78 -11.80
CA MET A 103 17.04 -33.49 -10.68
C MET A 103 17.82 -32.92 -9.51
N ALA A 104 19.03 -33.43 -9.29
CA ALA A 104 19.87 -32.92 -8.21
C ALA A 104 20.18 -31.45 -8.39
N GLN A 105 20.70 -31.06 -9.55
CA GLN A 105 21.20 -29.70 -9.74
C GLN A 105 20.07 -28.68 -9.80
N ARG A 106 18.82 -29.13 -9.70
CA ARG A 106 17.74 -28.18 -9.48
C ARG A 106 17.29 -28.21 -8.03
N ALA A 107 17.67 -29.25 -7.30
CA ALA A 107 17.28 -29.35 -5.89
C ALA A 107 18.31 -28.69 -4.98
N LEU A 108 19.58 -28.71 -5.39
CA LEU A 108 20.66 -28.23 -4.53
C LEU A 108 20.64 -26.72 -4.33
N TRP A 109 19.66 -26.00 -4.87
CA TRP A 109 19.65 -24.55 -4.69
C TRP A 109 19.08 -24.16 -3.34
N ALA A 110 18.29 -25.03 -2.72
CA ALA A 110 17.83 -24.75 -1.37
C ALA A 110 18.85 -25.11 -0.30
N PRO A 111 19.47 -26.30 -0.31
CA PRO A 111 20.30 -26.67 0.85
C PRO A 111 21.70 -26.09 0.82
N VAL A 112 21.94 -25.05 0.05
CA VAL A 112 23.21 -24.35 0.18
C VAL A 112 22.95 -22.93 0.65
N VAL A 113 21.76 -22.42 0.39
CA VAL A 113 21.39 -21.12 0.92
C VAL A 113 21.05 -21.24 2.40
N TRP A 114 20.65 -22.41 2.85
CA TRP A 114 20.31 -22.56 4.26
C TRP A 114 21.49 -23.13 5.03
N VAL A 115 22.68 -23.12 4.45
CA VAL A 115 23.87 -23.38 5.25
C VAL A 115 24.75 -22.15 5.28
N ALA A 116 24.66 -21.31 4.26
CA ALA A 116 25.24 -19.99 4.38
C ALA A 116 24.49 -19.17 5.41
N VAL A 117 23.19 -18.99 5.24
CA VAL A 117 22.47 -17.98 6.00
C VAL A 117 22.19 -18.42 7.43
N THR A 118 22.72 -19.56 7.85
CA THR A 118 22.85 -19.81 9.28
C THR A 118 24.28 -20.01 9.70
N LEU A 119 25.22 -19.53 8.92
CA LEU A 119 26.56 -19.27 9.42
C LEU A 119 26.85 -17.78 9.53
N LEU A 120 26.36 -16.97 8.60
CA LEU A 120 26.72 -15.56 8.60
C LEU A 120 26.16 -14.83 9.81
N ASP A 121 25.15 -15.39 10.46
CA ASP A 121 24.67 -14.74 11.66
C ASP A 121 25.19 -15.44 12.91
N GLY A 122 25.96 -16.51 12.74
CA GLY A 122 26.78 -17.01 13.81
C GLY A 122 26.07 -17.67 14.97
N LYS A 123 24.76 -17.43 15.14
CA LYS A 123 24.04 -18.01 16.26
C LYS A 123 24.20 -19.52 16.28
N CYS A 124 24.10 -20.15 15.12
CA CYS A 124 24.26 -21.59 15.04
C CYS A 124 25.66 -22.02 15.48
N PHE A 125 26.65 -21.14 15.28
CA PHE A 125 28.01 -21.53 15.61
C PHE A 125 28.35 -21.17 17.05
N LEU A 126 27.71 -20.15 17.59
CA LEU A 126 28.06 -19.66 18.91
C LEU A 126 27.79 -20.72 19.98
N CYS A 127 26.60 -21.31 19.96
CA CYS A 127 26.26 -22.31 20.95
C CYS A 127 26.91 -23.65 20.69
N ALA A 128 27.88 -23.72 19.79
CA ALA A 128 28.43 -25.01 19.43
C ALA A 128 29.89 -25.14 19.83
N PHE A 129 30.57 -24.04 20.10
CA PHE A 129 31.97 -24.12 20.47
C PHE A 129 32.32 -23.17 21.59
N CYS A 130 31.31 -22.67 22.29
CA CYS A 130 31.62 -21.81 23.41
C CYS A 130 32.30 -22.56 24.54
N THR A 131 32.10 -23.87 24.65
CA THR A 131 32.69 -24.63 25.74
C THR A 131 34.20 -24.61 25.72
N ALA A 132 34.81 -24.40 24.55
CA ALA A 132 36.26 -24.32 24.45
C ALA A 132 36.69 -23.03 23.78
N VAL A 133 36.78 -21.99 24.61
CA VAL A 133 37.37 -20.72 24.25
C VAL A 133 38.68 -20.60 25.02
N PRO A 134 39.73 -20.06 24.43
CA PRO A 134 40.95 -19.85 25.23
C PRO A 134 40.72 -18.67 26.15
N VAL A 135 40.47 -18.97 27.43
CA VAL A 135 40.08 -17.94 28.38
C VAL A 135 41.25 -17.04 28.72
N SER A 136 42.47 -17.58 28.64
CA SER A 136 43.66 -16.77 28.87
C SER A 136 43.84 -15.68 27.82
N ALA A 137 43.26 -15.84 26.63
CA ALA A 137 43.44 -14.90 25.54
C ALA A 137 42.46 -13.75 25.73
N LEU A 138 43.00 -12.57 26.02
CA LEU A 138 42.18 -11.38 26.28
C LEU A 138 41.27 -11.63 27.49
N GLY A 139 41.91 -11.87 28.63
CA GLY A 139 41.18 -12.28 29.81
C GLY A 139 41.20 -11.33 30.98
N ASN A 140 41.58 -10.07 30.75
CA ASN A 140 41.51 -9.02 31.76
C ASN A 140 42.31 -9.40 33.01
N GLY A 141 43.64 -9.48 32.83
CA GLY A 141 44.54 -9.93 33.88
C GLY A 141 44.23 -11.39 34.21
N SER A 142 44.44 -12.30 33.26
CA SER A 142 44.05 -13.70 33.47
C SER A 142 45.09 -14.50 34.26
N LEU A 143 44.92 -15.82 34.28
CA LEU A 143 45.78 -16.69 35.03
C LEU A 143 45.07 -17.89 35.63
N ALA A 144 43.73 -17.96 35.42
CA ALA A 144 42.92 -19.06 35.90
C ALA A 144 43.10 -19.25 37.40
N PRO A 145 42.50 -18.39 38.23
CA PRO A 145 42.81 -18.43 39.66
C PRO A 145 42.32 -19.69 40.33
N GLY A 146 43.05 -20.79 40.11
CA GLY A 146 42.73 -22.06 40.73
C GLY A 146 41.45 -22.70 40.27
N LEU A 147 40.92 -22.28 39.12
CA LEU A 147 39.62 -22.76 38.68
C LEU A 147 39.72 -24.22 38.27
N PRO A 148 38.75 -25.06 38.60
CA PRO A 148 38.82 -26.47 38.21
C PRO A 148 38.27 -26.69 36.81
N ALA A 149 38.28 -27.94 36.33
CA ALA A 149 37.65 -28.22 35.06
C ALA A 149 36.14 -28.23 35.17
N PRO A 150 35.52 -29.08 35.99
CA PRO A 150 34.08 -28.95 36.22
C PRO A 150 33.81 -27.67 37.00
N GLU A 151 32.57 -27.21 36.94
CA GLU A 151 32.18 -25.93 37.51
C GLU A 151 32.89 -24.76 36.84
N LEU A 152 33.43 -25.00 35.68
CA LEU A 152 33.89 -23.99 34.74
C LEU A 152 33.26 -24.18 33.37
N ALA A 153 33.10 -25.43 32.94
CA ALA A 153 32.25 -25.70 31.80
C ALA A 153 30.86 -25.14 32.03
N ARG A 154 30.33 -25.28 33.25
CA ARG A 154 29.07 -24.64 33.57
C ARG A 154 29.23 -23.15 33.75
N LEU A 155 30.47 -22.66 33.76
CA LEU A 155 30.69 -21.22 33.78
C LEU A 155 30.79 -20.66 32.37
N LEU A 156 31.62 -21.28 31.54
CA LEU A 156 31.69 -20.84 30.15
C LEU A 156 30.38 -21.03 29.43
N ALA A 157 29.74 -22.18 29.61
CA ALA A 157 28.70 -22.60 28.68
C ALA A 157 27.50 -21.69 28.68
N ARG A 158 27.34 -20.83 29.66
CA ARG A 158 26.18 -19.98 29.65
C ARG A 158 26.29 -18.83 28.66
N VAL A 159 27.45 -18.65 28.04
CA VAL A 159 27.79 -17.37 27.40
C VAL A 159 26.71 -16.84 26.46
N PRO A 160 26.05 -17.65 25.64
CA PRO A 160 25.01 -17.08 24.78
C PRO A 160 23.78 -16.65 25.55
N CYS A 161 23.41 -17.36 26.61
CA CYS A 161 22.22 -16.97 27.33
C CYS A 161 22.50 -15.70 28.11
N PRO A 162 22.05 -14.53 27.64
CA PRO A 162 22.58 -13.27 28.18
C PRO A 162 22.24 -13.01 29.65
N GLU A 163 20.96 -12.97 30.00
CA GLU A 163 20.59 -12.50 31.32
C GLU A 163 20.98 -13.50 32.40
N ILE A 164 21.28 -14.73 32.04
CA ILE A 164 21.68 -15.72 33.02
C ILE A 164 23.19 -15.93 33.07
N TYR A 165 23.96 -14.99 32.55
CA TYR A 165 25.41 -15.14 32.61
C TYR A 165 25.91 -15.01 34.03
N ASP A 166 26.88 -15.85 34.40
CA ASP A 166 27.40 -15.83 35.77
C ASP A 166 28.08 -14.51 36.09
N GLY A 167 29.20 -14.21 35.44
CA GLY A 167 29.94 -13.01 35.81
C GLY A 167 31.33 -12.83 35.23
N ASP A 168 32.06 -11.88 35.79
CA ASP A 168 33.29 -11.38 35.21
C ASP A 168 34.49 -12.29 35.41
N TRP A 169 34.31 -13.45 36.02
CA TRP A 169 35.45 -14.30 36.33
C TRP A 169 36.12 -14.75 35.05
N LEU A 170 37.28 -14.18 34.77
CA LEU A 170 38.08 -14.60 33.64
C LEU A 170 37.35 -14.34 32.33
N LEU A 171 36.39 -13.44 32.33
CA LEU A 171 35.73 -13.12 31.08
C LEU A 171 34.76 -11.96 31.29
N ALA A 172 34.62 -11.15 30.27
CA ALA A 172 33.45 -10.30 30.11
C ALA A 172 32.54 -11.00 29.13
N ARG A 173 31.35 -10.46 28.91
CA ARG A 173 30.50 -11.06 27.90
C ARG A 173 30.87 -10.57 26.51
N GLU A 174 31.08 -9.28 26.35
CA GLU A 174 31.24 -8.75 25.01
C GLU A 174 32.63 -8.95 24.45
N VAL A 175 33.41 -9.88 24.98
CA VAL A 175 34.66 -10.26 24.35
C VAL A 175 34.71 -11.76 24.09
N ALA A 176 33.85 -12.53 24.73
CA ALA A 176 33.72 -13.94 24.37
C ALA A 176 32.77 -14.11 23.19
N VAL A 177 31.68 -13.38 23.19
CA VAL A 177 30.94 -13.14 21.97
C VAL A 177 31.72 -12.04 21.29
N ARG A 178 31.43 -11.77 20.01
CA ARG A 178 32.18 -10.80 19.23
C ARG A 178 33.63 -11.21 19.07
N TYR A 179 33.92 -12.47 19.31
CA TYR A 179 35.12 -13.11 18.82
C TYR A 179 34.82 -14.49 18.29
N LEU A 180 33.63 -15.02 18.62
CA LEU A 180 33.12 -16.20 17.95
C LEU A 180 32.16 -15.84 16.85
N ARG A 181 31.76 -14.58 16.75
CA ARG A 181 31.02 -14.19 15.56
C ARG A 181 31.96 -13.64 14.50
N CYS A 182 33.24 -13.50 14.83
CA CYS A 182 34.21 -13.24 13.79
C CYS A 182 34.60 -14.51 13.06
N ILE A 183 35.11 -15.50 13.80
CA ILE A 183 35.53 -16.77 13.19
C ILE A 183 34.41 -17.37 12.37
N SER A 184 33.17 -17.27 12.84
CA SER A 184 32.05 -17.80 12.08
C SER A 184 31.93 -17.13 10.73
N GLN A 185 31.87 -15.81 10.71
CA GLN A 185 31.67 -15.12 9.44
C GLN A 185 32.85 -15.30 8.50
N ALA A 186 33.95 -15.90 8.97
CA ALA A 186 35.02 -16.24 8.05
C ALA A 186 34.68 -17.52 7.28
N LEU A 187 34.10 -18.50 7.95
CA LEU A 187 33.69 -19.69 7.23
C LEU A 187 32.59 -19.34 6.23
N GLY A 188 31.68 -18.46 6.62
CA GLY A 188 30.53 -18.16 5.78
C GLY A 188 30.92 -17.62 4.43
N TRP A 189 32.01 -16.86 4.36
CA TRP A 189 32.49 -16.42 3.06
C TRP A 189 33.38 -17.46 2.42
N SER A 190 34.32 -18.03 3.18
CA SER A 190 35.21 -19.02 2.62
C SER A 190 34.48 -20.33 2.34
N PHE A 191 33.20 -20.42 2.69
CA PHE A 191 32.39 -21.51 2.22
C PHE A 191 31.66 -21.13 0.93
N VAL A 192 30.89 -20.04 0.96
CA VAL A 192 30.09 -19.67 -0.21
C VAL A 192 30.99 -19.39 -1.40
N LEU A 193 32.22 -18.95 -1.16
CA LEU A 193 33.17 -18.83 -2.25
C LEU A 193 33.41 -20.18 -2.92
N LEU A 194 33.82 -21.18 -2.13
CA LEU A 194 34.15 -22.49 -2.69
C LEU A 194 32.99 -23.10 -3.45
N THR A 195 31.77 -22.96 -2.94
CA THR A 195 30.63 -23.54 -3.63
C THR A 195 30.40 -22.88 -4.99
N THR A 196 30.34 -21.55 -5.02
CA THR A 196 30.06 -20.89 -6.29
C THR A 196 31.16 -21.15 -7.29
N LEU A 197 32.41 -21.19 -6.85
CA LEU A 197 33.49 -21.57 -7.74
C LEU A 197 33.29 -22.98 -8.27
N LEU A 198 32.71 -23.86 -7.45
CA LEU A 198 32.41 -25.21 -7.93
C LEU A 198 31.16 -25.24 -8.77
N ALA A 199 30.37 -24.16 -8.74
CA ALA A 199 29.30 -24.02 -9.72
C ALA A 199 29.87 -23.69 -11.08
N PHE A 200 31.08 -23.15 -11.11
CA PHE A 200 31.72 -22.80 -12.37
C PHE A 200 32.05 -24.04 -13.18
N VAL A 201 32.89 -24.80 -12.53
CA VAL A 201 33.40 -25.96 -13.10
C VAL A 201 32.32 -26.80 -13.60
N VAL A 202 31.22 -26.97 -12.90
CA VAL A 202 30.27 -27.95 -13.42
C VAL A 202 29.71 -27.66 -14.77
N ARG A 203 29.24 -26.43 -14.95
CA ARG A 203 28.68 -26.08 -16.21
C ARG A 203 29.76 -26.08 -17.22
N SER A 204 30.85 -25.43 -16.82
CA SER A 204 31.93 -25.27 -17.74
C SER A 204 32.58 -26.50 -18.23
N VAL A 205 32.52 -27.62 -17.53
CA VAL A 205 33.05 -28.73 -18.20
C VAL A 205 32.07 -29.61 -18.80
N ARG A 206 31.08 -30.14 -18.09
CA ARG A 206 30.71 -31.44 -18.78
C ARG A 206 29.61 -32.41 -18.31
N PRO A 207 30.02 -33.44 -17.41
CA PRO A 207 29.19 -34.47 -16.78
C PRO A 207 27.83 -34.69 -17.41
N CYS A 208 27.81 -35.48 -18.49
CA CYS A 208 26.59 -35.96 -19.13
C CYS A 208 25.85 -34.86 -19.87
N PHE A 209 26.60 -34.08 -20.64
CA PHE A 209 26.03 -33.05 -21.51
C PHE A 209 25.97 -33.50 -22.96
N THR A 210 26.07 -34.80 -23.21
CA THR A 210 26.18 -35.34 -24.57
C THR A 210 25.01 -34.89 -25.44
N GLN A 211 25.35 -34.42 -26.65
CA GLN A 211 24.33 -33.91 -27.55
C GLN A 211 23.32 -34.98 -27.92
N ALA A 212 23.75 -36.24 -27.89
CA ALA A 212 22.83 -37.33 -28.20
C ALA A 212 21.68 -37.37 -27.22
N ALA A 213 21.98 -37.59 -25.94
CA ALA A 213 20.93 -37.97 -25.01
C ALA A 213 20.12 -36.76 -24.57
N PHE A 214 20.74 -35.57 -24.59
CA PHE A 214 19.98 -34.36 -24.30
C PHE A 214 18.82 -34.23 -25.27
N LEU A 215 19.05 -34.58 -26.53
CA LEU A 215 17.99 -34.50 -27.52
C LEU A 215 16.84 -35.44 -27.18
N LYS A 216 17.15 -36.72 -26.99
CA LYS A 216 16.11 -37.71 -26.73
C LYS A 216 15.29 -37.32 -25.51
N SER A 217 15.94 -36.77 -24.49
CA SER A 217 15.22 -36.39 -23.28
C SER A 217 14.17 -35.33 -23.56
N LYS A 218 14.62 -34.15 -23.96
CA LYS A 218 13.70 -33.02 -24.11
C LYS A 218 12.60 -33.33 -25.11
N TYR A 219 12.89 -34.15 -26.10
CA TYR A 219 11.83 -34.68 -26.95
C TYR A 219 10.83 -35.45 -26.13
N TRP A 220 11.30 -36.36 -25.29
CA TRP A 220 10.42 -37.24 -24.55
C TRP A 220 9.53 -36.46 -23.59
N SER A 221 10.14 -35.65 -22.73
CA SER A 221 9.36 -34.88 -21.77
C SER A 221 8.40 -33.93 -22.48
N HIS A 222 8.77 -33.48 -23.68
CA HIS A 222 7.83 -32.70 -24.46
C HIS A 222 6.65 -33.56 -24.90
N TYR A 223 6.89 -34.86 -25.06
CA TYR A 223 5.86 -35.73 -25.61
C TYR A 223 4.79 -36.04 -24.57
N ILE A 224 5.18 -36.16 -23.31
CA ILE A 224 4.22 -36.46 -22.26
C ILE A 224 3.19 -35.34 -22.15
N ASP A 225 3.60 -34.11 -22.44
CA ASP A 225 2.68 -32.98 -22.34
C ASP A 225 1.52 -33.16 -23.31
N ILE A 226 1.82 -33.36 -24.60
CA ILE A 226 0.77 -33.45 -25.60
C ILE A 226 -0.13 -34.64 -25.34
N GLU A 227 0.41 -35.71 -24.76
CA GLU A 227 -0.40 -36.88 -24.49
C GLU A 227 -1.49 -36.56 -23.49
N ARG A 228 -1.12 -35.98 -22.35
CA ARG A 228 -2.12 -35.66 -21.33
C ARG A 228 -3.11 -34.63 -21.84
N LYS A 229 -2.61 -33.55 -22.46
CA LYS A 229 -3.50 -32.49 -22.92
C LYS A 229 -4.48 -33.00 -23.96
N LEU A 230 -4.05 -33.95 -24.79
CA LEU A 230 -4.91 -34.41 -25.87
C LEU A 230 -5.92 -35.44 -25.43
N PHE A 231 -5.64 -36.21 -24.37
CA PHE A 231 -6.57 -37.24 -23.95
C PHE A 231 -7.90 -36.63 -23.52
N ASP A 232 -7.85 -35.48 -22.86
CA ASP A 232 -9.07 -34.82 -22.41
C ASP A 232 -9.99 -34.48 -23.56
N GLU A 233 -9.44 -34.19 -24.73
CA GLU A 233 -10.26 -33.85 -25.88
C GLU A 233 -11.20 -35.00 -26.24
N THR A 234 -10.66 -36.21 -26.39
CA THR A 234 -11.49 -37.34 -26.79
C THR A 234 -12.56 -37.63 -25.74
N CYS A 235 -12.23 -37.47 -24.47
CA CYS A 235 -13.20 -37.72 -23.40
C CYS A 235 -14.38 -36.78 -23.52
N THR A 236 -14.13 -35.47 -23.39
CA THR A 236 -15.20 -34.49 -23.49
C THR A 236 -15.94 -34.62 -24.81
N GLU A 237 -15.22 -34.94 -25.88
CA GLU A 237 -15.89 -35.23 -27.14
C GLU A 237 -16.75 -36.47 -27.02
N HIS A 238 -16.13 -37.61 -26.68
CA HIS A 238 -16.88 -38.86 -26.65
C HIS A 238 -18.00 -38.84 -25.61
N ALA A 239 -17.84 -38.03 -24.56
CA ALA A 239 -18.89 -37.94 -23.57
C ALA A 239 -20.09 -37.13 -24.06
N LYS A 240 -19.82 -36.06 -24.80
CA LYS A 240 -20.88 -35.15 -25.24
C LYS A 240 -21.95 -35.90 -26.03
N ALA A 241 -21.52 -36.83 -26.89
CA ALA A 241 -22.50 -37.64 -27.61
C ALA A 241 -23.30 -38.54 -26.67
N PHE A 242 -22.78 -38.82 -25.49
CA PHE A 242 -23.44 -39.76 -24.59
C PHE A 242 -24.44 -39.10 -23.65
N ALA A 243 -24.23 -37.84 -23.27
CA ALA A 243 -25.14 -37.20 -22.33
C ALA A 243 -26.51 -36.98 -22.94
N LYS A 244 -26.58 -36.73 -24.25
CA LYS A 244 -27.83 -36.34 -24.88
C LYS A 244 -28.90 -37.41 -24.73
N VAL A 245 -28.49 -38.68 -24.65
CA VAL A 245 -29.49 -39.73 -24.51
C VAL A 245 -30.18 -39.67 -23.15
N CYS A 246 -29.45 -39.32 -22.09
CA CYS A 246 -30.04 -39.39 -20.77
C CYS A 246 -30.70 -38.08 -20.35
N ILE A 247 -30.02 -36.95 -20.57
CA ILE A 247 -30.55 -35.65 -20.14
C ILE A 247 -31.92 -35.40 -20.72
N GLN A 248 -32.15 -35.83 -21.96
CA GLN A 248 -33.47 -35.69 -22.55
C GLN A 248 -34.51 -36.48 -21.77
N GLN A 249 -34.09 -37.57 -21.12
CA GLN A 249 -35.07 -38.39 -20.40
C GLN A 249 -35.61 -37.65 -19.19
N PHE A 250 -34.78 -36.83 -18.55
CA PHE A 250 -35.26 -36.01 -17.44
C PHE A 250 -36.38 -35.08 -17.90
N PHE A 251 -36.15 -34.37 -18.99
CA PHE A 251 -37.23 -33.71 -19.67
C PHE A 251 -38.23 -34.76 -20.18
N GLU A 252 -39.49 -34.35 -20.30
CA GLU A 252 -40.53 -35.21 -20.85
C GLU A 252 -40.78 -36.44 -19.98
N ALA A 253 -40.24 -36.44 -18.77
CA ALA A 253 -40.27 -37.62 -17.93
C ALA A 253 -40.70 -37.32 -16.53
N MET A 254 -40.81 -36.03 -16.19
CA MET A 254 -41.34 -35.66 -14.89
C MET A 254 -42.87 -35.50 -14.95
N ASN A 255 -43.34 -34.62 -15.83
CA ASN A 255 -44.76 -34.47 -16.09
C ASN A 255 -45.07 -34.25 -17.56
N HIS A 256 -44.05 -34.11 -18.41
CA HIS A 256 -44.21 -33.74 -19.82
C HIS A 256 -44.83 -32.36 -19.97
N ASP A 257 -44.83 -31.57 -18.90
CA ASP A 257 -45.41 -30.24 -18.89
C ASP A 257 -45.23 -29.67 -17.50
N LEU A 258 -45.71 -28.45 -17.33
CA LEU A 258 -45.74 -27.79 -16.02
C LEU A 258 -47.19 -27.52 -15.64
N GLU A 259 -47.49 -27.69 -14.37
CA GLU A 259 -48.80 -27.35 -13.84
C GLU A 259 -49.02 -25.85 -13.78
N LEU A 260 -47.96 -25.05 -13.87
CA LEU A 260 -48.04 -23.61 -13.79
C LEU A 260 -48.58 -22.97 -15.08
N GLY A 261 -49.02 -23.78 -16.04
CA GLY A 261 -49.63 -23.24 -17.24
C GLY A 261 -50.88 -22.44 -16.89
N HIS A 262 -50.86 -21.16 -17.24
CA HIS A 262 -51.99 -20.27 -16.93
C HIS A 262 -52.98 -20.27 -18.08
N MET B 1 4.70 -11.91 17.25
CA MET B 1 4.01 -13.18 17.04
C MET B 1 3.47 -13.26 15.62
N MET B 2 3.47 -12.12 14.93
CA MET B 2 2.99 -12.08 13.55
C MET B 2 3.87 -12.88 12.60
N ASP B 3 5.11 -13.20 13.00
CA ASP B 3 6.06 -13.80 12.08
C ASP B 3 5.58 -15.14 11.53
N LYS B 4 4.98 -15.98 12.39
CA LYS B 4 4.63 -17.33 11.96
C LYS B 4 3.54 -17.30 10.89
N PHE B 5 2.75 -16.24 10.85
CA PHE B 5 1.63 -16.14 9.92
C PHE B 5 1.79 -15.01 8.91
N ARG B 6 2.48 -13.93 9.27
CA ARG B 6 2.70 -12.85 8.32
C ARG B 6 3.55 -13.32 7.13
N MET B 7 4.33 -14.38 7.34
CA MET B 7 5.12 -14.97 6.26
C MET B 7 4.25 -15.48 5.12
N ILE B 8 3.31 -16.38 5.39
CA ILE B 8 2.41 -16.83 4.35
C ILE B 8 1.51 -15.70 3.86
N PHE B 9 1.33 -14.66 4.68
CA PHE B 9 0.56 -13.48 4.29
C PHE B 9 1.08 -12.84 3.02
N GLN B 10 2.36 -12.44 2.99
CA GLN B 10 2.94 -11.94 1.75
C GLN B 10 3.18 -13.07 0.76
N PHE B 11 3.45 -14.28 1.26
CA PHE B 11 3.53 -15.45 0.38
C PHE B 11 2.22 -15.68 -0.33
N LEU B 12 1.11 -15.57 0.40
CA LEU B 12 -0.19 -15.49 -0.24
C LEU B 12 -0.25 -14.27 -1.17
N GLN B 13 0.20 -13.13 -0.68
CA GLN B 13 0.32 -11.94 -1.51
C GLN B 13 1.30 -12.12 -2.66
N SER B 14 2.19 -13.11 -2.56
CA SER B 14 3.23 -13.28 -3.58
C SER B 14 2.68 -13.55 -4.96
N ASN B 15 2.01 -14.68 -5.16
CA ASN B 15 1.55 -15.04 -6.50
C ASN B 15 0.30 -15.90 -6.37
N GLN B 16 -0.14 -16.43 -7.50
CA GLN B 16 -1.34 -17.26 -7.57
C GLN B 16 -1.03 -18.54 -8.35
N GLU B 17 0.08 -19.19 -8.00
CA GLU B 17 0.50 -20.41 -8.68
C GLU B 17 0.42 -21.58 -7.71
N SER B 18 -0.52 -22.49 -7.98
CA SER B 18 -0.69 -23.65 -7.12
C SER B 18 -1.62 -24.69 -7.77
N PHE B 19 -2.04 -25.67 -6.98
CA PHE B 19 -2.93 -26.73 -7.44
C PHE B 19 -3.95 -27.03 -6.34
N MET B 20 -4.61 -28.19 -6.42
CA MET B 20 -5.52 -28.64 -5.38
C MET B 20 -4.89 -28.53 -3.99
N ASN B 21 -3.61 -28.92 -3.89
CA ASN B 21 -2.85 -28.63 -2.67
C ASN B 21 -2.77 -27.13 -2.41
N GLY B 22 -2.57 -26.33 -3.47
CA GLY B 22 -2.69 -24.89 -3.32
C GLY B 22 -4.12 -24.48 -3.00
N ILE B 23 -5.10 -25.22 -3.52
CA ILE B 23 -6.47 -25.05 -3.06
C ILE B 23 -6.58 -25.42 -1.59
N CYS B 24 -5.90 -26.49 -1.18
CA CYS B 24 -5.71 -26.75 0.24
C CYS B 24 -4.89 -25.64 0.87
N GLY B 25 -4.02 -24.99 0.07
CA GLY B 25 -3.34 -23.80 0.56
C GLY B 25 -4.28 -22.70 0.96
N ILE B 26 -5.49 -22.68 0.36
CA ILE B 26 -6.50 -21.74 0.79
C ILE B 26 -6.84 -21.94 2.26
N MET B 27 -6.94 -23.21 2.68
CA MET B 27 -7.29 -23.49 4.06
C MET B 27 -6.07 -23.54 4.96
N ALA B 28 -5.14 -24.47 4.68
CA ALA B 28 -4.11 -24.80 5.66
C ALA B 28 -3.13 -23.65 5.87
N LEU B 29 -2.94 -22.80 4.86
CA LEU B 29 -2.18 -21.58 5.07
C LEU B 29 -2.78 -20.78 6.22
N ALA B 30 -4.11 -20.71 6.26
CA ALA B 30 -4.78 -20.21 7.45
C ALA B 30 -4.42 -21.05 8.67
N SER B 31 -4.32 -22.38 8.49
CA SER B 31 -3.93 -23.23 9.61
C SER B 31 -2.50 -22.94 10.04
N ALA B 32 -1.65 -22.50 9.10
CA ALA B 32 -0.35 -21.98 9.50
C ALA B 32 -0.48 -20.66 10.23
N GLN B 33 -1.61 -19.98 10.04
CA GLN B 33 -1.76 -18.63 10.58
C GLN B 33 -2.76 -18.61 11.74
N MET B 34 -3.80 -19.46 11.66
CA MET B 34 -4.83 -19.51 12.69
C MET B 34 -4.23 -19.75 14.07
N TYR B 35 -3.09 -20.44 14.13
CA TYR B 35 -2.37 -20.57 15.39
C TYR B 35 -2.00 -19.21 15.95
N SER B 36 -1.70 -18.25 15.07
CA SER B 36 -1.11 -16.99 15.52
C SER B 36 -2.05 -16.19 16.42
N ALA B 37 -3.31 -16.01 16.00
CA ALA B 37 -4.25 -15.20 16.76
C ALA B 37 -4.95 -15.97 17.87
N PHE B 38 -5.05 -17.30 17.76
CA PHE B 38 -5.57 -18.14 18.82
C PHE B 38 -4.54 -18.31 19.92
N ASP B 39 -4.80 -17.72 21.08
CA ASP B 39 -3.82 -17.63 22.14
C ASP B 39 -3.60 -19.00 22.75
N PHE B 40 -2.66 -19.10 23.68
CA PHE B 40 -2.39 -20.32 24.43
C PHE B 40 -1.96 -19.93 25.84
N ASN B 41 -2.54 -20.58 26.84
CA ASN B 41 -2.22 -20.27 28.24
C ASN B 41 -2.70 -21.44 29.08
N CYS B 42 -1.80 -22.05 29.84
CA CYS B 42 -2.16 -23.26 30.53
C CYS B 42 -2.53 -22.98 31.97
N PRO B 43 -3.33 -23.84 32.58
CA PRO B 43 -3.88 -23.56 33.91
C PRO B 43 -2.84 -23.34 34.98
N CYS B 44 -1.64 -23.87 34.80
CA CYS B 44 -0.64 -23.94 35.86
C CYS B 44 -1.26 -24.31 37.20
N LEU B 45 -1.80 -25.52 37.23
CA LEU B 45 -2.40 -26.30 38.30
C LEU B 45 -1.78 -27.70 38.32
N PRO B 46 -2.04 -28.53 39.33
CA PRO B 46 -1.20 -29.72 39.54
C PRO B 46 -1.41 -30.84 38.54
N GLY B 47 -2.62 -31.09 38.07
CA GLY B 47 -2.84 -32.24 37.24
C GLY B 47 -3.56 -31.96 35.95
N TYR B 48 -4.15 -30.79 35.82
CA TYR B 48 -4.91 -30.43 34.64
C TYR B 48 -4.04 -30.29 33.41
N ASN B 49 -2.77 -29.91 33.57
CA ASN B 49 -1.92 -29.62 32.43
C ASN B 49 -1.88 -30.78 31.45
N ALA B 50 -1.42 -31.95 31.91
CA ALA B 50 -1.27 -33.09 31.02
C ALA B 50 -2.60 -33.50 30.40
N ALA B 51 -3.70 -33.14 31.03
CA ALA B 51 -4.98 -33.21 30.33
C ALA B 51 -5.07 -32.12 29.28
N TYR B 52 -4.84 -30.88 29.67
CA TYR B 52 -5.18 -29.77 28.78
C TYR B 52 -4.30 -29.74 27.56
N SER B 53 -3.01 -30.03 27.69
CA SER B 53 -2.15 -29.90 26.54
C SER B 53 -2.52 -30.90 25.46
N ALA B 54 -2.92 -32.10 25.86
CA ALA B 54 -3.34 -33.09 24.87
C ALA B 54 -4.57 -32.63 24.12
N GLY B 55 -5.26 -31.62 24.64
CA GLY B 55 -6.36 -31.04 23.90
C GLY B 55 -5.91 -30.32 22.65
N ILE B 56 -4.70 -29.78 22.67
CA ILE B 56 -4.28 -28.95 21.55
C ILE B 56 -3.27 -29.68 20.67
N LEU B 57 -3.27 -31.00 20.71
CA LEU B 57 -2.61 -31.76 19.66
C LEU B 57 -3.49 -32.81 19.03
N LEU B 58 -4.75 -32.92 19.42
CA LEU B 58 -5.64 -33.93 18.85
C LEU B 58 -6.95 -33.37 18.35
N ALA B 59 -7.55 -32.41 19.02
CA ALA B 59 -8.83 -31.97 18.52
C ALA B 59 -8.63 -31.04 17.32
N PRO B 60 -7.94 -29.92 17.46
CA PRO B 60 -7.79 -28.99 16.34
C PRO B 60 -7.11 -29.61 15.13
N PRO B 61 -6.29 -30.63 15.29
CA PRO B 61 -5.92 -31.39 14.08
C PRO B 61 -7.09 -32.09 13.47
N LEU B 62 -7.80 -32.89 14.25
CA LEU B 62 -8.87 -33.72 13.71
C LEU B 62 -9.97 -32.88 13.07
N VAL B 63 -10.19 -31.67 13.57
CA VAL B 63 -11.12 -30.77 12.92
C VAL B 63 -10.65 -30.43 11.52
N LEU B 64 -9.38 -30.03 11.39
CA LEU B 64 -8.90 -29.63 10.07
C LEU B 64 -8.91 -30.79 9.09
N PHE B 65 -8.88 -32.02 9.60
CA PHE B 65 -9.01 -33.17 8.72
C PHE B 65 -10.41 -33.26 8.13
N LEU B 66 -11.41 -33.45 8.99
CA LEU B 66 -12.79 -33.59 8.53
C LEU B 66 -13.27 -32.39 7.74
N LEU B 67 -12.69 -31.22 7.96
CA LEU B 67 -13.06 -30.07 7.14
C LEU B 67 -12.42 -30.17 5.77
N GLY B 68 -11.58 -31.17 5.54
CA GLY B 68 -11.04 -31.39 4.22
C GLY B 68 -11.91 -32.28 3.37
N LEU B 69 -12.47 -33.33 3.96
CA LEU B 69 -13.37 -34.20 3.20
C LEU B 69 -14.60 -33.44 2.75
N VAL B 70 -15.32 -32.82 3.68
CA VAL B 70 -16.57 -32.15 3.35
C VAL B 70 -16.32 -30.99 2.39
N MET B 71 -15.11 -30.44 2.38
CA MET B 71 -14.86 -29.24 1.59
C MET B 71 -14.84 -29.53 0.10
N ASN B 72 -14.41 -30.73 -0.28
CA ASN B 72 -14.33 -31.03 -1.71
C ASN B 72 -15.59 -31.72 -2.20
N ASN B 73 -15.86 -31.57 -3.49
CA ASN B 73 -17.14 -31.90 -4.09
C ASN B 73 -17.19 -33.31 -4.66
N ASN B 74 -16.85 -34.31 -3.85
CA ASN B 74 -16.84 -35.69 -4.32
C ASN B 74 -17.51 -36.67 -3.39
N VAL B 75 -17.59 -36.39 -2.09
CA VAL B 75 -17.91 -37.43 -1.11
C VAL B 75 -19.31 -37.98 -1.33
N SER B 76 -20.22 -37.17 -1.86
CA SER B 76 -21.57 -37.67 -2.14
C SER B 76 -21.52 -38.85 -3.10
N MET B 77 -20.79 -38.70 -4.21
CA MET B 77 -20.73 -39.75 -5.21
C MET B 77 -20.17 -41.04 -4.62
N LEU B 78 -19.22 -40.93 -3.70
CA LEU B 78 -18.77 -42.12 -2.98
C LEU B 78 -19.78 -42.52 -1.91
N ALA B 79 -20.31 -41.53 -1.18
CA ALA B 79 -21.28 -41.85 -0.14
C ALA B 79 -22.55 -42.43 -0.74
N GLU B 80 -23.00 -41.89 -1.87
CA GLU B 80 -24.23 -42.39 -2.49
C GLU B 80 -24.08 -43.84 -2.92
N GLU B 81 -23.00 -44.16 -3.63
CA GLU B 81 -22.86 -45.48 -4.22
C GLU B 81 -22.34 -46.51 -3.22
N TRP B 82 -21.96 -46.09 -2.01
CA TRP B 82 -21.56 -47.07 -1.02
C TRP B 82 -22.77 -47.63 -0.28
N LYS B 83 -23.68 -46.76 0.17
CA LYS B 83 -24.89 -47.19 0.84
C LYS B 83 -25.72 -48.15 -0.01
N ARG B 84 -25.71 -48.00 -1.32
CA ARG B 84 -26.44 -48.91 -2.18
C ARG B 84 -25.87 -50.32 -2.09
N PRO B 85 -26.60 -51.32 -2.56
CA PRO B 85 -26.10 -52.70 -2.51
C PRO B 85 -25.05 -52.93 -3.58
N PRO B 86 -24.14 -53.89 -3.37
CA PRO B 86 -23.24 -54.30 -4.43
C PRO B 86 -24.01 -54.82 -5.64
N GLY B 87 -23.34 -54.81 -6.79
CA GLY B 87 -23.99 -55.22 -8.02
C GLY B 87 -24.64 -54.05 -8.72
N ARG B 88 -25.56 -53.39 -8.02
CA ARG B 88 -26.14 -52.15 -8.54
C ARG B 88 -25.13 -51.04 -8.71
N ARG B 89 -23.99 -51.12 -8.02
CA ARG B 89 -22.94 -50.11 -8.12
C ARG B 89 -22.50 -50.00 -9.57
N ALA B 90 -22.67 -48.81 -10.15
CA ALA B 90 -22.24 -48.57 -11.52
C ALA B 90 -20.74 -48.41 -11.65
N LYS B 91 -19.98 -48.66 -10.58
CA LYS B 91 -18.54 -48.48 -10.58
C LYS B 91 -17.86 -49.65 -9.88
N ASP B 92 -16.71 -50.03 -10.40
CA ASP B 92 -15.93 -51.13 -9.84
C ASP B 92 -15.40 -50.73 -8.47
N PRO B 93 -15.16 -51.71 -7.59
CA PRO B 93 -14.41 -51.44 -6.36
C PRO B 93 -13.11 -50.72 -6.61
N ALA B 94 -12.42 -51.02 -7.71
CA ALA B 94 -11.14 -50.38 -8.00
C ALA B 94 -11.29 -48.86 -8.08
N VAL B 95 -12.19 -48.39 -8.94
CA VAL B 95 -12.40 -46.95 -9.05
C VAL B 95 -12.91 -46.38 -7.74
N LEU B 96 -13.67 -47.16 -6.98
CA LEU B 96 -14.03 -46.73 -5.65
C LEU B 96 -12.79 -46.62 -4.76
N ARG B 97 -12.04 -47.73 -4.63
CA ARG B 97 -10.92 -47.76 -3.71
C ARG B 97 -9.90 -46.69 -4.03
N TYR B 98 -9.59 -46.50 -5.31
CA TYR B 98 -8.68 -45.42 -5.67
C TYR B 98 -9.27 -44.08 -5.32
N MET B 99 -10.41 -43.74 -5.93
CA MET B 99 -11.01 -42.42 -5.74
C MET B 99 -11.26 -42.09 -4.29
N PHE B 100 -11.56 -43.08 -3.46
CA PHE B 100 -11.65 -42.84 -2.03
C PHE B 100 -10.29 -42.54 -1.42
N CYS B 101 -9.24 -43.23 -1.84
CA CYS B 101 -7.90 -42.97 -1.33
C CYS B 101 -7.33 -41.66 -1.82
N SER B 102 -7.77 -41.15 -2.96
CA SER B 102 -7.27 -39.88 -3.44
C SER B 102 -8.00 -38.72 -2.77
N MET B 103 -8.79 -39.00 -1.74
CA MET B 103 -9.32 -37.93 -0.92
C MET B 103 -8.44 -37.69 0.29
N ALA B 104 -7.91 -38.77 0.87
CA ALA B 104 -7.03 -38.64 2.03
C ALA B 104 -5.80 -37.81 1.69
N GLN B 105 -5.07 -38.19 0.65
CA GLN B 105 -3.77 -37.58 0.38
C GLN B 105 -3.91 -36.14 -0.11
N ARG B 106 -5.13 -35.64 -0.25
CA ARG B 106 -5.30 -34.21 -0.44
C ARG B 106 -5.76 -33.54 0.85
N ALA B 107 -6.23 -34.33 1.80
CA ALA B 107 -6.69 -33.77 3.07
C ALA B 107 -5.55 -33.69 4.08
N LEU B 108 -4.61 -34.63 4.00
CA LEU B 108 -3.55 -34.72 5.00
C LEU B 108 -2.56 -33.58 4.96
N TRP B 109 -2.75 -32.58 4.09
CA TRP B 109 -1.79 -31.49 4.03
C TRP B 109 -2.04 -30.47 5.13
N ALA B 110 -3.26 -30.42 5.67
CA ALA B 110 -3.52 -29.56 6.82
C ALA B 110 -3.07 -30.18 8.14
N PRO B 111 -3.42 -31.42 8.46
CA PRO B 111 -3.15 -31.90 9.83
C PRO B 111 -1.73 -32.38 10.04
N VAL B 112 -0.79 -32.00 9.20
CA VAL B 112 0.61 -32.27 9.51
C VAL B 112 1.33 -30.95 9.69
N VAL B 113 0.82 -29.89 9.08
CA VAL B 113 1.40 -28.57 9.29
C VAL B 113 0.96 -28.03 10.64
N TRP B 114 -0.17 -28.50 11.17
CA TRP B 114 -0.60 -28.00 12.46
C TRP B 114 -0.19 -28.94 13.57
N VAL B 115 0.73 -29.85 13.29
CA VAL B 115 1.38 -30.57 14.38
C VAL B 115 2.86 -30.24 14.42
N ALA B 116 3.43 -29.86 13.29
CA ALA B 116 4.75 -29.25 13.34
C ALA B 116 4.67 -27.90 14.02
N VAL B 117 3.84 -26.99 13.53
CA VAL B 117 3.94 -25.59 13.92
C VAL B 117 3.34 -25.33 15.30
N THR B 118 2.93 -26.37 16.00
CA THR B 118 2.75 -26.24 17.44
C THR B 118 3.64 -27.18 18.21
N LEU B 119 4.71 -27.65 17.61
CA LEU B 119 5.84 -28.17 18.37
C LEU B 119 7.04 -27.26 18.32
N LEU B 120 7.30 -26.62 17.17
CA LEU B 120 8.52 -25.83 17.04
C LEU B 120 8.50 -24.61 17.95
N ASP B 121 7.34 -24.19 18.42
CA ASP B 121 7.33 -23.09 19.36
C ASP B 121 7.16 -23.58 20.78
N GLY B 122 7.02 -24.88 20.98
CA GLY B 122 7.20 -25.47 22.28
C GLY B 122 6.15 -25.18 23.32
N LYS B 123 5.35 -24.13 23.13
CA LYS B 123 4.34 -23.78 24.13
C LYS B 123 3.45 -24.97 24.42
N CYS B 124 3.02 -25.68 23.39
CA CYS B 124 2.17 -26.85 23.58
C CYS B 124 2.89 -27.91 24.40
N PHE B 125 4.21 -27.97 24.31
CA PHE B 125 4.93 -29.02 25.01
C PHE B 125 5.31 -28.58 26.41
N LEU B 126 5.49 -27.28 26.61
CA LEU B 126 5.99 -26.80 27.89
C LEU B 126 5.00 -27.10 29.01
N CYS B 127 3.73 -26.77 28.80
CA CYS B 127 2.72 -26.99 29.84
C CYS B 127 2.32 -28.44 29.95
N ALA B 128 3.05 -29.37 29.33
CA ALA B 128 2.62 -30.75 29.31
C ALA B 128 3.57 -31.65 30.06
N PHE B 129 4.80 -31.21 30.31
CA PHE B 129 5.74 -32.06 31.01
C PHE B 129 6.56 -31.29 32.02
N CYS B 130 6.10 -30.10 32.38
CA CYS B 130 6.84 -29.37 33.39
C CYS B 130 6.75 -30.02 34.75
N THR B 131 5.71 -30.81 35.01
CA THR B 131 5.54 -31.44 36.31
C THR B 131 6.68 -32.39 36.65
N ALA B 132 7.34 -32.94 35.64
CA ALA B 132 8.47 -33.84 35.88
C ALA B 132 9.71 -33.36 35.14
N VAL B 133 10.41 -32.44 35.79
CA VAL B 133 11.73 -31.99 35.38
C VAL B 133 12.72 -32.53 36.41
N PRO B 134 13.89 -32.98 36.02
CA PRO B 134 14.88 -33.37 37.04
C PRO B 134 15.44 -32.13 37.68
N VAL B 135 14.97 -31.83 38.89
CA VAL B 135 15.31 -30.58 39.55
C VAL B 135 16.75 -30.59 40.02
N SER B 136 17.29 -31.77 40.31
CA SER B 136 18.69 -31.88 40.68
C SER B 136 19.62 -31.49 39.55
N ALA B 137 19.17 -31.57 38.31
CA ALA B 137 20.02 -31.30 37.15
C ALA B 137 20.06 -29.80 36.92
N LEU B 138 21.23 -29.21 37.14
CA LEU B 138 21.42 -27.77 37.01
C LEU B 138 20.50 -27.03 37.99
N GLY B 139 20.72 -27.29 39.28
CA GLY B 139 19.83 -26.81 40.30
C GLY B 139 20.40 -25.81 41.28
N ASN B 140 21.54 -25.20 40.94
CA ASN B 140 22.13 -24.13 41.73
C ASN B 140 22.37 -24.57 43.18
N GLY B 141 23.31 -25.51 43.33
CA GLY B 141 23.59 -26.13 44.63
C GLY B 141 22.35 -26.88 45.09
N SER B 142 21.96 -27.94 44.38
CA SER B 142 20.72 -28.64 44.71
C SER B 142 20.88 -29.66 45.84
N LEU B 143 19.86 -30.49 46.02
CA LEU B 143 19.85 -31.47 47.09
C LEU B 143 18.48 -31.71 47.67
N ALA B 144 17.48 -30.98 47.18
CA ALA B 144 16.09 -31.12 47.61
C ALA B 144 15.99 -30.95 49.12
N PRO B 145 16.07 -29.73 49.63
CA PRO B 145 16.17 -29.55 51.09
C PRO B 145 14.90 -29.97 51.81
N GLY B 146 14.72 -31.29 51.95
CA GLY B 146 13.60 -31.83 52.66
C GLY B 146 12.25 -31.60 52.02
N LEU B 147 12.22 -31.28 50.73
CA LEU B 147 10.97 -30.93 50.08
C LEU B 147 10.09 -32.16 49.94
N PRO B 148 8.79 -32.05 50.15
CA PRO B 148 7.92 -33.22 50.01
C PRO B 148 7.47 -33.42 48.58
N ALA B 149 6.67 -34.46 48.32
CA ALA B 149 6.10 -34.61 46.99
C ALA B 149 4.97 -33.62 46.74
N PRO B 150 3.89 -33.61 47.50
CA PRO B 150 2.91 -32.54 47.37
C PRO B 150 3.51 -31.25 47.86
N GLU B 151 2.92 -30.13 47.42
CA GLU B 151 3.45 -28.81 47.68
C GLU B 151 4.81 -28.59 47.02
N LEU B 152 5.13 -29.43 46.07
CA LEU B 152 6.22 -29.25 45.12
C LEU B 152 5.72 -29.37 43.70
N ALA B 153 4.80 -30.29 43.44
CA ALA B 153 4.07 -30.25 42.19
C ALA B 153 3.40 -28.90 41.99
N ARG B 154 2.84 -28.34 43.06
CA ARG B 154 2.32 -26.98 42.96
C ARG B 154 3.44 -25.96 42.93
N LEU B 155 4.67 -26.39 43.17
CA LEU B 155 5.81 -25.49 43.01
C LEU B 155 6.36 -25.54 41.60
N LEU B 156 6.61 -26.74 41.09
CA LEU B 156 7.05 -26.85 39.71
C LEU B 156 6.01 -26.35 38.73
N ALA B 157 4.75 -26.74 38.94
CA ALA B 157 3.77 -26.63 37.87
C ALA B 157 3.52 -25.20 37.43
N ARG B 158 3.91 -24.22 38.20
CA ARG B 158 3.62 -22.87 37.78
C ARG B 158 4.55 -22.38 36.68
N VAL B 159 5.57 -23.16 36.33
CA VAL B 159 6.73 -22.63 35.60
C VAL B 159 6.37 -21.81 34.36
N PRO B 160 5.39 -22.22 33.55
CA PRO B 160 5.06 -21.38 32.39
C PRO B 160 4.40 -20.08 32.76
N CYS B 161 3.58 -20.06 33.80
CA CYS B 161 2.90 -18.82 34.15
C CYS B 161 3.91 -17.86 34.77
N PRO B 162 4.41 -16.87 34.02
CA PRO B 162 5.61 -16.14 34.47
C PRO B 162 5.43 -15.34 35.75
N GLU B 163 4.50 -14.40 35.77
CA GLU B 163 4.44 -13.47 36.89
C GLU B 163 3.98 -14.13 38.17
N ILE B 164 3.39 -15.32 38.08
CA ILE B 164 2.95 -16.00 39.28
C ILE B 164 3.92 -17.10 39.71
N TYR B 165 5.16 -17.06 39.25
CA TYR B 165 6.11 -18.06 39.68
C TYR B 165 6.47 -17.90 41.14
N ASP B 166 6.58 -19.02 41.85
CA ASP B 166 6.89 -18.96 43.28
C ASP B 166 8.25 -18.35 43.55
N GLY B 167 9.32 -19.04 43.14
CA GLY B 167 10.64 -18.54 43.49
C GLY B 167 11.83 -19.44 43.23
N ASP B 168 12.96 -19.06 43.79
CA ASP B 168 14.25 -19.64 43.45
C ASP B 168 14.51 -21.01 44.08
N TRP B 169 13.54 -21.57 44.80
CA TRP B 169 13.80 -22.81 45.49
C TRP B 169 14.06 -23.92 44.50
N LEU B 170 15.32 -24.32 44.42
CA LEU B 170 15.71 -25.45 43.59
C LEU B 170 15.44 -25.17 42.13
N LEU B 171 15.35 -23.90 41.75
CA LEU B 171 15.16 -23.59 40.35
C LEU B 171 15.22 -22.09 40.13
N ALA B 172 15.74 -21.69 38.99
CA ALA B 172 15.46 -20.39 38.43
C ALA B 172 14.39 -20.58 37.39
N ARG B 173 13.90 -19.49 36.81
CA ARG B 173 12.94 -19.65 35.74
C ARG B 173 13.64 -19.93 34.42
N GLU B 174 14.69 -19.18 34.11
CA GLU B 174 15.26 -19.27 32.77
C GLU B 174 16.18 -20.45 32.60
N VAL B 175 16.08 -21.46 33.44
CA VAL B 175 16.79 -22.71 33.20
C VAL B 175 15.84 -23.90 33.19
N ALA B 176 14.63 -23.73 33.72
CA ALA B 176 13.62 -24.77 33.57
C ALA B 176 12.89 -24.61 32.24
N VAL B 177 12.59 -23.38 31.86
CA VAL B 177 12.29 -23.08 30.48
C VAL B 177 13.65 -22.96 29.84
N ARG B 178 13.71 -22.94 28.51
CA ARG B 178 14.97 -22.92 27.78
C ARG B 178 15.78 -24.19 28.03
N TYR B 179 15.11 -25.21 28.54
CA TYR B 179 15.61 -26.58 28.45
C TYR B 179 14.48 -27.53 28.08
N LEU B 180 13.25 -27.07 28.20
CA LEU B 180 12.11 -27.78 27.63
C LEU B 180 11.72 -27.21 26.29
N ARG B 181 12.28 -26.08 25.90
CA ARG B 181 12.10 -25.65 24.52
C ARG B 181 13.22 -26.14 23.64
N CYS B 182 14.24 -26.76 24.24
CA CYS B 182 15.21 -27.48 23.43
C CYS B 182 14.69 -28.85 23.03
N ILE B 183 14.34 -29.68 24.01
CA ILE B 183 13.84 -31.03 23.73
C ILE B 183 12.67 -30.99 22.76
N SER B 184 11.79 -30.00 22.91
CA SER B 184 10.66 -29.88 22.00
C SER B 184 11.12 -29.69 20.57
N GLN B 185 11.98 -28.70 20.33
CA GLN B 185 12.39 -28.43 18.95
C GLN B 185 13.19 -29.57 18.36
N ALA B 186 13.57 -30.56 19.16
CA ALA B 186 14.18 -31.75 18.59
C ALA B 186 13.14 -32.65 17.97
N LEU B 187 11.99 -32.82 18.64
CA LEU B 187 10.95 -33.61 18.03
C LEU B 187 10.44 -32.94 16.76
N GLY B 188 10.34 -31.61 16.78
CA GLY B 188 9.76 -30.91 15.66
C GLY B 188 10.51 -31.13 14.36
N TRP B 189 11.82 -31.30 14.44
CA TRP B 189 12.57 -31.64 13.24
C TRP B 189 12.56 -33.14 13.00
N SER B 190 12.82 -33.93 14.04
CA SER B 190 12.84 -35.38 13.87
C SER B 190 11.44 -35.93 13.63
N PHE B 191 10.42 -35.08 13.68
CA PHE B 191 9.11 -35.48 13.21
C PHE B 191 8.93 -35.11 11.74
N VAL B 192 9.10 -33.82 11.41
CA VAL B 192 8.85 -33.37 10.04
C VAL B 192 9.78 -34.06 9.06
N LEU B 193 10.96 -34.45 9.52
CA LEU B 193 11.82 -35.28 8.69
C LEU B 193 11.13 -36.58 8.32
N LEU B 194 10.70 -37.35 9.32
CA LEU B 194 10.10 -38.67 9.08
C LEU B 194 8.89 -38.58 8.17
N THR B 195 8.06 -37.56 8.34
CA THR B 195 6.88 -37.44 7.50
C THR B 195 7.25 -37.20 6.04
N THR B 196 8.11 -36.21 5.79
CA THR B 196 8.43 -35.90 4.40
C THR B 196 9.14 -37.07 3.74
N LEU B 197 10.00 -37.76 4.47
CA LEU B 197 10.60 -38.97 3.93
C LEU B 197 9.53 -40.00 3.60
N LEU B 198 8.46 -40.05 4.39
CA LEU B 198 7.37 -40.96 4.07
C LEU B 198 6.49 -40.42 2.97
N ALA B 199 6.62 -39.14 2.64
CA ALA B 199 6.00 -38.63 1.43
C ALA B 199 6.75 -39.12 0.21
N PHE B 200 8.01 -39.52 0.38
CA PHE B 200 8.80 -40.01 -0.73
C PHE B 200 8.27 -41.34 -1.24
N VAL B 201 8.32 -42.24 -0.30
CA VAL B 201 7.95 -43.56 -0.53
C VAL B 201 6.63 -43.62 -1.14
N VAL B 202 5.65 -42.85 -0.70
CA VAL B 202 4.34 -43.10 -1.27
C VAL B 202 4.21 -42.91 -2.74
N ARG B 203 4.72 -41.77 -3.22
CA ARG B 203 4.63 -41.50 -4.63
C ARG B 203 5.50 -42.47 -5.33
N SER B 204 6.70 -42.58 -4.79
CA SER B 204 7.67 -43.41 -5.44
C SER B 204 7.36 -44.84 -5.57
N VAL B 205 6.51 -45.42 -4.73
CA VAL B 205 6.20 -46.74 -5.07
C VAL B 205 4.92 -46.92 -5.74
N ARG B 206 3.79 -46.47 -5.21
CA ARG B 206 2.69 -47.36 -5.76
C ARG B 206 1.20 -47.24 -5.42
N PRO B 207 0.74 -47.99 -4.30
CA PRO B 207 -0.62 -48.04 -3.72
C PRO B 207 -1.72 -47.50 -4.62
N CYS B 208 -2.19 -48.36 -5.53
CA CYS B 208 -3.37 -48.11 -6.36
C CYS B 208 -3.11 -47.05 -7.42
N PHE B 209 -1.99 -47.17 -8.11
CA PHE B 209 -1.64 -46.31 -9.23
C PHE B 209 -1.89 -46.99 -10.57
N THR B 210 -2.67 -48.07 -10.58
CA THR B 210 -2.85 -48.89 -11.77
C THR B 210 -3.35 -48.08 -12.96
N GLN B 211 -2.70 -48.28 -14.11
CA GLN B 211 -3.04 -47.51 -15.30
C GLN B 211 -4.48 -47.75 -15.72
N ALA B 212 -5.01 -48.92 -15.39
CA ALA B 212 -6.40 -49.20 -15.74
C ALA B 212 -7.35 -48.24 -15.06
N ALA B 213 -7.37 -48.23 -13.73
CA ALA B 213 -8.45 -47.58 -13.03
C ALA B 213 -8.26 -46.07 -13.00
N PHE B 214 -7.01 -45.61 -13.05
CA PHE B 214 -6.77 -44.18 -13.15
C PHE B 214 -7.46 -43.61 -14.37
N LEU B 215 -7.45 -44.36 -15.47
CA LEU B 215 -8.10 -43.90 -16.68
C LEU B 215 -9.59 -43.75 -16.48
N LYS B 216 -10.25 -44.82 -16.02
CA LYS B 216 -11.70 -44.80 -15.86
C LYS B 216 -12.13 -43.66 -14.95
N SER B 217 -11.35 -43.40 -13.91
CA SER B 217 -11.70 -42.34 -12.98
C SER B 217 -11.75 -40.99 -13.66
N LYS B 218 -10.58 -40.52 -14.13
CA LYS B 218 -10.49 -39.17 -14.66
C LYS B 218 -11.44 -38.96 -15.84
N TYR B 219 -11.72 -40.02 -16.59
CA TYR B 219 -12.78 -39.96 -17.58
C TYR B 219 -14.10 -39.65 -16.90
N TRP B 220 -14.42 -40.38 -15.84
CA TRP B 220 -15.72 -40.25 -15.21
C TRP B 220 -15.91 -38.86 -14.62
N SER B 221 -14.98 -38.42 -13.78
CA SER B 221 -15.10 -37.11 -13.17
C SER B 221 -15.11 -36.01 -14.22
N HIS B 222 -14.45 -36.24 -15.35
CA HIS B 222 -14.57 -35.30 -16.44
C HIS B 222 -15.97 -35.30 -17.02
N TYR B 223 -16.67 -36.44 -16.91
CA TYR B 223 -17.98 -36.55 -17.54
C TYR B 223 -19.04 -35.82 -16.76
N ILE B 224 -18.92 -35.80 -15.43
CA ILE B 224 -19.91 -35.11 -14.61
C ILE B 224 -19.92 -33.62 -14.92
N ASP B 225 -18.77 -33.07 -15.29
CA ASP B 225 -18.69 -31.65 -15.60
C ASP B 225 -19.59 -31.31 -16.77
N ILE B 226 -19.41 -32.00 -17.90
CA ILE B 226 -20.17 -31.66 -19.10
C ILE B 226 -21.66 -31.89 -18.88
N GLU B 227 -22.02 -32.84 -18.03
CA GLU B 227 -23.43 -33.10 -17.77
C GLU B 227 -24.09 -31.90 -17.12
N ARG B 228 -23.50 -31.40 -16.03
CA ARG B 228 -24.09 -30.25 -15.35
C ARG B 228 -24.10 -29.02 -16.24
N LYS B 229 -22.96 -28.73 -16.87
CA LYS B 229 -22.86 -27.52 -17.70
C LYS B 229 -23.84 -27.56 -18.85
N LEU B 230 -24.11 -28.74 -19.40
CA LEU B 230 -24.97 -28.83 -20.56
C LEU B 230 -26.45 -28.81 -20.22
N PHE B 231 -26.83 -29.25 -19.01
CA PHE B 231 -28.25 -29.28 -18.67
C PHE B 231 -28.84 -27.89 -18.67
N ASP B 232 -28.07 -26.90 -18.21
CA ASP B 232 -28.56 -25.52 -18.17
C ASP B 232 -28.92 -25.00 -19.54
N GLU B 233 -28.23 -25.48 -20.58
CA GLU B 233 -28.54 -25.03 -21.93
C GLU B 233 -29.97 -25.35 -22.32
N THR B 234 -30.37 -26.61 -22.15
CA THR B 234 -31.72 -27.01 -22.54
C THR B 234 -32.78 -26.25 -21.75
N CYS B 235 -32.52 -26.00 -20.47
CA CYS B 235 -33.47 -25.27 -19.65
C CYS B 235 -33.71 -23.87 -20.18
N THR B 236 -32.64 -23.05 -20.21
CA THR B 236 -32.76 -21.70 -20.71
C THR B 236 -33.29 -21.68 -22.13
N GLU B 237 -32.91 -22.66 -22.93
CA GLU B 237 -33.50 -22.79 -24.26
C GLU B 237 -34.98 -23.11 -24.15
N HIS B 238 -35.32 -24.23 -23.50
CA HIS B 238 -36.71 -24.65 -23.45
C HIS B 238 -37.59 -23.63 -22.73
N ALA B 239 -37.00 -22.85 -21.81
CA ALA B 239 -37.79 -21.86 -21.12
C ALA B 239 -38.09 -20.65 -22.01
N LYS B 240 -37.11 -20.25 -22.83
CA LYS B 240 -37.25 -19.04 -23.64
C LYS B 240 -38.48 -19.12 -24.53
N ALA B 241 -38.74 -20.29 -25.10
CA ALA B 241 -39.95 -20.46 -25.90
C ALA B 241 -41.20 -20.34 -25.06
N PHE B 242 -41.10 -20.55 -23.75
CA PHE B 242 -42.28 -20.56 -22.90
C PHE B 242 -42.64 -19.19 -22.34
N ALA B 243 -41.67 -18.31 -22.12
CA ALA B 243 -41.97 -17.01 -21.54
C ALA B 243 -42.78 -16.14 -22.48
N LYS B 244 -42.57 -16.28 -23.79
CA LYS B 244 -43.18 -15.37 -24.76
C LYS B 244 -44.70 -15.43 -24.69
N VAL B 245 -45.26 -16.58 -24.32
CA VAL B 245 -46.72 -16.66 -24.26
C VAL B 245 -47.28 -15.81 -23.14
N CYS B 246 -46.58 -15.73 -22.00
CA CYS B 246 -47.16 -15.04 -20.87
C CYS B 246 -46.79 -13.56 -20.83
N ILE B 247 -45.52 -13.24 -21.05
CA ILE B 247 -45.06 -11.85 -20.96
C ILE B 247 -45.85 -10.96 -21.89
N GLN B 248 -46.21 -11.46 -23.07
CA GLN B 248 -47.05 -10.69 -23.97
C GLN B 248 -48.40 -10.38 -23.35
N GLN B 249 -48.89 -11.24 -22.45
CA GLN B 249 -50.20 -11.03 -21.86
C GLN B 249 -50.19 -9.81 -20.95
N PHE B 250 -49.07 -9.57 -20.26
CA PHE B 250 -48.95 -8.37 -19.44
C PHE B 250 -49.12 -7.12 -20.30
N PHE B 251 -48.38 -7.05 -21.40
CA PHE B 251 -48.69 -6.07 -22.41
C PHE B 251 -50.09 -6.33 -22.97
N GLU B 252 -50.72 -5.27 -23.45
CA GLU B 252 -52.03 -5.39 -24.09
C GLU B 252 -53.10 -5.88 -23.13
N ALA B 253 -52.81 -5.88 -21.83
CA ALA B 253 -53.68 -6.49 -20.85
C ALA B 253 -53.90 -5.60 -19.66
N MET B 254 -53.13 -4.51 -19.56
CA MET B 254 -53.37 -3.54 -18.50
C MET B 254 -54.36 -2.48 -18.95
N ASN B 255 -54.07 -1.78 -20.04
CA ASN B 255 -55.00 -0.85 -20.64
C ASN B 255 -54.96 -0.90 -22.17
N HIS B 256 -54.06 -1.68 -22.76
CA HIS B 256 -53.83 -1.70 -24.21
C HIS B 256 -53.33 -0.35 -24.72
N ASP B 257 -52.88 0.51 -23.81
CA ASP B 257 -52.41 1.84 -24.15
C ASP B 257 -51.99 2.52 -22.86
N LEU B 258 -51.53 3.76 -23.01
CA LEU B 258 -51.20 4.61 -21.87
C LEU B 258 -52.10 5.83 -21.89
N GLU B 259 -52.54 6.25 -20.71
CA GLU B 259 -53.31 7.47 -20.57
C GLU B 259 -52.47 8.72 -20.80
N LEU B 260 -51.14 8.59 -20.76
CA LEU B 260 -50.23 9.71 -20.93
C LEU B 260 -50.11 10.14 -22.39
N GLY B 261 -50.91 9.58 -23.29
CA GLY B 261 -50.91 10.04 -24.67
C GLY B 261 -51.30 11.50 -24.76
N HIS B 262 -50.41 12.31 -25.29
CA HIS B 262 -50.66 13.75 -25.40
C HIS B 262 -51.30 14.06 -26.75
N MET C 1 -5.81 -6.82 19.52
CA MET C 1 -7.17 -7.34 19.35
C MET C 1 -7.52 -7.47 17.88
N MET C 2 -6.70 -6.84 17.04
CA MET C 2 -6.92 -6.87 15.60
C MET C 2 -6.75 -8.27 15.02
N ASP C 3 -6.09 -9.17 15.75
CA ASP C 3 -5.73 -10.47 15.19
C ASP C 3 -6.94 -11.28 14.76
N LYS C 4 -8.01 -11.27 15.57
CA LYS C 4 -9.15 -12.14 15.28
C LYS C 4 -9.85 -11.73 14.00
N PHE C 5 -9.73 -10.46 13.61
CA PHE C 5 -10.40 -9.94 12.43
C PHE C 5 -9.45 -9.51 11.33
N ARG C 6 -8.24 -9.07 11.67
CA ARG C 6 -7.28 -8.69 10.63
C ARG C 6 -6.89 -9.89 9.77
N MET C 7 -7.04 -11.10 10.32
CA MET C 7 -6.79 -12.32 9.57
C MET C 7 -7.68 -12.45 8.35
N ILE C 8 -9.00 -12.44 8.52
CA ILE C 8 -9.91 -12.47 7.39
C ILE C 8 -9.76 -11.22 6.52
N PHE C 9 -9.24 -10.13 7.11
CA PHE C 9 -9.00 -8.90 6.36
C PHE C 9 -8.09 -9.11 5.17
N GLN C 10 -6.88 -9.65 5.38
CA GLN C 10 -6.03 -10.00 4.26
C GLN C 10 -6.54 -11.24 3.54
N PHE C 11 -7.19 -12.15 4.28
CA PHE C 11 -7.85 -13.29 3.63
C PHE C 11 -8.92 -12.80 2.67
N LEU C 12 -9.71 -11.83 3.09
CA LEU C 12 -10.58 -11.11 2.16
C LEU C 12 -9.74 -10.47 1.07
N GLN C 13 -8.65 -9.78 1.46
CA GLN C 13 -7.71 -9.24 0.51
C GLN C 13 -7.03 -10.30 -0.34
N SER C 14 -7.05 -11.56 0.13
CA SER C 14 -6.33 -12.62 -0.57
C SER C 14 -6.82 -12.84 -1.99
N ASN C 15 -8.06 -13.28 -2.16
CA ASN C 15 -8.55 -13.63 -3.50
C ASN C 15 -10.05 -13.41 -3.54
N GLN C 16 -10.65 -13.83 -4.64
CA GLN C 16 -12.09 -13.69 -4.86
C GLN C 16 -12.67 -15.02 -5.34
N GLU C 17 -12.32 -16.10 -4.64
CA GLU C 17 -12.78 -17.43 -5.00
C GLU C 17 -13.70 -17.95 -3.90
N SER C 18 -14.98 -18.09 -4.24
CA SER C 18 -15.96 -18.58 -3.28
C SER C 18 -17.29 -18.92 -3.96
N PHE C 19 -18.32 -19.15 -3.14
CA PHE C 19 -19.66 -19.47 -3.63
C PHE C 19 -20.68 -18.72 -2.78
N MET C 20 -21.94 -19.17 -2.83
CA MET C 20 -22.99 -18.62 -1.97
C MET C 20 -22.55 -18.58 -0.51
N ASN C 21 -21.88 -19.64 -0.05
CA ASN C 21 -21.22 -19.57 1.26
C ASN C 21 -20.17 -18.47 1.29
N GLY C 22 -19.41 -18.31 0.20
CA GLY C 22 -18.54 -17.16 0.09
C GLY C 22 -19.33 -15.87 -0.01
N ILE C 23 -20.51 -15.92 -0.62
CA ILE C 23 -21.44 -14.80 -0.54
C ILE C 23 -21.87 -14.59 0.90
N CYS C 24 -22.12 -15.69 1.63
CA CYS C 24 -22.25 -15.59 3.07
C CYS C 24 -20.94 -15.15 3.70
N GLY C 25 -19.83 -15.45 3.04
CA GLY C 25 -18.55 -14.89 3.49
C GLY C 25 -18.53 -13.37 3.47
N ILE C 26 -19.36 -12.77 2.60
CA ILE C 26 -19.50 -11.33 2.62
C ILE C 26 -19.99 -10.85 3.99
N MET C 27 -20.95 -11.58 4.56
CA MET C 27 -21.50 -11.18 5.85
C MET C 27 -20.69 -11.76 7.01
N ALA C 28 -20.62 -13.09 7.11
CA ALA C 28 -20.16 -13.72 8.35
C ALA C 28 -18.67 -13.45 8.59
N LEU C 29 -17.90 -13.24 7.54
CA LEU C 29 -16.52 -12.79 7.73
C LEU C 29 -16.50 -11.51 8.56
N ALA C 30 -17.44 -10.60 8.28
CA ALA C 30 -17.68 -9.48 9.18
C ALA C 30 -18.08 -9.98 10.57
N SER C 31 -18.87 -11.05 10.63
CA SER C 31 -19.25 -11.61 11.93
C SER C 31 -18.03 -12.19 12.63
N ALA C 32 -17.05 -12.66 11.86
CA ALA C 32 -15.77 -13.01 12.47
C ALA C 32 -15.03 -11.77 12.94
N GLN C 33 -15.37 -10.61 12.38
CA GLN C 33 -14.63 -9.39 12.65
C GLN C 33 -15.42 -8.43 13.52
N MET C 34 -16.75 -8.40 13.33
CA MET C 34 -17.62 -7.50 14.08
C MET C 34 -17.44 -7.68 15.59
N TYR C 35 -17.07 -8.88 16.02
CA TYR C 35 -16.72 -9.08 17.42
C TYR C 35 -15.57 -8.19 17.83
N SER C 36 -14.64 -7.92 16.91
CA SER C 36 -13.39 -7.26 17.28
C SER C 36 -13.60 -5.84 17.79
N ALA C 37 -14.39 -5.03 17.07
CA ALA C 37 -14.58 -3.64 17.44
C ALA C 37 -15.69 -3.44 18.47
N PHE C 38 -16.65 -4.37 18.54
CA PHE C 38 -17.68 -4.35 19.56
C PHE C 38 -17.12 -4.83 20.89
N ASP C 39 -16.99 -3.91 21.84
CA ASP C 39 -16.28 -4.18 23.09
C ASP C 39 -17.10 -5.14 23.94
N PHE C 40 -16.53 -5.56 25.07
CA PHE C 40 -17.21 -6.40 26.04
C PHE C 40 -16.73 -6.00 27.43
N ASN C 41 -17.67 -5.83 28.36
CA ASN C 41 -17.33 -5.42 29.73
C ASN C 41 -18.53 -5.72 30.60
N CYS C 42 -18.34 -6.52 31.64
CA CYS C 42 -19.47 -6.99 32.40
C CYS C 42 -19.65 -6.15 33.65
N PRO C 43 -20.86 -6.08 34.18
CA PRO C 43 -21.18 -5.17 35.28
C PRO C 43 -20.35 -5.37 36.52
N CYS C 44 -19.81 -6.58 36.72
CA CYS C 44 -19.19 -6.97 37.98
C CYS C 44 -19.99 -6.47 39.18
N LEU C 45 -21.22 -7.00 39.27
CA LEU C 45 -22.25 -6.88 40.28
C LEU C 45 -22.74 -8.28 40.66
N PRO C 46 -23.57 -8.43 41.69
CA PRO C 46 -23.77 -9.76 42.28
C PRO C 46 -24.60 -10.71 41.45
N GLY C 47 -25.63 -10.24 40.75
CA GLY C 47 -26.50 -11.18 40.09
C GLY C 47 -26.76 -10.87 38.63
N TYR C 48 -26.39 -9.68 38.18
CA TYR C 48 -26.62 -9.27 36.81
C TYR C 48 -25.80 -10.07 35.82
N ASN C 49 -24.62 -10.54 36.22
CA ASN C 49 -23.71 -11.20 35.28
C ASN C 49 -24.41 -12.32 34.54
N ALA C 50 -24.89 -13.33 35.27
CA ALA C 50 -25.48 -14.50 34.63
C ALA C 50 -26.68 -14.13 33.78
N ALA C 51 -27.29 -12.97 34.07
CA ALA C 51 -28.24 -12.42 33.11
C ALA C 51 -27.49 -11.86 31.91
N TYR C 52 -26.50 -11.01 32.14
CA TYR C 52 -25.95 -10.24 31.04
C TYR C 52 -25.20 -11.11 30.07
N SER C 53 -24.46 -12.10 30.54
CA SER C 53 -23.65 -12.88 29.63
C SER C 53 -24.52 -13.67 28.67
N ALA C 54 -25.67 -14.16 29.14
CA ALA C 54 -26.56 -14.88 28.24
C ALA C 54 -27.10 -13.97 27.16
N GLY C 55 -26.97 -12.66 27.34
CA GLY C 55 -27.33 -11.75 26.27
C GLY C 55 -26.42 -11.87 25.07
N ILE C 56 -25.16 -12.24 25.29
CA ILE C 56 -24.22 -12.21 24.18
C ILE C 56 -23.91 -13.62 23.70
N LEU C 57 -24.80 -14.57 23.94
CA LEU C 57 -24.75 -15.82 23.22
C LEU C 57 -26.07 -16.20 22.56
N LEU C 58 -27.09 -15.37 22.65
CA LEU C 58 -28.38 -15.69 22.05
C LEU C 58 -28.93 -14.58 21.17
N ALA C 59 -28.78 -13.33 21.53
CA ALA C 59 -29.38 -12.33 20.67
C ALA C 59 -28.53 -12.12 19.42
N PRO C 60 -27.27 -11.72 19.55
CA PRO C 60 -26.45 -11.45 18.36
C PRO C 60 -26.29 -12.66 17.46
N PRO C 61 -26.37 -13.88 17.97
CA PRO C 61 -26.53 -14.99 17.03
C PRO C 61 -27.83 -14.91 16.27
N LEU C 62 -28.95 -14.83 16.98
CA LEU C 62 -30.25 -14.89 16.33
C LEU C 62 -30.43 -13.78 15.32
N VAL C 63 -29.83 -12.62 15.56
CA VAL C 63 -29.86 -11.55 14.57
C VAL C 63 -29.17 -12.00 13.29
N LEU C 64 -27.97 -12.55 13.40
CA LEU C 64 -27.26 -12.93 12.19
C LEU C 64 -27.98 -14.04 11.44
N PHE C 65 -28.82 -14.81 12.13
CA PHE C 65 -29.62 -15.80 11.42
C PHE C 65 -30.68 -15.14 10.55
N LEU C 66 -31.59 -14.39 11.16
CA LEU C 66 -32.67 -13.74 10.42
C LEU C 66 -32.16 -12.79 9.35
N LEU C 67 -30.96 -12.25 9.52
CA LEU C 67 -30.40 -11.42 8.47
C LEU C 67 -29.89 -12.27 7.32
N GLY C 68 -29.94 -13.59 7.46
CA GLY C 68 -29.59 -14.46 6.35
C GLY C 68 -30.77 -14.78 5.47
N LEU C 69 -31.93 -15.02 6.07
CA LEU C 69 -33.12 -15.29 5.26
C LEU C 69 -33.48 -14.08 4.42
N VAL C 70 -33.66 -12.92 5.04
CA VAL C 70 -34.10 -11.73 4.32
C VAL C 70 -33.07 -11.32 3.28
N MET C 71 -31.80 -11.69 3.47
CA MET C 71 -30.76 -11.21 2.59
C MET C 71 -30.84 -11.84 1.21
N ASN C 72 -31.30 -13.08 1.13
CA ASN C 72 -31.34 -13.74 -0.17
C ASN C 72 -32.70 -13.57 -0.83
N ASN C 73 -32.70 -13.65 -2.16
CA ASN C 73 -33.83 -13.24 -2.99
C ASN C 73 -34.77 -14.38 -3.32
N ASN C 74 -35.25 -15.10 -2.30
CA ASN C 74 -36.14 -16.23 -2.54
C ASN C 74 -37.37 -16.25 -1.65
N VAL C 75 -37.32 -15.63 -0.47
CA VAL C 75 -38.33 -15.91 0.56
C VAL C 75 -39.72 -15.49 0.11
N SER C 76 -39.81 -14.47 -0.75
CA SER C 76 -41.11 -14.05 -1.26
C SER C 76 -41.80 -15.19 -1.99
N MET C 77 -41.08 -15.85 -2.90
CA MET C 77 -41.67 -16.94 -3.68
C MET C 77 -42.18 -18.05 -2.78
N LEU C 78 -41.48 -18.33 -1.68
CA LEU C 78 -41.99 -19.27 -0.70
C LEU C 78 -43.08 -18.62 0.14
N ALA C 79 -42.86 -17.37 0.56
CA ALA C 79 -43.86 -16.69 1.38
C ALA C 79 -45.15 -16.47 0.60
N GLU C 80 -45.03 -16.10 -0.68
CA GLU C 80 -46.22 -15.85 -1.49
C GLU C 80 -47.06 -17.11 -1.64
N GLU C 81 -46.42 -18.22 -2.02
CA GLU C 81 -47.18 -19.43 -2.34
C GLU C 81 -47.56 -20.23 -1.09
N TRP C 82 -47.08 -19.84 0.09
CA TRP C 82 -47.52 -20.52 1.29
C TRP C 82 -48.84 -19.96 1.80
N LYS C 83 -48.95 -18.63 1.88
CA LYS C 83 -50.19 -17.98 2.30
C LYS C 83 -51.38 -18.38 1.44
N ARG C 84 -51.18 -18.64 0.16
CA ARG C 84 -52.27 -19.06 -0.70
C ARG C 84 -52.80 -20.42 -0.25
N PRO C 85 -53.99 -20.82 -0.72
CA PRO C 85 -54.55 -22.11 -0.34
C PRO C 85 -53.87 -23.25 -1.07
N PRO C 86 -53.86 -24.44 -0.50
CA PRO C 86 -53.39 -25.61 -1.24
C PRO C 86 -54.22 -25.83 -2.50
N GLY C 87 -53.64 -26.57 -3.45
CA GLY C 87 -54.31 -26.80 -4.72
C GLY C 87 -53.95 -25.73 -5.73
N ARG C 88 -54.22 -24.47 -5.38
CA ARG C 88 -53.79 -23.35 -6.21
C ARG C 88 -52.28 -23.24 -6.30
N ARG C 89 -51.54 -23.83 -5.36
CA ARG C 89 -50.08 -23.80 -5.36
C ARG C 89 -49.57 -24.39 -6.67
N ALA C 90 -48.87 -23.59 -7.46
CA ALA C 90 -48.29 -24.07 -8.70
C ALA C 90 -47.06 -24.95 -8.49
N LYS C 91 -46.76 -25.31 -7.25
CA LYS C 91 -45.58 -26.10 -6.94
C LYS C 91 -45.92 -27.18 -5.92
N ASP C 92 -45.29 -28.34 -6.08
CA ASP C 92 -45.50 -29.45 -5.19
C ASP C 92 -44.94 -29.14 -3.81
N PRO C 93 -45.48 -29.75 -2.76
CA PRO C 93 -44.83 -29.69 -1.45
C PRO C 93 -43.37 -30.07 -1.48
N ALA C 94 -42.99 -31.03 -2.33
CA ALA C 94 -41.61 -31.45 -2.41
C ALA C 94 -40.69 -30.30 -2.76
N VAL C 95 -40.98 -29.61 -3.86
CA VAL C 95 -40.15 -28.48 -4.25
C VAL C 95 -40.22 -27.37 -3.20
N LEU C 96 -41.36 -27.25 -2.53
CA LEU C 96 -41.43 -26.34 -1.41
C LEU C 96 -40.52 -26.82 -0.28
N ARG C 97 -40.72 -28.04 0.20
CA ARG C 97 -39.98 -28.52 1.35
C ARG C 97 -38.47 -28.49 1.11
N TYR C 98 -38.03 -28.91 -0.07
CA TYR C 98 -36.61 -28.80 -0.37
C TYR C 98 -36.17 -27.36 -0.38
N MET C 99 -36.74 -26.56 -1.29
CA MET C 99 -36.30 -25.18 -1.45
C MET C 99 -36.37 -24.37 -0.18
N PHE C 100 -37.32 -24.67 0.71
CA PHE C 100 -37.32 -24.06 2.02
C PHE C 100 -36.15 -24.53 2.88
N CYS C 101 -35.82 -25.81 2.83
CA CYS C 101 -34.70 -26.34 3.60
C CYS C 101 -33.36 -25.88 3.06
N SER C 102 -33.26 -25.56 1.78
CA SER C 102 -32.01 -25.08 1.24
C SER C 102 -31.80 -23.60 1.52
N MET C 103 -32.64 -23.03 2.37
CA MET C 103 -32.37 -21.68 2.85
C MET C 103 -31.65 -21.73 4.19
N ALA C 104 -32.03 -22.69 5.04
CA ALA C 104 -31.38 -22.83 6.34
C ALA C 104 -29.89 -23.12 6.19
N GLN C 105 -29.54 -24.14 5.41
CA GLN C 105 -28.15 -24.60 5.37
C GLN C 105 -27.25 -23.61 4.64
N ARG C 106 -27.80 -22.51 4.14
CA ARG C 106 -26.95 -21.42 3.69
C ARG C 106 -26.93 -20.29 4.71
N ALA C 107 -27.87 -20.31 5.64
CA ALA C 107 -27.92 -19.25 6.66
C ALA C 107 -27.11 -19.65 7.89
N LEU C 108 -27.03 -20.95 8.18
CA LEU C 108 -26.40 -21.41 9.41
C LEU C 108 -24.89 -21.23 9.42
N TRP C 109 -24.30 -20.62 8.39
CA TRP C 109 -22.85 -20.45 8.39
C TRP C 109 -22.43 -19.26 9.22
N ALA C 110 -23.33 -18.30 9.44
CA ALA C 110 -23.01 -17.21 10.34
C ALA C 110 -23.20 -17.56 11.81
N PRO C 111 -24.31 -18.14 12.23
CA PRO C 111 -24.54 -18.29 13.68
C PRO C 111 -23.84 -19.48 14.30
N VAL C 112 -22.83 -20.03 13.66
CA VAL C 112 -22.00 -21.03 14.33
C VAL C 112 -20.59 -20.49 14.46
N VAL C 113 -20.21 -19.58 13.59
CA VAL C 113 -18.92 -18.93 13.72
C VAL C 113 -18.97 -17.89 14.83
N TRP C 114 -20.15 -17.37 15.14
CA TRP C 114 -20.23 -16.37 16.20
C TRP C 114 -20.63 -17.01 17.51
N VAL C 115 -20.55 -18.33 17.61
CA VAL C 115 -20.65 -18.96 18.91
C VAL C 115 -19.33 -19.64 19.25
N ALA C 116 -18.58 -20.05 18.25
CA ALA C 116 -17.21 -20.42 18.51
C ALA C 116 -16.39 -19.22 18.94
N VAL C 117 -16.35 -18.18 18.12
CA VAL C 117 -15.37 -17.12 18.30
C VAL C 117 -15.73 -16.17 19.43
N THR C 118 -16.79 -16.47 20.18
CA THR C 118 -16.93 -15.86 21.50
C THR C 118 -16.97 -16.89 22.59
N LEU C 119 -16.46 -18.08 22.35
CA LEU C 119 -16.04 -18.96 23.42
C LEU C 119 -14.53 -19.08 23.51
N LEU C 120 -13.83 -19.10 22.38
CA LEU C 120 -12.39 -19.34 22.41
C LEU C 120 -11.64 -18.21 23.10
N ASP C 121 -12.26 -17.03 23.20
CA ASP C 121 -11.57 -15.98 23.93
C ASP C 121 -12.14 -15.82 25.33
N GLY C 122 -13.14 -16.62 25.69
CA GLY C 122 -13.49 -16.81 27.07
C GLY C 122 -14.14 -15.64 27.77
N LYS C 123 -14.01 -14.42 27.24
CA LYS C 123 -14.59 -13.26 27.90
C LYS C 123 -16.07 -13.45 28.15
N CYS C 124 -16.78 -13.99 27.17
CA CYS C 124 -18.20 -14.24 27.34
C CYS C 124 -18.45 -15.23 28.45
N PHE C 125 -17.52 -16.14 28.69
CA PHE C 125 -17.75 -17.16 29.70
C PHE C 125 -17.27 -16.71 31.07
N LEU C 126 -16.28 -15.83 31.10
CA LEU C 126 -15.68 -15.44 32.37
C LEU C 126 -16.69 -14.72 33.25
N CYS C 127 -17.38 -13.73 32.70
CA CYS C 127 -18.34 -12.98 33.49
C CYS C 127 -19.63 -13.73 33.72
N ALA C 128 -19.67 -15.03 33.45
CA ALA C 128 -20.92 -15.75 33.55
C ALA C 128 -20.89 -16.81 34.64
N PHE C 129 -19.71 -17.20 35.10
CA PHE C 129 -19.64 -18.22 36.12
C PHE C 129 -18.59 -17.90 37.17
N CYS C 130 -18.14 -16.65 37.21
CA CYS C 130 -17.19 -16.31 38.24
C CYS C 130 -17.79 -16.36 39.63
N THR C 131 -19.11 -16.19 39.75
CA THR C 131 -19.74 -16.18 41.06
C THR C 131 -19.58 -17.49 41.80
N ALA C 132 -19.38 -18.59 41.08
CA ALA C 132 -19.18 -19.89 41.72
C ALA C 132 -17.89 -20.54 41.23
N VAL C 133 -16.80 -20.14 41.88
CA VAL C 133 -15.51 -20.77 41.73
C VAL C 133 -15.21 -21.50 43.04
N PRO C 134 -14.62 -22.68 43.01
CA PRO C 134 -14.24 -23.31 44.28
C PRO C 134 -13.04 -22.58 44.84
N VAL C 135 -13.27 -21.74 45.84
CA VAL C 135 -12.22 -20.87 46.36
C VAL C 135 -11.20 -21.66 47.14
N SER C 136 -11.62 -22.78 47.74
CA SER C 136 -10.69 -23.64 48.45
C SER C 136 -9.67 -24.28 47.53
N ALA C 137 -9.96 -24.39 46.23
CA ALA C 137 -9.07 -25.05 45.29
C ALA C 137 -8.01 -24.06 44.84
N LEU C 138 -6.77 -24.32 45.24
CA LEU C 138 -5.65 -23.43 44.93
C LEU C 138 -5.90 -22.05 45.54
N GLY C 139 -6.01 -22.02 46.86
CA GLY C 139 -6.41 -20.81 47.55
C GLY C 139 -5.38 -20.19 48.47
N ASN C 140 -4.12 -20.57 48.32
CA ASN C 140 -3.01 -19.95 49.05
C ASN C 140 -3.24 -20.02 50.57
N GLY C 141 -3.20 -21.26 51.08
CA GLY C 141 -3.49 -21.52 52.49
C GLY C 141 -4.95 -21.16 52.76
N SER C 142 -5.90 -21.87 52.15
CA SER C 142 -7.31 -21.49 52.28
C SER C 142 -7.96 -22.01 53.56
N LEU C 143 -9.28 -21.92 53.63
CA LEU C 143 -10.02 -22.32 54.80
C LEU C 143 -11.24 -21.46 55.08
N ALA C 144 -11.44 -20.43 54.24
CA ALA C 144 -12.58 -19.53 54.35
C ALA C 144 -12.66 -18.94 55.75
N PRO C 145 -11.81 -17.96 56.07
CA PRO C 145 -11.72 -17.49 57.46
C PRO C 145 -12.98 -16.79 57.92
N GLY C 146 -14.02 -17.59 58.21
CA GLY C 146 -15.27 -17.06 58.71
C GLY C 146 -16.05 -16.22 57.74
N LEU C 147 -15.76 -16.33 56.45
CA LEU C 147 -16.39 -15.46 55.47
C LEU C 147 -17.86 -15.83 55.32
N PRO C 148 -18.76 -14.87 55.19
CA PRO C 148 -20.18 -15.19 55.04
C PRO C 148 -20.54 -15.45 53.59
N ALA C 149 -21.81 -15.76 53.31
CA ALA C 149 -22.24 -15.88 51.93
C ALA C 149 -22.38 -14.51 51.27
N PRO C 150 -23.23 -13.61 51.74
CA PRO C 150 -23.22 -12.25 51.21
C PRO C 150 -21.92 -11.56 51.61
N GLU C 151 -21.58 -10.51 50.89
CA GLU C 151 -20.31 -9.81 51.05
C GLU C 151 -19.13 -10.71 50.71
N LEU C 152 -19.38 -11.78 50.01
CA LEU C 152 -18.40 -12.60 49.33
C LEU C 152 -18.74 -12.76 47.86
N ALA C 153 -20.02 -12.91 47.54
CA ALA C 153 -20.45 -12.77 46.16
C ALA C 153 -20.01 -11.43 45.60
N ARG C 154 -20.12 -10.36 46.40
CA ARG C 154 -19.58 -9.08 45.97
C ARG C 154 -18.06 -9.06 46.05
N LEU C 155 -17.47 -10.09 46.63
CA LEU C 155 -16.01 -10.21 46.61
C LEU C 155 -15.54 -10.98 45.40
N LEU C 156 -16.13 -12.15 45.16
CA LEU C 156 -15.78 -12.89 43.95
C LEU C 156 -16.14 -12.14 42.70
N ALA C 157 -17.33 -11.56 42.65
CA ALA C 157 -17.90 -11.16 41.37
C ALA C 157 -17.11 -10.08 40.67
N ARG C 158 -16.20 -9.41 41.35
CA ARG C 158 -15.47 -8.37 40.67
C ARG C 158 -14.39 -8.91 39.76
N VAL C 159 -14.13 -10.22 39.79
CA VAL C 159 -12.88 -10.78 39.28
C VAL C 159 -12.51 -10.30 37.88
N PRO C 160 -13.43 -10.19 36.92
CA PRO C 160 -13.02 -9.70 35.61
C PRO C 160 -12.65 -8.23 35.60
N CYS C 161 -13.32 -7.42 36.40
CA CYS C 161 -13.01 -6.00 36.38
C CYS C 161 -11.66 -5.79 37.06
N PRO C 162 -10.58 -5.59 36.31
CA PRO C 162 -9.23 -5.70 36.91
C PRO C 162 -8.92 -4.65 37.97
N GLU C 163 -8.98 -3.37 37.62
CA GLU C 163 -8.46 -2.36 38.53
C GLU C 163 -9.34 -2.19 39.75
N ILE C 164 -10.56 -2.69 39.71
CA ILE C 164 -11.45 -2.58 40.86
C ILE C 164 -11.50 -3.86 41.68
N TYR C 165 -10.53 -4.75 41.53
CA TYR C 165 -10.54 -5.97 42.32
C TYR C 165 -10.27 -5.67 43.78
N ASP C 166 -11.00 -6.36 44.67
CA ASP C 166 -10.83 -6.11 46.10
C ASP C 166 -9.44 -6.47 46.59
N GLY C 167 -9.09 -7.75 46.56
CA GLY C 167 -7.81 -8.14 47.13
C GLY C 167 -7.53 -9.62 47.31
N ASP C 168 -6.48 -9.91 48.06
CA ASP C 168 -5.90 -11.24 48.12
C ASP C 168 -6.68 -12.21 49.00
N TRP C 169 -7.81 -11.81 49.55
CA TRP C 169 -8.52 -12.67 50.47
C TRP C 169 -9.00 -13.91 49.76
N LEU C 170 -8.34 -15.03 50.04
CA LEU C 170 -8.75 -16.31 49.52
C LEU C 170 -8.65 -16.34 48.00
N LEU C 171 -7.84 -15.47 47.42
CA LEU C 171 -7.67 -15.52 45.98
C LEU C 171 -6.60 -14.53 45.56
N ALA C 172 -5.87 -14.89 44.53
CA ALA C 172 -5.15 -13.93 43.72
C ALA C 172 -5.99 -13.67 42.49
N ARG C 173 -5.57 -12.74 41.64
CA ARG C 173 -6.32 -12.54 40.42
C ARG C 173 -5.89 -13.55 39.36
N GLU C 174 -4.60 -13.75 39.20
CA GLU C 174 -4.14 -14.54 38.07
C GLU C 174 -4.25 -16.04 38.31
N VAL C 175 -5.07 -16.48 39.25
CA VAL C 175 -5.36 -17.89 39.38
C VAL C 175 -6.86 -18.14 39.33
N ALA C 176 -7.68 -17.11 39.53
CA ALA C 176 -9.11 -17.25 39.30
C ALA C 176 -9.44 -17.05 37.83
N VAL C 177 -8.81 -16.07 37.21
CA VAL C 177 -8.72 -16.05 35.76
C VAL C 177 -7.60 -17.01 35.45
N ARG C 178 -7.45 -17.40 34.19
CA ARG C 178 -6.46 -18.39 33.79
C ARG C 178 -6.74 -19.74 34.42
N TYR C 179 -7.95 -19.93 34.91
CA TYR C 179 -8.51 -21.24 35.16
C TYR C 179 -9.95 -21.31 34.69
N LEU C 180 -10.56 -20.15 34.43
CA LEU C 180 -11.82 -20.11 33.73
C LEU C 180 -11.63 -19.82 32.26
N ARG C 181 -10.42 -19.47 31.84
CA ARG C 181 -10.18 -19.42 30.41
C ARG C 181 -9.62 -20.74 29.91
N CYS C 182 -9.33 -21.67 30.82
CA CYS C 182 -9.05 -23.03 30.39
C CYS C 182 -10.33 -23.79 30.10
N ILE C 183 -11.21 -23.90 31.09
CA ILE C 183 -12.47 -24.63 30.91
C ILE C 183 -13.23 -24.11 29.70
N SER C 184 -13.21 -22.80 29.47
CA SER C 184 -13.90 -22.26 28.32
C SER C 184 -13.33 -22.81 27.03
N GLN C 185 -12.02 -22.70 26.84
CA GLN C 185 -11.44 -23.15 25.58
C GLN C 185 -11.57 -24.65 25.38
N ALA C 186 -12.03 -25.38 26.39
CA ALA C 186 -12.33 -26.78 26.18
C ALA C 186 -13.68 -26.94 25.49
N LEU C 187 -14.67 -26.15 25.87
CA LEU C 187 -15.93 -26.23 25.17
C LEU C 187 -15.75 -25.77 23.73
N GLY C 188 -14.94 -24.74 23.51
CA GLY C 188 -14.81 -24.17 22.18
C GLY C 188 -14.32 -25.17 21.16
N TRP C 189 -13.47 -26.10 21.57
CA TRP C 189 -13.07 -27.15 20.65
C TRP C 189 -14.06 -28.30 20.65
N SER C 190 -14.49 -28.75 21.84
CA SER C 190 -15.43 -29.84 21.90
C SER C 190 -16.82 -29.42 21.43
N PHE C 191 -17.00 -28.15 21.10
CA PHE C 191 -18.19 -27.74 20.40
C PHE C 191 -17.97 -27.75 18.89
N VAL C 192 -16.95 -27.02 18.42
CA VAL C 192 -16.73 -26.92 16.97
C VAL C 192 -16.45 -28.28 16.37
N LEU C 193 -15.88 -29.19 17.15
CA LEU C 193 -15.74 -30.56 16.68
C LEU C 193 -17.11 -31.16 16.37
N LEU C 194 -18.01 -31.17 17.35
CA LEU C 194 -19.31 -31.80 17.17
C LEU C 194 -20.08 -31.21 16.00
N THR C 195 -20.02 -29.90 15.82
CA THR C 195 -20.75 -29.30 14.70
C THR C 195 -20.21 -29.76 13.36
N THR C 196 -18.89 -29.66 13.16
CA THR C 196 -18.35 -30.04 11.86
C THR C 196 -18.57 -31.50 11.58
N LEU C 197 -18.45 -32.35 12.59
CA LEU C 197 -18.79 -33.76 12.41
C LEU C 197 -20.25 -33.92 12.00
N LEU C 198 -21.12 -33.04 12.51
CA LEU C 198 -22.52 -33.09 12.08
C LEU C 198 -22.72 -32.45 10.74
N ALA C 199 -21.72 -31.71 10.25
CA ALA C 199 -21.75 -31.28 8.87
C ALA C 199 -21.45 -32.45 7.95
N PHE C 200 -20.81 -33.48 8.48
CA PHE C 200 -20.48 -34.65 7.68
C PHE C 200 -21.73 -35.41 7.28
N VAL C 201 -22.37 -35.83 8.33
CA VAL C 201 -23.50 -36.61 8.22
C VAL C 201 -24.47 -35.99 7.34
N VAL C 202 -24.71 -34.69 7.40
CA VAL C 202 -25.80 -34.18 6.58
C VAL C 202 -25.65 -34.38 5.11
N ARG C 203 -24.49 -34.01 4.59
CA ARG C 203 -24.27 -34.15 3.19
C ARG C 203 -24.24 -35.59 2.87
N SER C 204 -23.46 -36.29 3.69
CA SER C 204 -23.26 -37.68 3.43
C SER C 204 -24.46 -38.55 3.46
N VAL C 205 -25.53 -38.20 4.15
CA VAL C 205 -26.62 -39.04 3.95
C VAL C 205 -27.63 -38.54 3.04
N ARG C 206 -28.21 -37.36 3.21
CA ARG C 206 -29.57 -37.46 2.56
C ARG C 206 -30.60 -36.32 2.51
N PRO C 207 -31.53 -36.27 3.59
CA PRO C 207 -32.60 -35.28 3.83
C PRO C 207 -32.99 -34.44 2.63
N CYS C 208 -33.84 -35.01 1.77
CA CYS C 208 -34.48 -34.31 0.66
C CYS C 208 -33.49 -33.99 -0.46
N PHE C 209 -32.70 -34.99 -0.83
CA PHE C 209 -31.79 -34.90 -1.97
C PHE C 209 -32.34 -35.60 -3.20
N THR C 210 -33.64 -35.89 -3.23
CA THR C 210 -34.25 -36.69 -4.28
C THR C 210 -33.97 -36.12 -5.66
N GLN C 211 -33.54 -37.00 -6.58
CA GLN C 211 -33.18 -36.56 -7.92
C GLN C 211 -34.38 -35.92 -8.63
N ALA C 212 -35.59 -36.34 -8.26
CA ALA C 212 -36.78 -35.76 -8.88
C ALA C 212 -36.86 -34.27 -8.61
N ALA C 213 -36.97 -33.90 -7.34
CA ALA C 213 -37.38 -32.53 -7.02
C ALA C 213 -36.23 -31.56 -7.18
N PHE C 214 -34.99 -32.04 -7.01
CA PHE C 214 -33.84 -31.19 -7.27
C PHE C 214 -33.88 -30.67 -8.70
N LEU C 215 -34.29 -31.53 -9.63
CA LEU C 215 -34.37 -31.12 -11.02
C LEU C 215 -35.39 -30.00 -11.20
N LYS C 216 -36.63 -30.23 -10.75
CA LYS C 216 -37.68 -29.25 -10.95
C LYS C 216 -37.30 -27.90 -10.36
N SER C 217 -36.62 -27.92 -9.22
CA SER C 217 -36.24 -26.67 -8.57
C SER C 217 -35.30 -25.86 -9.45
N LYS C 218 -34.11 -26.39 -9.70
CA LYS C 218 -33.08 -25.62 -10.40
C LYS C 218 -33.56 -25.20 -11.78
N TYR C 219 -34.42 -25.99 -12.40
CA TYR C 219 -35.09 -25.54 -13.61
C TYR C 219 -35.90 -24.30 -13.32
N TRP C 220 -36.70 -24.33 -12.27
CA TRP C 220 -37.62 -23.23 -11.99
C TRP C 220 -36.86 -21.94 -11.69
N SER C 221 -35.94 -21.99 -10.74
CA SER C 221 -35.19 -20.79 -10.38
C SER C 221 -34.37 -20.29 -11.57
N HIS C 222 -33.97 -21.19 -12.46
CA HIS C 222 -33.34 -20.74 -13.68
C HIS C 222 -34.34 -20.00 -14.56
N TYR C 223 -35.61 -20.34 -14.45
CA TYR C 223 -36.61 -19.77 -15.34
C TYR C 223 -36.95 -18.34 -14.96
N ILE C 224 -36.95 -18.04 -13.66
CA ILE C 224 -37.27 -16.70 -13.22
C ILE C 224 -36.25 -15.70 -13.76
N ASP C 225 -35.00 -16.14 -13.92
CA ASP C 225 -33.96 -15.25 -14.43
C ASP C 225 -34.31 -14.76 -15.82
N ILE C 226 -34.57 -15.68 -16.75
CA ILE C 226 -34.82 -15.29 -18.13
C ILE C 226 -36.07 -14.44 -18.24
N GLU C 227 -37.05 -14.66 -17.36
CA GLU C 227 -38.27 -13.89 -17.40
C GLU C 227 -37.98 -12.42 -17.13
N ARG C 228 -37.30 -12.13 -16.02
CA ARG C 228 -37.01 -10.74 -15.68
C ARG C 228 -36.11 -10.10 -16.73
N LYS C 229 -35.04 -10.79 -17.12
CA LYS C 229 -34.10 -10.21 -18.08
C LYS C 229 -34.76 -9.92 -19.40
N LEU C 230 -35.71 -10.76 -19.81
CA LEU C 230 -36.32 -10.59 -21.11
C LEU C 230 -37.41 -9.55 -21.14
N PHE C 231 -38.08 -9.29 -20.01
CA PHE C 231 -39.16 -8.32 -20.01
C PHE C 231 -38.66 -6.93 -20.37
N ASP C 232 -37.46 -6.58 -19.90
CA ASP C 232 -36.90 -5.27 -20.19
C ASP C 232 -36.72 -5.05 -21.68
N GLU C 233 -36.46 -6.11 -22.44
CA GLU C 233 -36.27 -5.97 -23.87
C GLU C 233 -37.52 -5.40 -24.53
N THR C 234 -38.68 -6.00 -24.27
CA THR C 234 -39.91 -5.54 -24.91
C THR C 234 -40.23 -4.10 -24.52
N CYS C 235 -39.95 -3.73 -23.27
CA CYS C 235 -40.23 -2.37 -22.82
C CYS C 235 -39.42 -1.37 -23.61
N THR C 236 -38.08 -1.46 -23.51
CA THR C 236 -37.21 -0.54 -24.23
C THR C 236 -37.49 -0.58 -25.72
N GLU C 237 -37.81 -1.76 -26.25
CA GLU C 237 -38.25 -1.84 -27.64
C GLU C 237 -39.55 -1.09 -27.84
N HIS C 238 -40.61 -1.51 -27.12
CA HIS C 238 -41.92 -0.91 -27.34
C HIS C 238 -41.93 0.58 -27.01
N ALA C 239 -41.04 1.02 -26.12
CA ALA C 239 -40.99 2.43 -25.80
C ALA C 239 -40.33 3.24 -26.91
N LYS C 240 -39.28 2.69 -27.52
CA LYS C 240 -38.52 3.42 -28.52
C LYS C 240 -39.41 3.90 -29.66
N ALA C 241 -40.35 3.06 -30.09
CA ALA C 241 -41.29 3.49 -31.11
C ALA C 241 -42.20 4.61 -30.62
N PHE C 242 -42.36 4.75 -29.30
CA PHE C 242 -43.29 5.73 -28.78
C PHE C 242 -42.66 7.10 -28.54
N ALA C 243 -41.37 7.17 -28.24
CA ALA C 243 -40.76 8.47 -27.96
C ALA C 243 -40.71 9.35 -29.18
N LYS C 244 -40.55 8.75 -30.37
CA LYS C 244 -40.32 9.53 -31.58
C LYS C 244 -41.47 10.47 -31.87
N VAL C 245 -42.69 10.10 -31.47
CA VAL C 245 -43.82 10.97 -31.75
C VAL C 245 -43.74 12.26 -30.93
N CYS C 246 -43.25 12.19 -29.70
CA CYS C 246 -43.29 13.37 -28.85
C CYS C 246 -42.03 14.21 -28.96
N ILE C 247 -40.85 13.57 -28.92
CA ILE C 247 -39.59 14.30 -28.95
C ILE C 247 -39.50 15.20 -30.17
N GLN C 248 -40.03 14.74 -31.30
CA GLN C 248 -40.05 15.59 -32.49
C GLN C 248 -40.89 16.84 -32.26
N GLN C 249 -41.89 16.76 -31.38
CA GLN C 249 -42.75 17.92 -31.16
C GLN C 249 -41.99 19.04 -30.47
N PHE C 250 -41.05 18.69 -29.59
CA PHE C 250 -40.21 19.71 -28.96
C PHE C 250 -39.43 20.48 -30.02
N PHE C 251 -38.76 19.76 -30.91
CA PHE C 251 -38.25 20.38 -32.11
C PHE C 251 -39.42 20.93 -32.93
N GLU C 252 -39.14 21.97 -33.71
CA GLU C 252 -40.13 22.54 -34.62
C GLU C 252 -41.31 23.14 -33.87
N ALA C 253 -41.19 23.29 -32.56
CA ALA C 253 -42.31 23.69 -31.73
C ALA C 253 -41.96 24.79 -30.78
N MET C 254 -40.67 25.11 -30.68
CA MET C 254 -40.27 26.25 -29.87
C MET C 254 -40.25 27.54 -30.70
N ASN C 255 -39.48 27.54 -31.78
CA ASN C 255 -39.48 28.64 -32.73
C ASN C 255 -39.39 28.16 -34.17
N HIS C 256 -39.21 26.86 -34.41
CA HIS C 256 -38.95 26.30 -35.74
C HIS C 256 -37.64 26.82 -36.32
N ASP C 257 -36.79 27.40 -35.48
CA ASP C 257 -35.53 27.97 -35.90
C ASP C 257 -34.85 28.55 -34.68
N LEU C 258 -33.67 29.11 -34.90
CA LEU C 258 -32.93 29.83 -33.86
C LEU C 258 -32.77 31.28 -34.29
N GLU C 259 -32.89 32.18 -33.33
CA GLU C 259 -32.64 33.59 -33.57
C GLU C 259 -31.16 33.89 -33.79
N LEU C 260 -30.28 32.97 -33.41
CA LEU C 260 -28.84 33.15 -33.54
C LEU C 260 -28.35 32.98 -34.98
N GLY C 261 -29.26 32.84 -35.94
CA GLY C 261 -28.85 32.77 -37.33
C GLY C 261 -28.15 34.06 -37.74
N HIS C 262 -26.91 33.93 -38.16
CA HIS C 262 -26.11 35.10 -38.56
C HIS C 262 -26.28 35.37 -40.05
N MET D 1 -10.28 4.17 18.40
CA MET D 1 -11.61 4.60 18.00
C MET D 1 -11.84 4.32 16.53
N MET D 2 -10.75 4.03 15.81
CA MET D 2 -10.84 3.74 14.39
C MET D 2 -11.61 2.47 14.09
N ASP D 3 -11.79 1.59 15.09
CA ASP D 3 -12.36 0.27 14.85
C ASP D 3 -13.78 0.35 14.27
N LYS D 4 -14.60 1.26 14.79
CA LYS D 4 -16.01 1.28 14.38
C LYS D 4 -16.16 1.67 12.92
N PHE D 5 -15.17 2.38 12.37
CA PHE D 5 -15.24 2.87 11.01
C PHE D 5 -14.17 2.28 10.10
N ARG D 6 -13.01 1.91 10.65
CA ARG D 6 -11.97 1.29 9.83
C ARG D 6 -12.43 -0.06 9.28
N MET D 7 -13.40 -0.68 9.96
CA MET D 7 -13.99 -1.93 9.49
C MET D 7 -14.64 -1.79 8.13
N ILE D 8 -15.61 -0.89 7.98
CA ILE D 8 -16.22 -0.66 6.68
C ILE D 8 -15.21 -0.09 5.70
N PHE D 9 -14.13 0.53 6.21
CA PHE D 9 -13.07 1.05 5.36
C PHE D 9 -12.46 -0.01 4.47
N GLN D 10 -11.96 -1.10 5.04
CA GLN D 10 -11.48 -2.20 4.22
C GLN D 10 -12.64 -2.97 3.60
N PHE D 11 -13.78 -3.01 4.29
CA PHE D 11 -14.99 -3.59 3.70
C PHE D 11 -15.39 -2.82 2.45
N LEU D 12 -15.34 -1.50 2.51
CA LEU D 12 -15.42 -0.70 1.30
C LEU D 12 -14.29 -1.06 0.35
N GLN D 13 -13.07 -1.15 0.88
CA GLN D 13 -11.94 -1.62 0.11
C GLN D 13 -12.10 -3.05 -0.37
N SER D 14 -12.98 -3.82 0.26
CA SER D 14 -13.13 -5.23 -0.07
C SER D 14 -13.54 -5.47 -1.51
N ASN D 15 -14.73 -5.05 -1.90
CA ASN D 15 -15.22 -5.36 -3.24
C ASN D 15 -16.18 -4.26 -3.67
N GLN D 16 -16.83 -4.48 -4.81
CA GLN D 16 -17.77 -3.53 -5.38
C GLN D 16 -19.06 -4.25 -5.77
N GLU D 17 -19.58 -5.05 -4.85
CA GLU D 17 -20.79 -5.82 -5.09
C GLU D 17 -21.89 -5.32 -4.18
N SER D 18 -22.91 -4.69 -4.78
CA SER D 18 -24.03 -4.16 -4.02
C SER D 18 -25.18 -3.74 -4.93
N PHE D 19 -26.16 -3.03 -4.36
CA PHE D 19 -27.31 -2.55 -5.09
C PHE D 19 -27.63 -1.13 -4.63
N MET D 20 -28.85 -0.65 -4.91
CA MET D 20 -29.32 0.64 -4.43
C MET D 20 -29.06 0.80 -2.93
N ASN D 21 -29.32 -0.26 -2.16
CA ASN D 21 -28.88 -0.28 -0.76
C ASN D 21 -27.38 -0.14 -0.66
N GLY D 22 -26.64 -0.81 -1.54
CA GLY D 22 -25.20 -0.57 -1.63
C GLY D 22 -24.90 0.84 -2.12
N ILE D 23 -25.76 1.38 -2.97
CA ILE D 23 -25.69 2.81 -3.29
C ILE D 23 -25.97 3.63 -2.04
N CYS D 24 -26.95 3.20 -1.24
CA CYS D 24 -27.09 3.74 0.10
C CYS D 24 -25.87 3.42 0.94
N GLY D 25 -25.19 2.30 0.63
CA GLY D 25 -23.92 2.01 1.27
C GLY D 25 -22.89 3.08 1.02
N ILE D 26 -23.03 3.81 -0.10
CA ILE D 26 -22.15 4.95 -0.34
C ILE D 26 -22.30 5.98 0.78
N MET D 27 -23.53 6.22 1.21
CA MET D 27 -23.76 7.21 2.25
C MET D 27 -23.64 6.61 3.65
N ALA D 28 -24.49 5.63 3.97
CA ALA D 28 -24.66 5.23 5.36
C ALA D 28 -23.41 4.54 5.91
N LEU D 29 -22.61 3.91 5.05
CA LEU D 29 -21.32 3.42 5.49
C LEU D 29 -20.50 4.56 6.09
N ALA D 30 -20.56 5.73 5.45
CA ALA D 30 -20.04 6.93 6.09
C ALA D 30 -20.77 7.21 7.40
N SER D 31 -22.09 6.96 7.44
CA SER D 31 -22.82 7.15 8.68
C SER D 31 -22.38 6.16 9.74
N ALA D 32 -21.92 4.97 9.31
CA ALA D 32 -21.26 4.08 10.25
C ALA D 32 -19.91 4.63 10.68
N GLN D 33 -19.34 5.53 9.88
CA GLN D 33 -17.99 6.01 10.13
C GLN D 33 -17.99 7.45 10.62
N MET D 34 -18.93 8.27 10.11
CA MET D 34 -19.01 9.68 10.48
C MET D 34 -19.11 9.84 12.00
N TYR D 35 -19.68 8.86 12.69
CA TYR D 35 -19.66 8.88 14.15
C TYR D 35 -18.23 8.91 14.67
N SER D 36 -17.31 8.26 13.97
CA SER D 36 -15.97 8.04 14.52
C SER D 36 -15.21 9.34 14.74
N ALA D 37 -15.19 10.22 13.74
CA ALA D 37 -14.41 11.46 13.82
C ALA D 37 -15.18 12.58 14.51
N PHE D 38 -16.50 12.55 14.49
CA PHE D 38 -17.32 13.49 15.23
C PHE D 38 -17.32 13.16 16.71
N ASP D 39 -16.69 14.01 17.51
CA ASP D 39 -16.43 13.70 18.91
C ASP D 39 -17.75 13.77 19.69
N PHE D 40 -17.69 13.42 20.97
CA PHE D 40 -18.83 13.51 21.88
C PHE D 40 -18.30 13.88 23.26
N ASN D 41 -18.95 14.85 23.90
CA ASN D 41 -18.52 15.31 25.23
C ASN D 41 -19.66 16.09 25.83
N CYS D 42 -20.14 15.67 26.99
CA CYS D 42 -21.34 16.27 27.53
C CYS D 42 -20.99 17.34 28.55
N PRO D 43 -21.88 18.30 28.76
CA PRO D 43 -21.57 19.46 29.59
C PRO D 43 -21.19 19.12 31.01
N CYS D 44 -21.61 17.98 31.52
CA CYS D 44 -21.52 17.65 32.94
C CYS D 44 -21.86 18.85 33.81
N LEU D 45 -23.11 19.27 33.70
CA LEU D 45 -23.87 20.29 34.40
C LEU D 45 -25.20 19.70 34.87
N PRO D 46 -25.99 20.40 35.69
CA PRO D 46 -27.07 19.73 36.41
C PRO D 46 -28.27 19.35 35.57
N GLY D 47 -28.66 20.15 34.58
CA GLY D 47 -29.89 19.84 33.88
C GLY D 47 -29.76 19.82 32.38
N TYR D 48 -28.66 20.32 31.85
CA TYR D 48 -28.44 20.39 30.41
C TYR D 48 -28.31 19.02 29.78
N ASN D 49 -27.80 18.03 30.52
CA ASN D 49 -27.50 16.73 29.94
C ASN D 49 -28.72 16.15 29.24
N ALA D 50 -29.80 15.93 29.98
CA ALA D 50 -30.98 15.29 29.41
C ALA D 50 -31.56 16.10 28.26
N ALA D 51 -31.25 17.39 28.21
CA ALA D 51 -31.50 18.12 26.97
C ALA D 51 -30.49 17.72 25.91
N TYR D 52 -29.20 17.77 26.23
CA TYR D 52 -28.20 17.67 25.19
C TYR D 52 -28.16 16.29 24.57
N SER D 53 -28.33 15.24 25.36
CA SER D 53 -28.18 13.92 24.80
C SER D 53 -29.29 13.64 23.79
N ALA D 54 -30.49 14.13 24.05
CA ALA D 54 -31.57 13.94 23.09
C ALA D 54 -31.28 14.64 21.78
N GLY D 55 -30.31 15.55 21.78
CA GLY D 55 -29.89 16.14 20.53
C GLY D 55 -29.21 15.16 19.61
N ILE D 56 -28.55 14.15 20.18
CA ILE D 56 -27.76 13.25 19.34
C ILE D 56 -28.45 11.91 19.17
N LEU D 57 -29.76 11.86 19.34
CA LEU D 57 -30.52 10.73 18.85
C LEU D 57 -31.69 11.11 17.97
N LEU D 58 -31.89 12.39 17.68
CA LEU D 58 -33.02 12.81 16.85
C LEU D 58 -32.61 13.72 15.71
N ALA D 59 -31.68 14.61 15.89
CA ALA D 59 -31.38 15.48 14.77
C ALA D 59 -30.53 14.75 13.74
N PRO D 60 -29.34 14.28 14.09
CA PRO D 60 -28.47 13.63 13.11
C PRO D 60 -29.10 12.40 12.47
N PRO D 61 -30.03 11.71 13.14
CA PRO D 61 -30.82 10.75 12.36
C PRO D 61 -31.67 11.42 11.32
N LEU D 62 -32.49 12.38 11.72
CA LEU D 62 -33.44 13.00 10.80
C LEU D 62 -32.75 13.64 9.61
N VAL D 63 -31.54 14.15 9.80
CA VAL D 63 -30.77 14.66 8.68
C VAL D 63 -30.48 13.56 7.69
N LEU D 64 -29.98 12.42 8.17
CA LEU D 64 -29.62 11.35 7.24
C LEU D 64 -30.85 10.81 6.52
N PHE D 65 -32.02 10.99 7.09
CA PHE D 65 -33.24 10.59 6.39
C PHE D 65 -33.50 11.49 5.20
N LEU D 66 -33.71 12.78 5.45
CA LEU D 66 -34.02 13.73 4.37
C LEU D 66 -32.93 13.79 3.33
N LEU D 67 -31.69 13.47 3.69
CA LEU D 67 -30.63 13.42 2.68
C LEU D 67 -30.76 12.16 1.83
N GLY D 68 -31.70 11.28 2.17
CA GLY D 68 -31.95 10.13 1.32
C GLY D 68 -32.97 10.41 0.24
N LEU D 69 -34.02 11.14 0.58
CA LEU D 69 -35.03 11.48 -0.43
C LEU D 69 -34.41 12.35 -1.52
N VAL D 70 -33.81 13.47 -1.14
CA VAL D 70 -33.27 14.41 -2.12
C VAL D 70 -32.16 13.76 -2.94
N MET D 71 -31.51 12.74 -2.39
CA MET D 71 -30.34 12.18 -3.07
C MET D 71 -30.73 11.39 -4.31
N ASN D 72 -31.90 10.77 -4.31
CA ASN D 72 -32.28 9.96 -5.46
C ASN D 72 -33.12 10.77 -6.44
N ASN D 73 -33.08 10.34 -7.70
CA ASN D 73 -33.57 11.12 -8.82
C ASN D 73 -35.01 10.81 -9.19
N ASN D 74 -35.92 10.88 -8.22
CA ASN D 74 -37.31 10.57 -8.48
C ASN D 74 -38.29 11.57 -7.92
N VAL D 75 -37.93 12.31 -6.86
CA VAL D 75 -38.93 13.04 -6.08
C VAL D 75 -39.63 14.10 -6.91
N SER D 76 -38.95 14.65 -7.91
CA SER D 76 -39.59 15.65 -8.78
C SER D 76 -40.81 15.06 -9.46
N MET D 77 -40.67 13.88 -10.05
CA MET D 77 -41.77 13.26 -10.77
C MET D 77 -42.96 13.02 -9.86
N LEU D 78 -42.71 12.68 -8.60
CA LEU D 78 -43.80 12.61 -7.63
C LEU D 78 -44.22 13.99 -7.18
N ALA D 79 -43.24 14.87 -6.92
CA ALA D 79 -43.58 16.22 -6.48
C ALA D 79 -44.32 16.98 -7.57
N GLU D 80 -43.89 16.82 -8.83
CA GLU D 80 -44.54 17.53 -9.93
C GLU D 80 -46.00 17.11 -10.07
N GLU D 81 -46.26 15.81 -10.11
CA GLU D 81 -47.60 15.33 -10.40
C GLU D 81 -48.51 15.34 -9.18
N TRP D 82 -47.97 15.64 -7.99
CA TRP D 82 -48.85 15.76 -6.84
C TRP D 82 -49.48 17.15 -6.75
N LYS D 83 -48.66 18.20 -6.91
CA LYS D 83 -49.16 19.57 -6.91
C LYS D 83 -50.25 19.79 -7.95
N ARG D 84 -50.18 19.13 -9.09
CA ARG D 84 -51.21 19.28 -10.10
C ARG D 84 -52.56 18.76 -9.59
N PRO D 85 -53.65 19.10 -10.26
CA PRO D 85 -54.96 18.64 -9.82
C PRO D 85 -55.17 17.18 -10.18
N PRO D 86 -56.02 16.46 -9.45
CA PRO D 86 -56.41 15.12 -9.86
C PRO D 86 -57.09 15.14 -11.23
N GLY D 87 -57.08 13.98 -11.89
CA GLY D 87 -57.64 13.89 -13.22
C GLY D 87 -56.58 14.15 -14.27
N ARG D 88 -55.95 15.33 -14.21
CA ARG D 88 -54.82 15.64 -15.07
C ARG D 88 -53.63 14.73 -14.82
N ARG D 89 -53.56 14.09 -13.65
CA ARG D 89 -52.46 13.19 -13.31
C ARG D 89 -52.40 12.08 -14.34
N ALA D 90 -51.28 11.99 -15.06
CA ALA D 90 -51.08 10.94 -16.04
C ALA D 90 -50.79 9.58 -15.41
N LYS D 91 -50.91 9.46 -14.09
CA LYS D 91 -50.59 8.23 -13.39
C LYS D 91 -51.64 7.95 -12.32
N ASP D 92 -51.95 6.67 -12.14
CA ASP D 92 -52.92 6.24 -11.16
C ASP D 92 -52.39 6.50 -9.76
N PRO D 93 -53.29 6.70 -8.78
CA PRO D 93 -52.86 6.69 -7.38
C PRO D 93 -52.05 5.48 -7.01
N ALA D 94 -52.35 4.31 -7.58
CA ALA D 94 -51.62 3.10 -7.26
C ALA D 94 -50.14 3.25 -7.56
N VAL D 95 -49.80 3.62 -8.79
CA VAL D 95 -48.39 3.81 -9.15
C VAL D 95 -47.79 4.94 -8.33
N LEU D 96 -48.60 5.94 -7.98
CA LEU D 96 -48.11 6.95 -7.06
C LEU D 96 -47.84 6.34 -5.69
N ARG D 97 -48.85 5.71 -5.09
CA ARG D 97 -48.72 5.21 -3.73
C ARG D 97 -47.57 4.22 -3.60
N TYR D 98 -47.44 3.31 -4.57
CA TYR D 98 -46.31 2.40 -4.53
C TYR D 98 -45.00 3.15 -4.67
N MET D 99 -44.81 3.84 -5.80
CA MET D 99 -43.55 4.51 -6.07
C MET D 99 -43.15 5.48 -4.99
N PHE D 100 -44.11 6.12 -4.32
CA PHE D 100 -43.79 6.93 -3.16
C PHE D 100 -43.31 6.09 -1.99
N CYS D 101 -43.93 4.94 -1.75
CA CYS D 101 -43.52 4.05 -0.66
C CYS D 101 -42.19 3.38 -0.93
N SER D 102 -41.81 3.20 -2.19
CA SER D 102 -40.52 2.59 -2.48
C SER D 102 -39.40 3.61 -2.39
N MET D 103 -39.68 4.80 -1.88
CA MET D 103 -38.61 5.73 -1.55
C MET D 103 -38.21 5.60 -0.09
N ALA D 104 -39.20 5.39 0.78
CA ALA D 104 -38.91 5.22 2.20
C ALA D 104 -38.00 4.03 2.45
N GLN D 105 -38.37 2.86 1.96
CA GLN D 105 -37.66 1.63 2.31
C GLN D 105 -36.28 1.58 1.68
N ARG D 106 -35.91 2.58 0.90
CA ARG D 106 -34.52 2.69 0.50
C ARG D 106 -33.81 3.78 1.30
N ALA D 107 -34.58 4.63 1.97
CA ALA D 107 -33.98 5.69 2.77
C ALA D 107 -33.73 5.23 4.20
N LEU D 108 -34.58 4.34 4.71
CA LEU D 108 -34.51 3.93 6.11
C LEU D 108 -33.28 3.11 6.44
N TRP D 109 -32.36 2.88 5.50
CA TRP D 109 -31.19 2.08 5.82
C TRP D 109 -30.13 2.91 6.53
N ALA D 110 -30.16 4.23 6.38
CA ALA D 110 -29.26 5.07 7.15
C ALA D 110 -29.74 5.34 8.57
N PRO D 111 -30.99 5.75 8.80
CA PRO D 111 -31.35 6.18 10.15
C PRO D 111 -31.68 5.04 11.10
N VAL D 112 -31.26 3.83 10.81
CA VAL D 112 -31.38 2.78 11.81
C VAL D 112 -29.99 2.30 12.19
N VAL D 113 -29.03 2.49 11.29
CA VAL D 113 -27.65 2.16 11.63
C VAL D 113 -27.07 3.24 12.52
N TRP D 114 -27.60 4.46 12.45
CA TRP D 114 -27.07 5.52 13.29
C TRP D 114 -27.89 5.68 14.55
N VAL D 115 -28.72 4.70 14.87
CA VAL D 115 -29.32 4.67 16.20
C VAL D 115 -28.84 3.44 16.94
N ALA D 116 -28.48 2.39 16.22
CA ALA D 116 -27.74 1.31 16.86
C ALA D 116 -26.36 1.78 17.27
N VAL D 117 -25.58 2.29 16.33
CA VAL D 117 -24.15 2.47 16.57
C VAL D 117 -23.86 3.70 17.43
N THR D 118 -24.89 4.36 17.93
CA THR D 118 -24.68 5.26 19.07
C THR D 118 -25.49 4.84 20.28
N LEU D 119 -25.89 3.58 20.35
CA LEU D 119 -26.25 2.98 21.61
C LEU D 119 -25.24 1.96 22.08
N LEU D 120 -24.64 1.19 21.16
CA LEU D 120 -23.76 0.11 21.58
C LEU D 120 -22.49 0.65 22.23
N ASP D 121 -22.16 1.91 22.01
CA ASP D 121 -21.00 2.45 22.69
C ASP D 121 -21.40 3.29 23.88
N GLY D 122 -22.69 3.45 24.10
CA GLY D 122 -23.19 3.93 25.38
C GLY D 122 -22.92 5.37 25.71
N LYS D 123 -21.97 6.02 25.04
CA LYS D 123 -21.66 7.40 25.35
C LYS D 123 -22.90 8.27 25.28
N CYS D 124 -23.71 8.08 24.25
CA CYS D 124 -24.94 8.85 24.11
C CYS D 124 -25.87 8.59 25.28
N PHE D 125 -25.82 7.41 25.88
CA PHE D 125 -26.75 7.10 26.95
C PHE D 125 -26.19 7.50 28.30
N LEU D 126 -24.87 7.51 28.43
CA LEU D 126 -24.25 7.76 29.72
C LEU D 126 -24.57 9.17 30.22
N CYS D 127 -24.38 10.17 29.37
CA CYS D 127 -24.62 11.55 29.77
C CYS D 127 -26.10 11.88 29.81
N ALA D 128 -26.99 10.89 29.75
CA ALA D 128 -28.40 11.19 29.66
C ALA D 128 -29.16 10.71 30.87
N PHE D 129 -28.59 9.81 31.66
CA PHE D 129 -29.30 9.31 32.82
C PHE D 129 -28.39 9.16 34.02
N CYS D 130 -27.23 9.79 33.97
CA CYS D 130 -26.38 9.71 35.13
C CYS D 130 -26.95 10.45 36.32
N THR D 131 -27.81 11.43 36.11
CA THR D 131 -28.36 12.21 37.21
C THR D 131 -29.17 11.35 38.16
N ALA D 132 -29.72 10.25 37.69
CA ALA D 132 -30.50 9.35 38.55
C ALA D 132 -29.95 7.93 38.49
N VAL D 133 -28.93 7.71 39.31
CA VAL D 133 -28.40 6.38 39.58
C VAL D 133 -28.77 6.03 41.01
N PRO D 134 -29.13 4.81 41.31
CA PRO D 134 -29.35 4.46 42.72
C PRO D 134 -28.03 4.37 43.43
N VAL D 135 -27.70 5.41 44.20
CA VAL D 135 -26.38 5.51 44.81
C VAL D 135 -26.22 4.50 45.93
N SER D 136 -27.33 4.13 46.58
CA SER D 136 -27.28 3.11 47.61
C SER D 136 -26.89 1.75 47.07
N ALA D 137 -27.09 1.50 45.78
CA ALA D 137 -26.81 0.20 45.19
C ALA D 137 -25.33 0.12 44.86
N LEU D 138 -24.62 -0.75 45.57
CA LEU D 138 -23.18 -0.90 45.40
C LEU D 138 -22.48 0.42 45.71
N GLY D 139 -22.63 0.87 46.95
CA GLY D 139 -22.16 2.18 47.33
C GLY D 139 -21.05 2.23 48.35
N ASN D 140 -20.37 1.10 48.58
CA ASN D 140 -19.19 1.05 49.44
C ASN D 140 -19.52 1.56 50.85
N GLY D 141 -20.35 0.79 51.55
CA GLY D 141 -20.85 1.18 52.86
C GLY D 141 -21.69 2.45 52.72
N SER D 142 -22.82 2.37 52.02
CA SER D 142 -23.62 3.57 51.75
C SER D 142 -24.53 3.95 52.90
N LEU D 143 -25.44 4.88 52.64
CA LEU D 143 -26.36 5.39 53.65
C LEU D 143 -26.68 6.86 53.49
N ALA D 144 -26.08 7.50 52.48
CA ALA D 144 -26.32 8.91 52.17
C ALA D 144 -26.07 9.76 53.40
N PRO D 145 -24.81 10.02 53.76
CA PRO D 145 -24.52 10.68 55.04
C PRO D 145 -25.02 12.12 55.07
N GLY D 146 -26.33 12.28 55.22
CA GLY D 146 -26.94 13.59 55.33
C GLY D 146 -26.87 14.43 54.08
N LEU D 147 -26.64 13.81 52.93
CA LEU D 147 -26.45 14.57 51.70
C LEU D 147 -27.76 15.19 51.26
N PRO D 148 -27.77 16.42 50.78
CA PRO D 148 -29.02 17.05 50.34
C PRO D 148 -29.35 16.70 48.91
N ALA D 149 -30.48 17.20 48.39
CA ALA D 149 -30.77 17.01 46.98
C ALA D 149 -29.90 17.90 46.10
N PRO D 150 -29.95 19.22 46.21
CA PRO D 150 -28.98 20.05 45.49
C PRO D 150 -27.61 19.84 46.08
N GLU D 151 -26.58 20.18 45.29
CA GLU D 151 -25.20 19.91 45.64
C GLU D 151 -24.90 18.42 45.74
N LEU D 152 -25.78 17.62 45.18
CA LEU D 152 -25.55 16.21 44.89
C LEU D 152 -25.81 15.91 43.42
N ALA D 153 -26.82 16.53 42.83
CA ALA D 153 -26.94 16.52 41.38
C ALA D 153 -25.67 17.06 40.74
N ARG D 154 -25.10 18.11 41.32
CA ARG D 154 -23.80 18.58 40.83
C ARG D 154 -22.68 17.65 41.27
N LEU D 155 -22.98 16.68 42.13
CA LEU D 155 -22.00 15.67 42.48
C LEU D 155 -22.08 14.48 41.55
N LEU D 156 -23.28 13.95 41.36
CA LEU D 156 -23.44 12.85 40.40
C LEU D 156 -23.10 13.28 38.99
N ALA D 157 -23.59 14.45 38.58
CA ALA D 157 -23.65 14.75 37.15
C ALA D 157 -22.28 14.82 36.50
N ARG D 158 -21.22 14.91 37.26
CA ARG D 158 -19.93 15.01 36.62
C ARG D 158 -19.42 13.69 36.09
N VAL D 159 -20.12 12.59 36.38
CA VAL D 159 -19.54 11.24 36.28
C VAL D 159 -18.85 10.96 34.95
N PRO D 160 -19.39 11.37 33.80
CA PRO D 160 -18.66 11.10 32.56
C PRO D 160 -17.41 11.93 32.41
N CYS D 161 -17.40 13.16 32.89
CA CYS D 161 -16.21 13.98 32.72
C CYS D 161 -15.13 13.47 33.66
N PRO D 162 -14.14 12.71 33.17
CA PRO D 162 -13.27 11.94 34.08
C PRO D 162 -12.41 12.79 35.01
N GLU D 163 -11.56 13.65 34.46
CA GLU D 163 -10.57 14.31 35.29
C GLU D 163 -11.19 15.33 36.22
N ILE D 164 -12.43 15.73 35.98
CA ILE D 164 -13.08 16.68 36.85
C ILE D 164 -14.04 16.02 37.82
N TYR D 165 -13.92 14.72 38.05
CA TYR D 165 -14.80 14.07 39.00
C TYR D 165 -14.51 14.52 40.42
N ASP D 166 -15.56 14.73 41.20
CA ASP D 166 -15.38 15.19 42.58
C ASP D 166 -14.64 14.19 43.43
N GLY D 167 -15.24 13.03 43.69
CA GLY D 167 -14.60 12.09 44.59
C GLY D 167 -15.40 10.90 45.06
N ASP D 168 -14.88 10.23 46.08
CA ASP D 168 -15.37 8.92 46.49
C ASP D 168 -16.65 8.95 47.30
N TRP D 169 -17.25 10.12 47.49
CA TRP D 169 -18.42 10.20 48.34
C TRP D 169 -19.56 9.42 47.74
N LEU D 170 -19.85 8.27 48.34
CA LEU D 170 -20.99 7.46 47.95
C LEU D 170 -20.82 6.96 46.52
N LEU D 171 -19.59 6.91 46.02
CA LEU D 171 -19.40 6.37 44.69
C LEU D 171 -17.92 6.28 44.39
N ALA D 172 -17.55 5.28 43.63
CA ALA D 172 -16.31 5.29 42.87
C ALA D 172 -16.67 5.67 41.45
N ARG D 173 -15.67 5.85 40.59
CA ARG D 173 -16.00 6.12 39.21
C ARG D 173 -16.29 4.84 38.46
N GLU D 174 -15.46 3.81 38.64
CA GLU D 174 -15.58 2.64 37.79
C GLU D 174 -16.69 1.70 38.23
N VAL D 175 -17.65 2.16 39.01
CA VAL D 175 -18.84 1.37 39.28
C VAL D 175 -20.10 2.13 38.92
N ALA D 176 -20.01 3.44 38.75
CA ALA D 176 -21.15 4.18 38.22
C ALA D 176 -21.15 4.15 36.70
N VAL D 177 -19.98 4.28 36.09
CA VAL D 177 -19.80 3.84 34.72
C VAL D 177 -19.60 2.35 34.85
N ARG D 178 -19.66 1.62 33.74
CA ARG D 178 -19.57 0.17 33.73
C ARG D 178 -20.73 -0.45 34.49
N TYR D 179 -21.79 0.32 34.70
CA TYR D 179 -23.09 -0.21 35.01
C TYR D 179 -24.17 0.53 34.23
N LEU D 180 -23.82 1.67 33.66
CA LEU D 180 -24.67 2.32 32.68
C LEU D 180 -24.23 2.00 31.27
N ARG D 181 -23.08 1.38 31.10
CA ARG D 181 -22.77 0.85 29.78
C ARG D 181 -23.20 -0.59 29.64
N CYS D 182 -23.68 -1.19 30.73
CA CYS D 182 -24.36 -2.47 30.60
C CYS D 182 -25.79 -2.29 30.13
N ILE D 183 -26.58 -1.53 30.88
CA ILE D 183 -27.99 -1.31 30.53
C ILE D 183 -28.12 -0.79 29.11
N SER D 184 -27.21 0.08 28.69
CA SER D 184 -27.26 0.60 27.33
C SER D 184 -27.12 -0.51 26.32
N GLN D 185 -26.07 -1.33 26.44
CA GLN D 185 -25.85 -2.37 25.43
C GLN D 185 -26.95 -3.41 25.45
N ALA D 186 -27.84 -3.38 26.42
CA ALA D 186 -29.00 -4.25 26.37
C ALA D 186 -30.05 -3.71 25.41
N LEU D 187 -30.28 -2.40 25.42
CA LEU D 187 -31.20 -1.85 24.45
C LEU D 187 -30.66 -2.02 23.04
N GLY D 188 -29.36 -1.87 22.87
CA GLY D 188 -28.78 -1.90 21.54
C GLY D 188 -29.01 -3.21 20.83
N TRP D 189 -29.06 -4.32 21.58
CA TRP D 189 -29.40 -5.58 20.95
C TRP D 189 -30.90 -5.77 20.90
N SER D 190 -31.60 -5.50 22.00
CA SER D 190 -33.04 -5.68 22.02
C SER D 190 -33.75 -4.62 21.17
N PHE D 191 -32.99 -3.67 20.61
CA PHE D 191 -33.54 -2.81 19.58
C PHE D 191 -33.28 -3.38 18.20
N VAL D 192 -32.01 -3.63 17.87
CA VAL D 192 -31.67 -4.10 16.52
C VAL D 192 -32.33 -5.41 16.22
N LEU D 193 -32.58 -6.22 17.24
CA LEU D 193 -33.38 -7.43 17.05
C LEU D 193 -34.76 -7.09 16.52
N LEU D 194 -35.50 -6.24 17.24
CA LEU D 194 -36.88 -5.92 16.86
C LEU D 194 -36.96 -5.33 15.47
N THR D 195 -36.01 -4.48 15.10
CA THR D 195 -36.07 -3.89 13.76
C THR D 195 -35.89 -4.94 12.68
N THR D 196 -34.83 -5.76 12.78
CA THR D 196 -34.59 -6.72 11.72
C THR D 196 -35.72 -7.73 11.63
N LEU D 197 -36.29 -8.13 12.77
CA LEU D 197 -37.47 -8.98 12.73
C LEU D 197 -38.61 -8.28 12.02
N LEU D 198 -38.71 -6.95 12.16
CA LEU D 198 -39.74 -6.22 11.43
C LEU D 198 -39.36 -6.00 9.99
N ALA D 199 -38.09 -6.22 9.64
CA ALA D 199 -37.72 -6.28 8.24
C ALA D 199 -38.22 -7.57 7.62
N PHE D 200 -38.48 -8.58 8.44
CA PHE D 200 -38.97 -9.85 7.93
C PHE D 200 -40.38 -9.72 7.37
N VAL D 201 -41.21 -9.32 8.30
CA VAL D 201 -42.56 -9.19 8.04
C VAL D 201 -42.79 -8.37 6.86
N VAL D 202 -42.09 -7.27 6.67
CA VAL D 202 -42.49 -6.44 5.55
C VAL D 202 -42.41 -7.07 4.20
N ARG D 203 -41.27 -7.70 3.93
CA ARG D 203 -41.09 -8.32 2.64
C ARG D 203 -42.02 -9.48 2.58
N SER D 204 -41.98 -10.23 3.66
CA SER D 204 -42.76 -11.44 3.68
C SER D 204 -44.22 -11.30 3.55
N VAL D 205 -44.82 -10.17 3.91
CA VAL D 205 -46.18 -10.14 3.59
C VAL D 205 -46.52 -9.39 2.39
N ARG D 206 -46.16 -8.13 2.24
CA ARG D 206 -47.17 -7.51 1.30
C ARG D 206 -47.17 -6.05 0.84
N PRO D 207 -47.90 -5.12 1.65
CA PRO D 207 -48.03 -3.66 1.46
C PRO D 207 -47.65 -3.14 0.08
N CYS D 208 -48.62 -3.25 -0.85
CA CYS D 208 -48.53 -2.65 -2.17
C CYS D 208 -47.51 -3.36 -3.07
N PHE D 209 -47.58 -4.68 -3.08
CA PHE D 209 -46.76 -5.50 -3.96
C PHE D 209 -47.55 -6.00 -5.16
N THR D 210 -48.70 -5.39 -5.45
CA THR D 210 -49.61 -5.88 -6.48
C THR D 210 -48.92 -6.01 -7.83
N GLN D 211 -49.13 -7.17 -8.47
CA GLN D 211 -48.48 -7.45 -9.74
C GLN D 211 -48.88 -6.44 -10.80
N ALA D 212 -50.07 -5.86 -10.67
CA ALA D 212 -50.50 -4.86 -11.64
C ALA D 212 -49.59 -3.66 -11.63
N ALA D 213 -49.50 -2.96 -10.50
CA ALA D 213 -48.90 -1.64 -10.51
C ALA D 213 -47.39 -1.72 -10.54
N PHE D 214 -46.82 -2.80 -10.01
CA PHE D 214 -45.38 -2.98 -10.12
C PHE D 214 -44.96 -2.99 -11.57
N LEU D 215 -45.78 -3.59 -12.43
CA LEU D 215 -45.45 -3.63 -13.85
C LEU D 215 -45.44 -2.24 -14.44
N LYS D 216 -46.53 -1.49 -14.27
CA LYS D 216 -46.63 -0.16 -14.86
C LYS D 216 -45.48 0.72 -14.41
N SER D 217 -45.08 0.60 -13.16
CA SER D 217 -44.00 1.43 -12.64
C SER D 217 -42.71 1.19 -13.39
N LYS D 218 -42.17 -0.03 -13.26
CA LYS D 218 -40.85 -0.32 -13.81
C LYS D 218 -40.81 -0.09 -15.31
N TYR D 219 -41.94 -0.29 -15.98
CA TYR D 219 -42.04 0.13 -17.38
C TYR D 219 -41.81 1.62 -17.49
N TRP D 220 -42.50 2.40 -16.67
CA TRP D 220 -42.45 3.85 -16.79
C TRP D 220 -41.05 4.37 -16.52
N SER D 221 -40.46 4.02 -15.38
CA SER D 221 -39.13 4.50 -15.05
C SER D 221 -38.11 4.03 -16.07
N HIS D 222 -38.36 2.87 -16.69
CA HIS D 222 -37.50 2.46 -17.78
C HIS D 222 -37.67 3.38 -18.98
N TYR D 223 -38.86 3.98 -19.12
CA TYR D 223 -39.14 4.78 -20.31
C TYR D 223 -38.45 6.13 -20.25
N ILE D 224 -38.34 6.70 -19.05
CA ILE D 224 -37.69 8.00 -18.91
C ILE D 224 -36.24 7.92 -19.34
N ASP D 225 -35.61 6.76 -19.13
CA ASP D 225 -34.21 6.61 -19.50
C ASP D 225 -34.03 6.80 -21.00
N ILE D 226 -34.77 6.04 -21.81
CA ILE D 226 -34.59 6.10 -23.25
C ILE D 226 -34.93 7.48 -23.79
N GLU D 227 -35.86 8.18 -23.14
CA GLU D 227 -36.23 9.51 -23.60
C GLU D 227 -35.05 10.46 -23.50
N ARG D 228 -34.44 10.54 -22.32
CA ARG D 228 -33.31 11.46 -22.15
C ARG D 228 -32.14 11.06 -23.04
N LYS D 229 -31.79 9.77 -23.05
CA LYS D 229 -30.64 9.32 -23.83
C LYS D 229 -30.83 9.58 -25.31
N LEU D 230 -32.07 9.48 -25.79
CA LEU D 230 -32.31 9.62 -27.21
C LEU D 230 -32.41 11.07 -27.66
N PHE D 231 -32.81 11.99 -26.78
CA PHE D 231 -32.95 13.38 -27.19
C PHE D 231 -31.62 13.96 -27.63
N ASP D 232 -30.53 13.57 -26.95
CA ASP D 232 -29.22 14.08 -27.30
C ASP D 232 -28.82 13.72 -28.72
N GLU D 233 -29.29 12.57 -29.22
CA GLU D 233 -28.96 12.17 -30.57
C GLU D 233 -29.44 13.19 -31.59
N THR D 234 -30.72 13.56 -31.52
CA THR D 234 -31.27 14.50 -32.50
C THR D 234 -30.56 15.85 -32.42
N CYS D 235 -30.21 16.29 -31.22
CA CYS D 235 -29.52 17.57 -31.07
C CYS D 235 -28.18 17.56 -31.79
N THR D 236 -27.28 16.66 -31.36
CA THR D 236 -25.97 16.58 -31.99
C THR D 236 -26.09 16.32 -33.48
N GLU D 237 -27.08 15.53 -33.87
CA GLU D 237 -27.36 15.36 -35.30
C GLU D 237 -27.80 16.67 -35.92
N HIS D 238 -28.91 17.24 -35.42
CA HIS D 238 -29.45 18.44 -36.03
C HIS D 238 -28.47 19.61 -35.96
N ALA D 239 -27.60 19.62 -34.95
CA ALA D 239 -26.62 20.69 -34.86
C ALA D 239 -25.51 20.55 -35.89
N LYS D 240 -25.07 19.31 -36.14
CA LYS D 240 -23.94 19.08 -37.04
C LYS D 240 -24.19 19.68 -38.41
N ALA D 241 -25.41 19.55 -38.92
CA ALA D 241 -25.76 20.18 -40.18
C ALA D 241 -25.69 21.69 -40.11
N PHE D 242 -25.81 22.26 -38.91
CA PHE D 242 -25.87 23.71 -38.78
C PHE D 242 -24.51 24.37 -38.61
N ALA D 243 -23.53 23.68 -38.03
CA ALA D 243 -22.23 24.29 -37.82
C ALA D 243 -21.50 24.56 -39.12
N LYS D 244 -21.71 23.70 -40.13
CA LYS D 244 -20.93 23.78 -41.35
C LYS D 244 -21.12 25.12 -42.06
N VAL D 245 -22.29 25.74 -41.91
CA VAL D 245 -22.52 27.01 -42.57
C VAL D 245 -21.65 28.11 -41.98
N CYS D 246 -21.42 28.09 -40.66
CA CYS D 246 -20.71 29.20 -40.05
C CYS D 246 -19.21 28.97 -39.99
N ILE D 247 -18.78 27.78 -39.56
CA ILE D 247 -17.35 27.49 -39.41
C ILE D 247 -16.60 27.75 -40.70
N GLN D 248 -17.21 27.44 -41.84
CA GLN D 248 -16.58 27.73 -43.11
C GLN D 248 -16.36 29.23 -43.28
N GLN D 249 -17.21 30.06 -42.67
CA GLN D 249 -17.08 31.50 -42.85
C GLN D 249 -15.81 32.01 -42.18
N PHE D 250 -15.42 31.41 -41.06
CA PHE D 250 -14.16 31.79 -40.42
C PHE D 250 -12.99 31.55 -41.36
N PHE D 251 -12.92 30.36 -41.95
CA PHE D 251 -12.04 30.15 -43.07
C PHE D 251 -12.48 31.06 -44.22
N GLU D 252 -11.51 31.41 -45.07
CA GLU D 252 -11.79 32.21 -46.27
C GLU D 252 -12.31 33.59 -45.92
N ALA D 253 -12.21 34.00 -44.66
CA ALA D 253 -12.83 35.22 -44.19
C ALA D 253 -11.89 36.06 -43.38
N MET D 254 -10.73 35.50 -43.02
CA MET D 254 -9.73 36.28 -42.33
C MET D 254 -8.79 36.97 -43.32
N ASN D 255 -8.14 36.19 -44.18
CA ASN D 255 -7.33 36.73 -45.26
C ASN D 255 -7.48 35.92 -46.55
N HIS D 256 -8.21 34.80 -46.53
CA HIS D 256 -8.30 33.87 -47.65
C HIS D 256 -6.95 33.24 -47.98
N ASP D 257 -5.99 33.36 -47.06
CA ASP D 257 -4.65 32.85 -47.26
C ASP D 257 -3.85 33.18 -46.01
N LEU D 258 -2.59 32.76 -46.03
CA LEU D 258 -1.64 33.11 -44.98
C LEU D 258 -0.51 33.92 -45.57
N GLU D 259 -0.06 34.92 -44.82
CA GLU D 259 1.09 35.71 -45.22
C GLU D 259 2.39 34.93 -45.12
N LEU D 260 2.40 33.81 -44.40
CA LEU D 260 3.58 32.99 -44.21
C LEU D 260 3.93 32.16 -45.45
N GLY D 261 3.24 32.36 -46.56
CA GLY D 261 3.59 31.68 -47.79
C GLY D 261 5.01 32.05 -48.22
N HIS D 262 5.87 31.05 -48.31
CA HIS D 262 7.26 31.27 -48.68
C HIS D 262 7.43 31.16 -50.19
N MET E 1 -6.05 14.60 14.54
CA MET E 1 -6.71 15.66 13.77
C MET E 1 -6.96 15.20 12.34
N MET E 2 -6.31 14.10 11.97
CA MET E 2 -6.46 13.56 10.62
C MET E 2 -7.87 13.05 10.36
N ASP E 3 -8.66 12.81 11.41
CA ASP E 3 -9.96 12.15 11.25
C ASP E 3 -10.90 12.94 10.35
N LYS E 4 -10.94 14.27 10.51
CA LYS E 4 -11.93 15.06 9.78
C LYS E 4 -11.66 15.03 8.28
N PHE E 5 -10.42 14.78 7.88
CA PHE E 5 -10.05 14.79 6.48
C PHE E 5 -9.60 13.43 5.96
N ARG E 6 -9.03 12.58 6.81
CA ARG E 6 -8.62 11.25 6.37
C ARG E 6 -9.84 10.42 5.95
N MET E 7 -11.02 10.77 6.47
CA MET E 7 -12.26 10.12 6.08
C MET E 7 -12.55 10.25 4.60
N ILE E 8 -12.64 11.48 4.08
CA ILE E 8 -12.84 11.68 2.65
C ILE E 8 -11.65 11.17 1.86
N PHE E 9 -10.47 11.07 2.51
CA PHE E 9 -9.27 10.54 1.86
C PHE E 9 -9.48 9.14 1.32
N GLN E 10 -9.88 8.19 2.16
CA GLN E 10 -10.22 6.87 1.66
C GLN E 10 -11.55 6.89 0.92
N PHE E 11 -12.47 7.78 1.31
CA PHE E 11 -13.70 7.96 0.54
C PHE E 11 -13.38 8.42 -0.87
N LEU E 12 -12.46 9.36 -1.01
CA LEU E 12 -11.89 9.66 -2.31
C LEU E 12 -11.24 8.41 -2.89
N GLN E 13 -10.44 7.71 -2.08
CA GLN E 13 -9.86 6.45 -2.48
C GLN E 13 -10.91 5.38 -2.76
N SER E 14 -12.13 5.58 -2.24
CA SER E 14 -13.17 4.54 -2.37
C SER E 14 -13.53 4.24 -3.80
N ASN E 15 -14.09 5.19 -4.53
CA ASN E 15 -14.56 4.92 -5.89
C ASN E 15 -14.49 6.19 -6.70
N GLN E 16 -15.04 6.13 -7.91
CA GLN E 16 -15.05 7.26 -8.83
C GLN E 16 -16.45 7.46 -9.39
N GLU E 17 -17.45 7.46 -8.50
CA GLU E 17 -18.84 7.61 -8.91
C GLU E 17 -19.37 8.93 -8.38
N SER E 18 -19.65 9.85 -9.29
CA SER E 18 -20.17 11.16 -8.91
C SER E 18 -20.67 11.95 -10.13
N PHE E 19 -20.95 13.23 -9.92
CA PHE E 19 -21.42 14.12 -10.98
C PHE E 19 -20.72 15.47 -10.84
N MET E 20 -21.28 16.51 -11.47
CA MET E 20 -20.78 17.87 -11.32
C MET E 20 -20.60 18.24 -9.85
N ASN E 21 -21.56 17.85 -9.00
CA ASN E 21 -21.35 17.94 -7.55
C ASN E 21 -20.15 17.11 -7.12
N GLY E 22 -19.99 15.91 -7.68
CA GLY E 22 -18.78 15.16 -7.47
C GLY E 22 -17.58 15.85 -8.08
N ILE E 23 -17.78 16.55 -9.19
CA ILE E 23 -16.74 17.44 -9.70
C ILE E 23 -16.48 18.56 -8.70
N CYS E 24 -17.54 19.09 -8.10
CA CYS E 24 -17.38 19.94 -6.93
C CYS E 24 -16.77 19.16 -5.78
N GLY E 25 -17.01 17.85 -5.75
CA GLY E 25 -16.30 17.01 -4.79
C GLY E 25 -14.80 17.05 -4.95
N ILE E 26 -14.33 17.35 -6.17
CA ILE E 26 -12.90 17.56 -6.38
C ILE E 26 -12.40 18.69 -5.50
N MET E 27 -13.17 19.78 -5.41
CA MET E 27 -12.75 20.92 -4.62
C MET E 27 -13.16 20.79 -3.16
N ALA E 28 -14.47 20.71 -2.90
CA ALA E 28 -14.97 20.92 -1.55
C ALA E 28 -14.56 19.78 -0.61
N LEU E 29 -14.34 18.59 -1.15
CA LEU E 29 -13.75 17.52 -0.34
C LEU E 29 -12.42 17.99 0.25
N ALA E 30 -11.63 18.70 -0.56
CA ALA E 30 -10.48 19.41 -0.02
C ALA E 30 -10.92 20.44 1.02
N SER E 31 -12.05 21.10 0.78
CA SER E 31 -12.56 22.06 1.77
C SER E 31 -12.97 21.34 3.05
N ALA E 32 -13.42 20.09 2.93
CA ALA E 32 -13.60 19.28 4.13
C ALA E 32 -12.26 18.94 4.77
N GLN E 33 -11.18 19.00 4.00
CA GLN E 33 -9.88 18.56 4.49
C GLN E 33 -8.94 19.73 4.73
N MET E 34 -9.05 20.77 3.89
CA MET E 34 -8.19 21.96 4.01
C MET E 34 -8.25 22.56 5.41
N TYR E 35 -9.38 22.40 6.09
CA TYR E 35 -9.46 22.80 7.49
C TYR E 35 -8.43 22.06 8.33
N SER E 36 -8.14 20.81 7.98
CA SER E 36 -7.35 19.95 8.86
C SER E 36 -5.93 20.47 9.04
N ALA E 37 -5.24 20.81 7.95
CA ALA E 37 -3.85 21.23 8.02
C ALA E 37 -3.69 22.72 8.32
N PHE E 38 -4.70 23.53 8.00
CA PHE E 38 -4.71 24.94 8.36
C PHE E 38 -5.05 25.11 9.83
N ASP E 39 -4.06 25.53 10.62
CA ASP E 39 -4.18 25.54 12.07
C ASP E 39 -5.16 26.63 12.49
N PHE E 40 -5.44 26.70 13.79
CA PHE E 40 -6.28 27.74 14.37
C PHE E 40 -5.75 28.05 15.76
N ASN E 41 -5.61 29.34 16.07
CA ASN E 41 -5.08 29.76 17.37
C ASN E 41 -5.43 31.23 17.55
N CYS E 42 -6.15 31.54 18.62
CA CYS E 42 -6.67 32.89 18.76
C CYS E 42 -5.77 33.72 19.66
N PRO E 43 -5.78 35.03 19.49
CA PRO E 43 -4.84 35.91 20.18
C PRO E 43 -4.88 35.81 21.68
N CYS E 44 -6.01 35.40 22.25
CA CYS E 44 -6.26 35.49 23.68
C CYS E 44 -5.76 36.81 24.25
N LEU E 45 -6.38 37.89 23.77
CA LEU E 45 -6.31 39.29 24.11
C LEU E 45 -7.72 39.84 24.34
N PRO E 46 -7.87 41.07 24.82
CA PRO E 46 -9.18 41.47 25.36
C PRO E 46 -10.26 41.73 24.33
N GLY E 47 -9.93 42.28 23.16
CA GLY E 47 -10.99 42.64 22.25
C GLY E 47 -10.80 42.13 20.84
N TYR E 48 -9.61 41.65 20.52
CA TYR E 48 -9.31 41.17 19.18
C TYR E 48 -10.09 39.92 18.83
N ASN E 49 -10.43 39.08 19.81
CA ASN E 49 -11.05 37.80 19.53
C ASN E 49 -12.29 37.96 18.66
N ALA E 50 -13.29 38.70 19.15
CA ALA E 50 -14.55 38.82 18.43
C ALA E 50 -14.34 39.45 17.05
N ALA E 51 -13.24 40.17 16.87
CA ALA E 51 -12.84 40.52 15.52
C ALA E 51 -12.29 39.30 14.80
N TYR E 52 -11.34 38.60 15.41
CA TYR E 52 -10.59 37.61 14.66
C TYR E 52 -11.45 36.42 14.30
N SER E 53 -12.33 35.99 15.18
CA SER E 53 -13.09 34.79 14.88
C SER E 53 -14.01 35.01 13.70
N ALA E 54 -14.58 36.21 13.58
CA ALA E 54 -15.44 36.49 12.44
C ALA E 54 -14.66 36.44 11.14
N GLY E 55 -13.33 36.48 11.23
CA GLY E 55 -12.53 36.30 10.03
C GLY E 55 -12.64 34.89 9.47
N ILE E 56 -12.87 33.91 10.33
CA ILE E 56 -12.83 32.54 9.86
C ILE E 56 -14.23 31.96 9.74
N LEU E 57 -15.24 32.81 9.59
CA LEU E 57 -16.53 32.33 9.13
C LEU E 57 -17.07 33.11 7.95
N LEU E 58 -16.33 34.08 7.42
CA LEU E 58 -16.81 34.86 6.29
C LEU E 58 -15.82 34.94 5.15
N ALA E 59 -14.54 35.05 5.40
CA ALA E 59 -13.67 35.18 4.26
C ALA E 59 -13.45 33.83 3.59
N PRO E 60 -12.92 32.83 4.29
CA PRO E 60 -12.66 31.53 3.66
C PRO E 60 -13.91 30.88 3.09
N PRO E 61 -15.09 31.15 3.61
CA PRO E 61 -16.28 30.75 2.83
C PRO E 61 -16.37 31.48 1.53
N LEU E 62 -16.35 32.81 1.56
CA LEU E 62 -16.57 33.60 0.36
C LEU E 62 -15.55 33.29 -0.72
N VAL E 63 -14.32 32.95 -0.33
CA VAL E 63 -13.33 32.52 -1.30
C VAL E 63 -13.79 31.26 -2.00
N LEU E 64 -14.22 30.26 -1.25
CA LEU E 64 -14.61 29.01 -1.89
C LEU E 64 -15.83 29.19 -2.79
N PHE E 65 -16.61 30.24 -2.55
CA PHE E 65 -17.73 30.52 -3.44
C PHE E 65 -17.23 31.01 -4.79
N LEU E 66 -16.53 32.15 -4.81
CA LEU E 66 -16.04 32.72 -6.05
C LEU E 66 -15.11 31.79 -6.81
N LEU E 67 -14.45 30.87 -6.12
CA LEU E 67 -13.64 29.89 -6.82
C LEU E 67 -14.52 28.83 -7.47
N GLY E 68 -15.83 28.88 -7.23
CA GLY E 68 -16.72 27.97 -7.92
C GLY E 68 -17.21 28.52 -9.24
N LEU E 69 -17.52 29.81 -9.28
CA LEU E 69 -17.94 30.42 -10.55
C LEU E 69 -16.83 30.35 -11.58
N VAL E 70 -15.66 30.88 -11.25
CA VAL E 70 -14.57 30.95 -12.21
C VAL E 70 -14.13 29.55 -12.62
N MET E 71 -14.37 28.54 -11.79
CA MET E 71 -13.85 27.22 -12.07
C MET E 71 -14.58 26.55 -13.23
N ASN E 72 -15.86 26.85 -13.40
CA ASN E 72 -16.59 26.19 -14.47
C ASN E 72 -16.60 27.03 -15.74
N ASN E 73 -16.76 26.35 -16.87
CA ASN E 73 -16.52 26.92 -18.19
C ASN E 73 -17.76 27.51 -18.83
N ASN E 74 -18.45 28.41 -18.13
CA ASN E 74 -19.67 28.99 -18.66
C ASN E 74 -19.76 30.50 -18.51
N VAL E 75 -19.06 31.09 -17.54
CA VAL E 75 -19.36 32.46 -17.13
C VAL E 75 -19.10 33.45 -18.26
N SER E 76 -18.15 33.14 -19.15
CA SER E 76 -17.89 34.02 -20.28
C SER E 76 -19.13 34.19 -21.13
N MET E 77 -19.79 33.07 -21.49
CA MET E 77 -20.97 33.13 -22.34
C MET E 77 -22.06 33.98 -21.72
N LEU E 78 -22.21 33.92 -20.39
CA LEU E 78 -23.12 34.82 -19.71
C LEU E 78 -22.53 36.21 -19.59
N ALA E 79 -21.23 36.29 -19.25
CA ALA E 79 -20.60 37.60 -19.12
C ALA E 79 -20.55 38.32 -20.46
N GLU E 80 -20.26 37.59 -21.54
CA GLU E 80 -20.17 38.21 -22.86
C GLU E 80 -21.53 38.79 -23.28
N GLU E 81 -22.59 38.00 -23.17
CA GLU E 81 -23.88 38.43 -23.70
C GLU E 81 -24.62 39.35 -22.74
N TRP E 82 -24.11 39.56 -21.52
CA TRP E 82 -24.75 40.52 -20.64
C TRP E 82 -24.28 41.94 -20.93
N LYS E 83 -22.97 42.13 -21.05
CA LYS E 83 -22.42 43.45 -21.38
C LYS E 83 -22.98 44.02 -22.68
N ARG E 84 -23.30 43.17 -23.65
CA ARG E 84 -23.88 43.66 -24.89
C ARG E 84 -25.25 44.28 -24.64
N PRO E 85 -25.78 45.04 -25.59
CA PRO E 85 -27.10 45.66 -25.41
C PRO E 85 -28.20 44.64 -25.58
N PRO E 86 -29.36 44.87 -24.96
CA PRO E 86 -30.53 44.03 -25.24
C PRO E 86 -30.91 44.09 -26.72
N GLY E 87 -31.65 43.08 -27.16
CA GLY E 87 -32.02 42.99 -28.56
C GLY E 87 -30.98 42.22 -29.36
N ARG E 88 -29.74 42.69 -29.33
CA ARG E 88 -28.64 41.95 -29.94
C ARG E 88 -28.39 40.61 -29.27
N ARG E 89 -28.85 40.44 -28.03
CA ARG E 89 -28.68 39.18 -27.31
C ARG E 89 -29.32 38.04 -28.10
N ALA E 90 -28.50 37.08 -28.51
CA ALA E 90 -29.00 35.92 -29.24
C ALA E 90 -29.74 34.94 -28.35
N LYS E 91 -30.00 35.28 -27.09
CA LYS E 91 -30.65 34.40 -26.15
C LYS E 91 -31.69 35.16 -25.34
N ASP E 92 -32.80 34.47 -25.04
CA ASP E 92 -33.86 35.06 -24.27
C ASP E 92 -33.41 35.29 -22.83
N PRO E 93 -34.00 36.27 -22.14
CA PRO E 93 -33.79 36.37 -20.69
C PRO E 93 -34.03 35.08 -19.95
N ALA E 94 -35.00 34.28 -20.39
CA ALA E 94 -35.30 33.04 -19.72
C ALA E 94 -34.09 32.12 -19.68
N VAL E 95 -33.51 31.84 -20.84
CA VAL E 95 -32.33 30.98 -20.87
C VAL E 95 -31.17 31.63 -20.13
N LEU E 96 -31.11 32.96 -20.14
CA LEU E 96 -30.14 33.63 -19.30
C LEU E 96 -30.45 33.40 -17.82
N ARG E 97 -31.66 33.76 -17.39
CA ARG E 97 -32.00 33.68 -15.98
C ARG E 97 -31.84 32.27 -15.43
N TYR E 98 -32.29 31.27 -16.18
CA TYR E 98 -32.07 29.90 -15.73
C TYR E 98 -30.59 29.59 -15.67
N MET E 99 -29.91 29.65 -16.82
CA MET E 99 -28.51 29.25 -16.88
C MET E 99 -27.63 30.00 -15.90
N PHE E 100 -27.96 31.26 -15.59
CA PHE E 100 -27.27 31.95 -14.53
C PHE E 100 -27.57 31.37 -13.16
N CYS E 101 -28.81 30.99 -12.90
CA CYS E 101 -29.18 30.39 -11.62
C CYS E 101 -28.64 28.99 -11.46
N SER E 102 -28.39 28.27 -12.54
CA SER E 102 -27.84 26.94 -12.42
C SER E 102 -26.33 26.98 -12.23
N MET E 103 -25.78 28.16 -11.99
CA MET E 103 -24.39 28.24 -11.57
C MET E 103 -24.29 28.30 -10.05
N ALA E 104 -25.21 29.01 -9.42
CA ALA E 104 -25.21 29.10 -7.96
C ALA E 104 -25.37 27.74 -7.32
N GLN E 105 -26.40 26.99 -7.70
CA GLN E 105 -26.73 25.75 -6.99
C GLN E 105 -25.71 24.65 -7.27
N ARG E 106 -24.70 24.93 -8.09
CA ARG E 106 -23.57 24.01 -8.16
C ARG E 106 -22.38 24.57 -7.39
N ALA E 107 -22.42 25.86 -7.06
CA ALA E 107 -21.31 26.46 -6.32
C ALA E 107 -21.55 26.37 -4.82
N LEU E 108 -22.81 26.40 -4.39
CA LEU E 108 -23.13 26.45 -2.97
C LEU E 108 -22.81 25.17 -2.23
N TRP E 109 -22.22 24.17 -2.88
CA TRP E 109 -21.91 22.93 -2.17
C TRP E 109 -20.64 23.05 -1.36
N ALA E 110 -19.76 23.98 -1.72
CA ALA E 110 -18.58 24.22 -0.90
C ALA E 110 -18.85 25.11 0.30
N PRO E 111 -19.51 26.25 0.16
CA PRO E 111 -19.58 27.18 1.31
C PRO E 111 -20.66 26.83 2.32
N VAL E 112 -21.16 25.61 2.32
CA VAL E 112 -22.02 25.20 3.42
C VAL E 112 -21.35 24.07 4.19
N VAL E 113 -20.45 23.35 3.53
CA VAL E 113 -19.68 22.34 4.23
C VAL E 113 -18.59 22.99 5.05
N TRP E 114 -18.16 24.19 4.67
CA TRP E 114 -17.11 24.84 5.43
C TRP E 114 -17.70 25.83 6.42
N VAL E 115 -18.99 25.75 6.68
CA VAL E 115 -19.55 26.46 7.82
C VAL E 115 -20.07 25.47 8.84
N ALA E 116 -20.47 24.30 8.40
CA ALA E 116 -20.70 23.23 9.35
C ALA E 116 -19.40 22.81 10.01
N VAL E 117 -18.41 22.40 9.21
CA VAL E 117 -17.27 21.70 9.76
C VAL E 117 -16.28 22.64 10.45
N THR E 118 -16.62 23.91 10.59
CA THR E 118 -15.95 24.73 11.58
C THR E 118 -16.91 25.28 12.61
N LEU E 119 -18.05 24.65 12.78
CA LEU E 119 -18.81 24.80 14.00
C LEU E 119 -18.79 23.54 14.85
N LEU E 120 -18.82 22.36 14.24
CA LEU E 120 -18.92 21.13 15.01
C LEU E 120 -17.67 20.89 15.86
N ASP E 121 -16.56 21.53 15.52
CA ASP E 121 -15.40 21.36 16.38
C ASP E 121 -15.21 22.57 17.28
N GLY E 122 -16.07 23.57 17.17
CA GLY E 122 -16.21 24.56 18.20
C GLY E 122 -15.06 25.53 18.35
N LYS E 123 -13.87 25.21 17.83
CA LYS E 123 -12.73 26.10 17.99
C LYS E 123 -13.04 27.49 17.48
N CYS E 124 -13.70 27.58 16.34
CA CYS E 124 -14.07 28.87 15.79
C CYS E 124 -15.01 29.61 16.73
N PHE E 125 -15.82 28.88 17.50
CA PHE E 125 -16.79 29.55 18.35
C PHE E 125 -16.20 29.85 19.72
N LEU E 126 -15.23 29.06 20.16
CA LEU E 126 -14.71 29.20 21.50
C LEU E 126 -14.03 30.56 21.68
N CYS E 127 -13.15 30.92 20.76
CA CYS E 127 -12.44 32.18 20.87
C CYS E 127 -13.30 33.37 20.51
N ALA E 128 -14.60 33.20 20.39
CA ALA E 128 -15.43 34.30 19.91
C ALA E 128 -16.41 34.77 20.98
N PHE E 129 -16.66 33.98 22.01
CA PHE E 129 -17.60 34.39 23.03
C PHE E 129 -17.11 34.03 24.42
N CYS E 130 -15.83 33.73 24.55
CA CYS E 130 -15.33 33.45 25.88
C CYS E 130 -15.34 34.68 26.77
N THR E 131 -15.29 35.88 26.20
CA THR E 131 -15.26 37.09 27.00
C THR E 131 -16.51 37.26 27.86
N ALA E 132 -17.62 36.67 27.45
CA ALA E 132 -18.85 36.76 28.23
C ALA E 132 -19.41 35.38 28.53
N VAL E 133 -18.87 34.78 29.59
CA VAL E 133 -19.38 33.57 30.18
C VAL E 133 -19.99 33.95 31.52
N PRO E 134 -21.11 33.37 31.92
CA PRO E 134 -21.62 33.66 33.27
C PRO E 134 -20.75 32.94 34.28
N VAL E 135 -19.86 33.69 34.93
CA VAL E 135 -18.87 33.09 35.81
C VAL E 135 -19.51 32.58 37.08
N SER E 136 -20.62 33.19 37.50
CA SER E 136 -21.35 32.71 38.66
C SER E 136 -21.94 31.33 38.45
N ALA E 137 -22.16 30.92 37.21
CA ALA E 137 -22.80 29.64 36.91
C ALA E 137 -21.74 28.55 36.96
N LEU E 138 -21.86 27.67 37.95
CA LEU E 138 -20.89 26.60 38.15
C LEU E 138 -19.50 27.19 38.40
N GLY E 139 -19.40 27.96 39.49
CA GLY E 139 -18.19 28.71 39.75
C GLY E 139 -17.42 28.32 40.99
N ASN E 140 -17.69 27.14 41.54
CA ASN E 140 -16.92 26.59 42.66
C ASN E 140 -16.91 27.55 43.85
N GLY E 141 -18.10 27.72 44.44
CA GLY E 141 -18.30 28.68 45.52
C GLY E 141 -18.06 30.09 44.99
N SER E 142 -18.89 30.56 44.07
CA SER E 142 -18.65 31.86 43.43
C SER E 142 -19.14 33.04 44.26
N LEU E 143 -19.17 34.21 43.64
CA LEU E 143 -19.56 35.43 44.32
C LEU E 143 -18.80 36.66 43.85
N ALA E 144 -17.85 36.46 42.92
CA ALA E 144 -17.06 37.54 42.35
C ALA E 144 -16.38 38.34 43.45
N PRO E 145 -15.31 37.82 44.05
CA PRO E 145 -14.75 38.48 45.24
C PRO E 145 -14.14 39.83 44.93
N GLY E 146 -15.01 40.83 44.74
CA GLY E 146 -14.57 42.18 44.49
C GLY E 146 -13.88 42.40 43.18
N LEU E 147 -14.04 41.49 42.23
CA LEU E 147 -13.30 41.57 40.98
C LEU E 147 -13.81 42.74 40.15
N PRO E 148 -12.95 43.50 39.49
CA PRO E 148 -13.41 44.62 38.68
C PRO E 148 -13.79 44.19 37.28
N ALA E 149 -14.24 45.12 36.44
CA ALA E 149 -14.49 44.78 35.05
C ALA E 149 -13.19 44.63 34.26
N PRO E 150 -12.34 45.64 34.15
CA PRO E 150 -11.02 45.43 33.56
C PRO E 150 -10.19 44.56 34.49
N GLU E 151 -9.16 43.94 33.93
CA GLU E 151 -8.35 42.96 34.63
C GLU E 151 -9.14 41.73 35.02
N LEU E 152 -10.28 41.54 34.41
CA LEU E 152 -11.04 40.31 34.40
C LEU E 152 -11.33 39.85 32.99
N ALA E 153 -11.62 40.78 32.08
CA ALA E 153 -11.61 40.45 30.67
C ALA E 153 -10.27 39.85 30.27
N ARG E 154 -9.17 40.40 30.79
CA ARG E 154 -7.88 39.79 30.56
C ARG E 154 -7.71 38.52 31.39
N LEU E 155 -8.64 38.26 32.30
CA LEU E 155 -8.62 36.99 33.02
C LEU E 155 -9.42 35.93 32.30
N LEU E 156 -10.65 36.26 31.91
CA LEU E 156 -11.44 35.31 31.14
C LEU E 156 -10.81 35.02 29.80
N ALA E 157 -10.34 36.04 29.10
CA ALA E 157 -10.08 35.90 27.68
C ALA E 157 -8.98 34.92 27.36
N ARG E 158 -8.19 34.51 28.33
CA ARG E 158 -7.13 33.59 28.00
C ARG E 158 -7.62 32.17 27.82
N VAL E 159 -8.90 31.90 28.11
CA VAL E 159 -9.37 30.54 28.36
C VAL E 159 -8.95 29.53 27.30
N PRO E 160 -8.99 29.84 26.01
CA PRO E 160 -8.55 28.84 25.03
C PRO E 160 -7.06 28.60 25.06
N CYS E 161 -6.26 29.62 25.32
CA CYS E 161 -4.82 29.40 25.31
C CYS E 161 -4.43 28.61 26.55
N PRO E 162 -4.18 27.30 26.43
CA PRO E 162 -4.13 26.44 27.63
C PRO E 162 -2.99 26.77 28.59
N GLU E 163 -1.75 26.70 28.13
CA GLU E 163 -0.64 26.77 29.07
C GLU E 163 -0.47 28.15 29.66
N ILE E 164 -1.09 29.16 29.06
CA ILE E 164 -0.99 30.51 29.59
C ILE E 164 -2.21 30.91 30.40
N TYR E 165 -3.01 29.96 30.85
CA TYR E 165 -4.17 30.31 31.65
C TYR E 165 -3.76 30.84 33.01
N ASP E 166 -4.45 31.88 33.48
CA ASP E 166 -4.09 32.48 34.76
C ASP E 166 -4.28 31.51 35.92
N GLY E 167 -5.53 31.13 36.20
CA GLY E 167 -5.76 30.30 37.37
C GLY E 167 -7.19 30.08 37.82
N ASP E 168 -7.34 29.55 39.02
CA ASP E 168 -8.60 29.02 39.51
C ASP E 168 -9.58 30.09 39.97
N TRP E 169 -9.25 31.36 39.83
CA TRP E 169 -10.11 32.40 40.35
C TRP E 169 -11.44 32.39 39.63
N LEU E 170 -12.46 31.91 40.32
CA LEU E 170 -13.82 31.94 39.80
C LEU E 170 -13.93 31.08 38.55
N LEU E 171 -13.03 30.13 38.37
CA LEU E 171 -13.16 29.25 37.23
C LEU E 171 -12.10 28.16 37.30
N ALA E 172 -12.45 26.98 36.81
CA ALA E 172 -11.48 26.00 36.38
C ALA E 172 -11.39 26.11 34.88
N ARG E 173 -10.48 25.37 34.27
CA ARG E 173 -10.43 25.40 32.82
C ARG E 173 -11.46 24.44 32.23
N GLU E 174 -11.55 23.24 32.76
CA GLU E 174 -12.37 22.23 32.10
C GLU E 174 -13.85 22.37 32.41
N VAL E 175 -14.30 23.54 32.85
CA VAL E 175 -15.72 23.79 32.96
C VAL E 175 -16.11 25.05 32.19
N ALA E 176 -15.15 25.89 31.85
CA ALA E 176 -15.44 27.00 30.95
C ALA E 176 -15.36 26.55 29.49
N VAL E 177 -14.37 25.74 29.17
CA VAL E 177 -14.44 24.93 27.97
C VAL E 177 -15.31 23.76 28.38
N ARG E 178 -15.76 22.97 27.41
CA ARG E 178 -16.69 21.87 27.66
C ARG E 178 -18.01 22.37 28.20
N TYR E 179 -18.28 23.65 28.03
CA TYR E 179 -19.62 24.19 28.10
C TYR E 179 -19.86 25.18 26.98
N LEU E 180 -18.78 25.63 26.34
CA LEU E 180 -18.90 26.36 25.09
C LEU E 180 -18.69 25.46 23.90
N ARG E 181 -18.26 24.23 24.11
CA ARG E 181 -18.27 23.29 23.00
C ARG E 181 -19.57 22.50 22.99
N CYS E 182 -20.40 22.67 24.01
CA CYS E 182 -21.75 22.14 23.93
C CYS E 182 -22.64 23.05 23.11
N ILE E 183 -22.77 24.31 23.52
CA ILE E 183 -23.63 25.27 22.81
C ILE E 183 -23.27 25.33 21.34
N SER E 184 -21.98 25.26 21.02
CA SER E 184 -21.58 25.29 19.63
C SER E 184 -22.15 24.12 18.86
N GLN E 185 -21.94 22.90 19.35
CA GLN E 185 -22.41 21.73 18.60
C GLN E 185 -23.92 21.68 18.52
N ALA E 186 -24.62 22.55 19.24
CA ALA E 186 -26.06 22.64 19.05
C ALA E 186 -26.39 23.43 17.79
N LEU E 187 -25.68 24.52 17.55
CA LEU E 187 -25.91 25.24 16.31
C LEU E 187 -25.54 24.38 15.12
N GLY E 188 -24.45 23.62 15.23
CA GLY E 188 -23.96 22.86 14.10
C GLY E 188 -24.97 21.87 13.57
N TRP E 189 -25.79 21.30 14.45
CA TRP E 189 -26.86 20.44 13.97
C TRP E 189 -28.09 21.24 13.59
N SER E 190 -28.50 22.19 14.44
CA SER E 190 -29.67 22.98 14.14
C SER E 190 -29.41 23.95 12.99
N PHE E 191 -28.19 24.00 12.49
CA PHE E 191 -27.94 24.69 11.24
C PHE E 191 -28.02 23.73 10.06
N VAL E 192 -27.24 22.65 10.09
CA VAL E 192 -27.21 21.73 8.94
C VAL E 192 -28.57 21.12 8.71
N LEU E 193 -29.37 20.98 9.76
CA LEU E 193 -30.75 20.56 9.57
C LEU E 193 -31.50 21.54 8.68
N LEU E 194 -31.52 22.81 9.07
CA LEU E 194 -32.29 23.82 8.33
C LEU E 194 -31.85 23.91 6.88
N THR E 195 -30.56 23.82 6.61
CA THR E 195 -30.10 23.91 5.23
C THR E 195 -30.60 22.74 4.40
N THR E 196 -30.38 21.52 4.87
CA THR E 196 -30.79 20.37 4.07
C THR E 196 -32.29 20.34 3.87
N LEU E 197 -33.05 20.72 4.89
CA LEU E 197 -34.49 20.85 4.70
C LEU E 197 -34.81 21.88 3.64
N LEU E 198 -33.99 22.94 3.54
CA LEU E 198 -34.21 23.92 2.48
C LEU E 198 -33.67 23.44 1.16
N ALA E 199 -32.87 22.37 1.16
CA ALA E 199 -32.54 21.71 -0.08
C ALA E 199 -33.73 20.93 -0.60
N PHE E 200 -34.66 20.60 0.29
CA PHE E 200 -35.84 19.85 -0.12
C PHE E 200 -36.74 20.69 -1.01
N VAL E 201 -37.15 21.75 -0.38
CA VAL E 201 -38.04 22.63 -0.97
C VAL E 201 -37.57 23.05 -2.28
N VAL E 202 -36.30 23.34 -2.48
CA VAL E 202 -35.95 23.89 -3.78
C VAL E 202 -36.22 23.01 -4.95
N ARG E 203 -35.78 21.76 -4.84
CA ARG E 203 -35.99 20.85 -5.93
C ARG E 203 -37.44 20.59 -6.03
N SER E 204 -38.01 20.31 -4.86
CA SER E 204 -39.39 19.93 -4.85
C SER E 204 -40.37 20.93 -5.33
N VAL E 205 -40.07 22.23 -5.32
CA VAL E 205 -41.03 23.03 -5.94
C VAL E 205 -40.68 23.45 -7.29
N ARG E 206 -39.55 24.09 -7.56
CA ARG E 206 -39.82 24.92 -8.79
C ARG E 206 -38.79 25.84 -9.46
N PRO E 207 -38.74 27.20 -9.01
CA PRO E 207 -37.85 28.28 -9.44
C PRO E 207 -37.13 28.04 -10.76
N CYS E 208 -37.84 28.32 -11.86
CA CYS E 208 -37.28 28.33 -13.21
C CYS E 208 -36.94 26.93 -13.71
N PHE E 209 -37.88 26.01 -13.52
CA PHE E 209 -37.78 24.65 -14.05
C PHE E 209 -38.61 24.46 -15.31
N THR E 210 -39.01 25.55 -15.96
CA THR E 210 -39.94 25.50 -17.09
C THR E 210 -39.43 24.59 -18.19
N GLN E 211 -40.32 23.72 -18.68
CA GLN E 211 -39.94 22.74 -19.69
C GLN E 211 -39.47 23.44 -20.96
N ALA E 212 -39.97 24.65 -21.21
CA ALA E 212 -39.54 25.38 -22.40
C ALA E 212 -38.06 25.66 -22.37
N ALA E 213 -37.60 26.42 -21.37
CA ALA E 213 -36.28 27.00 -21.44
C ALA E 213 -35.21 25.97 -21.10
N PHE E 214 -35.56 24.97 -20.29
CA PHE E 214 -34.62 23.89 -20.02
C PHE E 214 -34.21 23.22 -21.31
N LEU E 215 -35.16 23.07 -22.24
CA LEU E 215 -34.85 22.45 -23.51
C LEU E 215 -33.85 23.28 -24.30
N LYS E 216 -34.16 24.56 -24.51
CA LYS E 216 -33.30 25.42 -25.30
C LYS E 216 -31.89 25.45 -24.74
N SER E 217 -31.76 25.45 -23.42
CA SER E 217 -30.45 25.51 -22.80
C SER E 217 -29.61 24.30 -23.17
N LYS E 218 -30.04 23.12 -22.73
CA LYS E 218 -29.23 21.92 -22.90
C LYS E 218 -28.94 21.65 -24.36
N TYR E 219 -29.85 22.03 -25.25
CA TYR E 219 -29.55 22.02 -26.67
C TYR E 219 -28.36 22.91 -26.96
N TRP E 220 -28.40 24.14 -26.46
CA TRP E 220 -27.38 25.12 -26.79
C TRP E 220 -26.01 24.68 -26.29
N SER E 221 -25.91 24.37 -24.99
CA SER E 221 -24.62 23.97 -24.44
C SER E 221 -24.12 22.69 -25.10
N HIS E 222 -25.05 21.85 -25.57
CA HIS E 222 -24.62 20.70 -26.35
C HIS E 222 -24.03 21.15 -27.68
N TYR E 223 -24.48 22.28 -28.19
CA TYR E 223 -24.07 22.71 -29.52
C TYR E 223 -22.66 23.27 -29.51
N ILE E 224 -22.27 23.94 -28.43
CA ILE E 224 -20.93 24.51 -28.34
C ILE E 224 -19.89 23.40 -28.40
N ASP E 225 -20.22 22.23 -27.87
CA ASP E 225 -19.27 21.12 -27.87
C ASP E 225 -18.90 20.74 -29.29
N ILE E 226 -19.90 20.44 -30.12
CA ILE E 226 -19.63 19.97 -31.47
C ILE E 226 -18.91 21.03 -32.28
N GLU E 227 -19.16 22.31 -31.99
CA GLU E 227 -18.51 23.37 -32.73
C GLU E 227 -17.01 23.34 -32.51
N ARG E 228 -16.58 23.32 -31.24
CA ARG E 228 -15.15 23.31 -30.95
C ARG E 228 -14.50 22.04 -31.46
N LYS E 229 -15.11 20.89 -31.18
CA LYS E 229 -14.51 19.62 -31.59
C LYS E 229 -14.37 19.53 -33.09
N LEU E 230 -15.32 20.10 -33.83
CA LEU E 230 -15.30 19.97 -35.28
C LEU E 230 -14.35 20.94 -35.96
N PHE E 231 -14.09 22.10 -35.35
CA PHE E 231 -13.23 23.08 -35.99
C PHE E 231 -11.83 22.53 -36.20
N ASP E 232 -11.34 21.76 -35.23
CA ASP E 232 -10.00 21.19 -35.33
C ASP E 232 -9.86 20.29 -36.53
N GLU E 233 -10.94 19.63 -36.95
CA GLU E 233 -10.88 18.74 -38.10
C GLU E 233 -10.47 19.51 -39.35
N THR E 234 -11.15 20.61 -39.65
CA THR E 234 -10.86 21.36 -40.86
C THR E 234 -9.43 21.90 -40.83
N CYS E 235 -8.96 22.32 -39.66
CA CYS E 235 -7.60 22.85 -39.56
C CYS E 235 -6.58 21.80 -39.93
N THR E 236 -6.54 20.70 -39.16
CA THR E 236 -5.59 19.63 -39.44
C THR E 236 -5.75 19.11 -40.86
N GLU E 237 -6.99 19.06 -41.35
CA GLU E 237 -7.20 18.72 -42.75
C GLU E 237 -6.60 19.78 -43.65
N HIS E 238 -7.06 21.03 -43.53
CA HIS E 238 -6.60 22.08 -44.43
C HIS E 238 -5.11 22.32 -44.32
N ALA E 239 -4.53 22.04 -43.15
CA ALA E 239 -3.10 22.22 -42.99
C ALA E 239 -2.30 21.13 -43.70
N LYS E 240 -2.80 19.89 -43.64
CA LYS E 240 -2.06 18.76 -44.19
C LYS E 240 -1.74 18.97 -45.66
N ALA E 241 -2.69 19.53 -46.42
CA ALA E 241 -2.42 19.83 -47.81
C ALA E 241 -1.36 20.92 -47.96
N PHE E 242 -1.15 21.72 -46.93
CA PHE E 242 -0.23 22.84 -47.04
C PHE E 242 1.20 22.49 -46.67
N ALA E 243 1.42 21.54 -45.77
CA ALA E 243 2.78 21.22 -45.35
C ALA E 243 3.58 20.59 -46.47
N LYS E 244 2.92 19.82 -47.35
CA LYS E 244 3.64 19.04 -48.35
C LYS E 244 4.45 19.93 -49.28
N VAL E 245 3.99 21.16 -49.51
CA VAL E 245 4.74 22.04 -50.41
C VAL E 245 6.08 22.44 -49.80
N CYS E 246 6.14 22.65 -48.49
CA CYS E 246 7.36 23.17 -47.90
C CYS E 246 8.30 22.07 -47.44
N ILE E 247 7.78 21.05 -46.75
CA ILE E 247 8.63 19.99 -46.22
C ILE E 247 9.44 19.33 -47.32
N GLN E 248 8.87 19.19 -48.50
CA GLN E 248 9.63 18.64 -49.62
C GLN E 248 10.81 19.54 -49.97
N GLN E 249 10.70 20.84 -49.72
CA GLN E 249 11.78 21.74 -50.08
C GLN E 249 13.01 21.50 -49.22
N PHE E 250 12.81 21.12 -47.95
CA PHE E 250 13.94 20.77 -47.10
C PHE E 250 14.71 19.59 -47.69
N PHE E 251 14.00 18.53 -48.05
CA PHE E 251 14.58 17.52 -48.89
C PHE E 251 14.96 18.13 -50.24
N GLU E 252 15.97 17.54 -50.87
CA GLU E 252 16.39 17.96 -52.21
C GLU E 252 16.92 19.38 -52.23
N ALA E 253 17.17 19.95 -51.05
CA ALA E 253 17.50 21.36 -50.94
C ALA E 253 18.70 21.60 -50.07
N MET E 254 19.15 20.55 -49.36
CA MET E 254 20.37 20.67 -48.59
C MET E 254 21.59 20.29 -49.42
N ASN E 255 21.60 19.08 -49.97
CA ASN E 255 22.63 18.65 -50.90
C ASN E 255 22.07 17.82 -52.04
N HIS E 256 20.78 17.48 -52.02
CA HIS E 256 20.17 16.55 -52.97
C HIS E 256 20.76 15.15 -52.87
N ASP E 257 21.48 14.88 -51.77
CA ASP E 257 22.13 13.61 -51.56
C ASP E 257 22.85 13.67 -50.23
N LEU E 258 23.50 12.57 -49.88
CA LEU E 258 24.36 12.51 -48.70
C LEU E 258 25.79 12.22 -49.14
N GLU E 259 26.73 12.85 -48.46
CA GLU E 259 28.14 12.58 -48.69
C GLU E 259 28.56 11.22 -48.16
N LEU E 260 27.75 10.61 -47.30
CA LEU E 260 28.06 9.31 -46.71
C LEU E 260 27.84 8.15 -47.68
N GLY E 261 27.55 8.43 -48.95
CA GLY E 261 27.44 7.37 -49.93
C GLY E 261 28.77 6.63 -50.06
N HIS E 262 28.72 5.33 -49.79
CA HIS E 262 29.92 4.50 -49.85
C HIS E 262 30.08 3.90 -51.24
N MET F 1 4.37 18.39 10.20
CA MET F 1 4.65 19.36 9.15
C MET F 1 4.25 18.79 7.79
N MET F 2 4.01 17.48 7.76
CA MET F 2 3.64 16.82 6.52
C MET F 2 2.27 17.28 6.01
N ASP F 3 1.46 17.89 6.87
CA ASP F 3 0.08 18.20 6.51
C ASP F 3 -0.02 19.12 5.29
N LYS F 4 0.84 20.14 5.23
CA LYS F 4 0.70 21.14 4.17
C LYS F 4 0.98 20.54 2.80
N PHE F 5 1.75 19.45 2.75
CA PHE F 5 2.14 18.84 1.50
C PHE F 5 1.59 17.43 1.32
N ARG F 6 1.36 16.69 2.41
CA ARG F 6 0.79 15.35 2.29
C ARG F 6 -0.62 15.41 1.73
N MET F 7 -1.29 16.55 1.89
CA MET F 7 -2.61 16.76 1.32
C MET F 7 -2.62 16.64 -0.19
N ILE F 8 -1.84 17.43 -0.90
CA ILE F 8 -1.75 17.31 -2.34
C ILE F 8 -1.14 15.96 -2.74
N PHE F 9 -0.40 15.33 -1.82
CA PHE F 9 0.17 14.01 -2.08
C PHE F 9 -0.89 12.98 -2.43
N GLN F 10 -1.89 12.79 -1.56
CA GLN F 10 -3.00 11.91 -1.92
C GLN F 10 -3.90 12.55 -2.95
N PHE F 11 -4.00 13.89 -2.93
CA PHE F 11 -4.73 14.59 -3.98
C PHE F 11 -4.09 14.34 -5.33
N LEU F 12 -2.76 14.39 -5.40
CA LEU F 12 -2.05 13.88 -6.56
C LEU F 12 -2.37 12.41 -6.76
N GLN F 13 -2.31 11.63 -5.69
CA GLN F 13 -2.72 10.24 -5.74
C GLN F 13 -4.19 10.07 -6.09
N SER F 14 -4.99 11.11 -5.91
CA SER F 14 -6.43 11.00 -6.11
C SER F 14 -6.80 10.60 -7.53
N ASN F 15 -6.52 11.45 -8.51
CA ASN F 15 -6.96 11.18 -9.88
C ASN F 15 -5.98 11.83 -10.84
N GLN F 16 -6.34 11.81 -12.12
CA GLN F 16 -5.52 12.37 -13.18
C GLN F 16 -6.38 13.24 -14.09
N GLU F 17 -7.17 14.12 -13.47
CA GLU F 17 -8.06 15.00 -14.22
C GLU F 17 -7.60 16.44 -14.04
N SER F 18 -7.12 17.03 -15.13
CA SER F 18 -6.64 18.41 -15.09
C SER F 18 -6.40 18.95 -16.50
N PHE F 19 -5.75 20.12 -16.57
CA PHE F 19 -5.42 20.76 -17.83
C PHE F 19 -4.01 21.34 -17.74
N MET F 20 -3.68 22.26 -18.64
CA MET F 20 -2.40 22.98 -18.60
C MET F 20 -2.12 23.52 -17.20
N ASN F 21 -3.15 24.09 -16.56
CA ASN F 21 -3.03 24.43 -15.14
C ASN F 21 -2.75 23.19 -14.30
N GLY F 22 -3.40 22.07 -14.62
CA GLY F 22 -3.03 20.80 -14.00
C GLY F 22 -1.64 20.36 -14.41
N ILE F 23 -1.24 20.70 -15.64
CA ILE F 23 0.16 20.54 -16.02
C ILE F 23 1.04 21.46 -15.18
N CYS F 24 0.57 22.68 -14.93
CA CYS F 24 1.19 23.52 -13.91
C CYS F 24 1.02 22.88 -12.54
N GLY F 25 -0.04 22.09 -12.36
CA GLY F 25 -0.16 21.30 -11.14
C GLY F 25 0.99 20.34 -10.94
N ILE F 26 1.62 19.93 -12.05
CA ILE F 26 2.82 19.10 -11.94
C ILE F 26 3.90 19.85 -11.15
N MET F 27 4.05 21.14 -11.42
CA MET F 27 5.09 21.91 -10.75
C MET F 27 4.58 22.49 -9.42
N ALA F 28 3.55 23.33 -9.48
CA ALA F 28 3.23 24.17 -8.33
C ALA F 28 2.70 23.35 -7.16
N LEU F 29 2.10 22.19 -7.43
CA LEU F 29 1.75 21.29 -6.35
C LEU F 29 2.99 20.93 -5.54
N ALA F 30 4.12 20.73 -6.24
CA ALA F 30 5.40 20.65 -5.56
C ALA F 30 5.69 21.96 -4.83
N SER F 31 5.32 23.10 -5.43
CA SER F 31 5.53 24.37 -4.75
C SER F 31 4.64 24.48 -3.51
N ALA F 32 3.49 23.81 -3.54
CA ALA F 32 2.73 23.69 -2.30
C ALA F 32 3.43 22.76 -1.32
N GLN F 33 4.33 21.92 -1.81
CA GLN F 33 4.94 20.90 -0.96
C GLN F 33 6.41 21.22 -0.69
N MET F 34 7.09 21.81 -1.68
CA MET F 34 8.50 22.15 -1.55
C MET F 34 8.77 23.01 -0.32
N TYR F 35 7.78 23.80 0.09
CA TYR F 35 7.89 24.53 1.35
C TYR F 35 8.10 23.56 2.51
N SER F 36 7.49 22.38 2.44
CA SER F 36 7.43 21.50 3.61
C SER F 36 8.81 21.02 4.04
N ALA F 37 9.62 20.53 3.10
CA ALA F 37 10.93 19.98 3.44
C ALA F 37 12.02 21.03 3.53
N PHE F 38 11.85 22.16 2.86
CA PHE F 38 12.77 23.29 2.98
C PHE F 38 12.53 24.03 4.28
N ASP F 39 13.49 23.92 5.20
CA ASP F 39 13.30 24.41 6.56
C ASP F 39 13.28 25.93 6.56
N PHE F 40 13.04 26.52 7.73
CA PHE F 40 13.08 27.96 7.92
C PHE F 40 13.58 28.23 9.33
N ASN F 41 14.53 29.16 9.46
CA ASN F 41 15.10 29.49 10.77
C ASN F 41 15.82 30.81 10.63
N CYS F 42 15.44 31.79 11.43
CA CYS F 42 15.95 33.13 11.22
C CYS F 42 17.10 33.40 12.17
N PRO F 43 18.00 34.31 11.80
CA PRO F 43 19.23 34.53 12.55
C PRO F 43 19.03 34.91 14.00
N CYS F 44 17.88 35.48 14.34
CA CYS F 44 17.65 36.10 15.64
C CYS F 44 18.87 36.90 16.09
N LEU F 45 19.17 37.93 15.32
CA LEU F 45 20.15 38.99 15.44
C LEU F 45 19.47 40.35 15.23
N PRO F 46 20.15 41.47 15.47
CA PRO F 46 19.42 42.74 15.61
C PRO F 46 18.88 43.33 14.32
N GLY F 47 19.57 43.19 13.20
CA GLY F 47 19.11 43.88 12.01
C GLY F 47 19.00 43.01 10.79
N TYR F 48 19.57 41.81 10.84
CA TYR F 48 19.56 40.90 9.71
C TYR F 48 18.18 40.40 9.38
N ASN F 49 17.29 40.28 10.37
CA ASN F 49 15.98 39.67 10.16
C ASN F 49 15.25 40.33 9.00
N ALA F 50 14.98 41.63 9.12
CA ALA F 50 14.20 42.33 8.10
C ALA F 50 14.86 42.27 6.74
N ALA F 51 16.18 42.05 6.71
CA ALA F 51 16.80 41.66 5.45
C ALA F 51 16.43 40.24 5.09
N TYR F 52 16.61 39.30 6.01
CA TYR F 52 16.54 37.90 5.63
C TYR F 52 15.14 37.48 5.26
N SER F 53 14.13 37.98 5.96
CA SER F 53 12.79 37.50 5.69
C SER F 53 12.34 37.94 4.30
N ALA F 54 12.74 39.13 3.86
CA ALA F 54 12.39 39.56 2.52
C ALA F 54 13.02 38.67 1.47
N GLY F 55 14.02 37.88 1.86
CA GLY F 55 14.57 36.91 0.94
C GLY F 55 13.58 35.80 0.59
N ILE F 56 12.69 35.49 1.51
CA ILE F 56 11.82 34.34 1.28
C ILE F 56 10.41 34.78 0.93
N LEU F 57 10.25 35.99 0.42
CA LEU F 57 9.02 36.34 -0.26
C LEU F 57 9.24 36.92 -1.64
N LEU F 58 10.47 37.00 -2.12
CA LEU F 58 10.72 37.56 -3.44
C LEU F 58 11.58 36.68 -4.32
N ALA F 59 12.58 36.01 -3.79
CA ALA F 59 13.40 35.23 -4.69
C ALA F 59 12.68 33.94 -5.07
N PRO F 60 12.35 33.07 -4.12
CA PRO F 60 11.71 31.79 -4.46
C PRO F 60 10.39 31.96 -5.20
N PRO F 61 9.67 33.06 -5.02
CA PRO F 61 8.59 33.30 -5.98
C PRO F 61 9.11 33.53 -7.37
N LEU F 62 10.01 34.49 -7.54
CA LEU F 62 10.47 34.86 -8.87
C LEU F 62 11.10 33.69 -9.61
N VAL F 63 11.73 32.77 -8.89
CA VAL F 63 12.25 31.57 -9.52
C VAL F 63 11.11 30.76 -10.11
N LEU F 64 10.06 30.51 -9.33
CA LEU F 64 8.97 29.69 -9.84
C LEU F 64 8.27 30.35 -11.02
N PHE F 65 8.38 31.66 -11.14
CA PHE F 65 7.82 32.33 -12.31
C PHE F 65 8.62 31.99 -13.56
N LEU F 66 9.90 32.36 -13.59
CA LEU F 66 10.74 32.12 -14.76
C LEU F 66 10.84 30.66 -15.11
N LEU F 67 10.65 29.76 -14.15
CA LEU F 67 10.63 28.34 -14.48
C LEU F 67 9.32 27.95 -15.14
N GLY F 68 8.38 28.89 -15.23
CA GLY F 68 7.15 28.61 -15.96
C GLY F 68 7.27 28.96 -17.43
N LEU F 69 7.92 30.07 -17.75
CA LEU F 69 8.09 30.43 -19.15
C LEU F 69 8.95 29.40 -19.87
N VAL F 70 10.14 29.12 -19.36
CA VAL F 70 11.05 28.21 -20.02
C VAL F 70 10.47 26.81 -20.11
N MET F 71 9.55 26.48 -19.20
CA MET F 71 9.06 25.10 -19.14
C MET F 71 8.16 24.77 -20.32
N ASN F 72 7.43 25.74 -20.84
CA ASN F 72 6.52 25.44 -21.93
C ASN F 72 7.18 25.71 -23.28
N ASN F 73 6.68 25.01 -24.30
CA ASN F 73 7.33 24.90 -25.59
C ASN F 73 6.86 25.94 -26.60
N ASN F 74 6.91 27.21 -26.22
CA ASN F 74 6.45 28.26 -27.12
C ASN F 74 7.39 29.45 -27.24
N VAL F 75 8.23 29.70 -26.22
CA VAL F 75 8.91 30.99 -26.12
C VAL F 75 9.85 31.22 -27.30
N SER F 76 10.39 30.16 -27.88
CA SER F 76 11.26 30.31 -29.04
C SER F 76 10.53 30.99 -30.18
N MET F 77 9.32 30.50 -30.50
CA MET F 77 8.55 31.06 -31.60
C MET F 77 8.27 32.54 -31.40
N LEU F 78 8.03 32.95 -30.15
CA LEU F 78 7.92 34.37 -29.86
C LEU F 78 9.29 35.03 -29.83
N ALA F 79 10.27 34.37 -29.21
CA ALA F 79 11.61 34.94 -29.14
C ALA F 79 12.22 35.06 -30.52
N GLU F 80 12.02 34.04 -31.37
CA GLU F 80 12.59 34.07 -32.71
C GLU F 80 12.04 35.23 -33.53
N GLU F 81 10.71 35.37 -33.55
CA GLU F 81 10.08 36.35 -34.43
C GLU F 81 10.10 37.76 -33.84
N TRP F 82 10.53 37.92 -32.58
CA TRP F 82 10.64 39.26 -32.04
C TRP F 82 11.96 39.91 -32.42
N LYS F 83 13.07 39.18 -32.26
CA LYS F 83 14.38 39.69 -32.65
C LYS F 83 14.44 40.10 -34.12
N ARG F 84 13.70 39.42 -34.99
CA ARG F 84 13.70 39.80 -36.39
C ARG F 84 13.09 41.19 -36.58
N PRO F 85 13.29 41.80 -37.74
CA PRO F 85 12.73 43.14 -37.97
C PRO F 85 11.23 43.06 -38.24
N PRO F 86 10.49 44.13 -37.95
CA PRO F 86 9.09 44.18 -38.37
C PRO F 86 8.95 44.08 -39.88
N GLY F 87 7.77 43.68 -40.33
CA GLY F 87 7.54 43.48 -41.75
C GLY F 87 7.83 42.05 -42.14
N ARG F 88 9.07 41.60 -41.89
CA ARG F 88 9.41 40.20 -42.10
C ARG F 88 8.64 39.26 -41.19
N ARG F 89 8.10 39.77 -40.08
CA ARG F 89 7.32 38.95 -39.15
C ARG F 89 6.15 38.32 -39.89
N ALA F 90 6.13 36.99 -39.93
CA ALA F 90 5.03 36.27 -40.57
C ALA F 90 3.76 36.27 -39.74
N LYS F 91 3.71 37.04 -38.65
CA LYS F 91 2.57 37.07 -37.76
C LYS F 91 2.26 38.50 -37.35
N ASP F 92 0.97 38.80 -37.22
CA ASP F 92 0.52 40.11 -36.82
C ASP F 92 0.91 40.38 -35.37
N PRO F 93 1.08 41.66 -35.01
CA PRO F 93 1.21 42.00 -33.58
C PRO F 93 0.10 41.43 -32.73
N ALA F 94 -1.11 41.34 -33.26
CA ALA F 94 -2.23 40.82 -32.48
C ALA F 94 -1.96 39.40 -32.01
N VAL F 95 -1.64 38.50 -32.94
CA VAL F 95 -1.35 37.12 -32.56
C VAL F 95 -0.11 37.08 -31.67
N LEU F 96 0.83 37.99 -31.88
CA LEU F 96 1.93 38.09 -30.95
C LEU F 96 1.44 38.52 -29.57
N ARG F 97 0.77 39.67 -29.50
CA ARG F 97 0.37 40.22 -28.22
C ARG F 97 -0.50 39.25 -27.43
N TYR F 98 -1.45 38.62 -28.10
CA TYR F 98 -2.25 37.61 -27.40
C TYR F 98 -1.39 36.46 -26.94
N MET F 99 -0.76 35.76 -27.89
CA MET F 99 0.00 34.56 -27.55
C MET F 99 1.08 34.81 -26.53
N PHE F 100 1.67 36.00 -26.50
CA PHE F 100 2.56 36.36 -25.43
C PHE F 100 1.86 36.51 -24.10
N CYS F 101 0.67 37.11 -24.08
CA CYS F 101 -0.09 37.26 -22.85
C CYS F 101 -0.66 35.95 -22.35
N SER F 102 -0.88 34.98 -23.22
CA SER F 102 -1.38 33.69 -22.76
C SER F 102 -0.26 32.82 -22.22
N MET F 103 0.93 33.38 -22.05
CA MET F 103 1.97 32.67 -21.33
C MET F 103 1.97 33.07 -19.86
N ALA F 104 1.73 34.35 -19.58
CA ALA F 104 1.69 34.82 -18.20
C ALA F 104 0.61 34.10 -17.40
N GLN F 105 -0.63 34.12 -17.90
CA GLN F 105 -1.76 33.63 -17.11
C GLN F 105 -1.72 32.11 -16.95
N ARG F 106 -0.74 31.44 -17.54
CA ARG F 106 -0.53 30.05 -17.20
C ARG F 106 0.67 29.91 -16.26
N ALA F 107 1.48 30.95 -16.16
CA ALA F 107 2.65 30.88 -15.28
C ALA F 107 2.31 31.38 -13.88
N LEU F 108 1.37 32.33 -13.78
CA LEU F 108 1.07 32.96 -12.51
C LEU F 108 0.38 32.03 -11.51
N TRP F 109 0.19 30.75 -11.84
CA TRP F 109 -0.48 29.87 -10.89
C TRP F 109 0.49 29.36 -9.83
N ALA F 110 1.79 29.37 -10.12
CA ALA F 110 2.75 29.03 -9.09
C ALA F 110 3.08 30.17 -8.14
N PRO F 111 3.37 31.38 -8.61
CA PRO F 111 3.85 32.42 -7.67
C PRO F 111 2.76 33.12 -6.91
N VAL F 112 1.57 32.55 -6.82
CA VAL F 112 0.58 33.12 -5.92
C VAL F 112 0.26 32.09 -4.84
N VAL F 113 0.48 30.81 -5.14
CA VAL F 113 0.31 29.79 -4.13
C VAL F 113 1.49 29.79 -3.19
N TRP F 114 2.65 30.27 -3.64
CA TRP F 114 3.81 30.29 -2.76
C TRP F 114 3.97 31.64 -2.11
N VAL F 115 2.95 32.48 -2.16
CA VAL F 115 2.94 33.67 -1.31
C VAL F 115 1.81 33.57 -0.30
N ALA F 116 0.75 32.85 -0.63
CA ALA F 116 -0.21 32.49 0.40
C ALA F 116 0.42 31.54 1.40
N VAL F 117 0.93 30.40 0.93
CA VAL F 117 1.26 29.31 1.84
C VAL F 117 2.57 29.56 2.59
N THR F 118 3.17 30.72 2.44
CA THR F 118 4.14 31.17 3.43
C THR F 118 3.73 32.46 4.10
N LEU F 119 2.45 32.78 4.09
CA LEU F 119 1.91 33.70 5.06
C LEU F 119 1.02 33.02 6.07
N LEU F 120 0.25 32.01 5.66
CA LEU F 120 -0.71 31.41 6.57
C LEU F 120 -0.02 30.68 7.71
N ASP F 121 1.25 30.34 7.56
CA ASP F 121 1.92 29.72 8.68
C ASP F 121 2.81 30.70 9.40
N GLY F 122 2.87 31.94 8.93
CA GLY F 122 3.37 33.04 9.73
C GLY F 122 4.86 33.05 10.00
N LYS F 123 5.54 31.92 9.83
CA LYS F 123 6.97 31.87 10.12
C LYS F 123 7.71 32.94 9.34
N CYS F 124 7.38 33.11 8.07
CA CYS F 124 8.02 34.13 7.25
C CYS F 124 7.75 35.51 7.81
N PHE F 125 6.62 35.71 8.48
CA PHE F 125 6.30 37.04 8.96
C PHE F 125 6.83 37.27 10.36
N LEU F 126 6.98 36.20 11.13
CA LEU F 126 7.37 36.34 12.53
C LEU F 126 8.75 36.94 12.65
N CYS F 127 9.72 36.38 11.91
CA CYS F 127 11.08 36.87 11.99
C CYS F 127 11.28 38.17 11.25
N ALA F 128 10.21 38.85 10.85
CA ALA F 128 10.38 40.04 10.03
C ALA F 128 9.91 41.30 10.74
N PHE F 129 9.12 41.15 11.79
CA PHE F 129 8.63 42.33 12.49
C PHE F 129 8.64 42.15 13.99
N CYS F 130 9.38 41.16 14.47
CA CYS F 130 9.45 41.01 15.90
C CYS F 130 10.21 42.14 16.56
N THR F 131 11.09 42.82 15.84
CA THR F 131 11.88 43.88 16.43
C THR F 131 11.02 45.05 16.93
N ALA F 132 9.83 45.21 16.36
CA ALA F 132 8.94 46.28 16.80
C ALA F 132 7.57 45.71 17.17
N VAL F 133 7.50 45.24 18.41
CA VAL F 133 6.25 44.85 19.05
C VAL F 133 5.96 45.89 20.13
N PRO F 134 4.72 46.28 20.33
CA PRO F 134 4.45 47.19 21.46
C PRO F 134 4.53 46.40 22.75
N VAL F 135 5.64 46.55 23.47
CA VAL F 135 5.90 45.74 24.64
C VAL F 135 4.99 46.13 25.79
N SER F 136 4.56 47.39 25.83
CA SER F 136 3.62 47.82 26.84
C SER F 136 2.26 47.14 26.72
N ALA F 137 1.91 46.64 25.54
CA ALA F 137 0.62 46.04 25.30
C ALA F 137 0.65 44.60 25.77
N LEU F 138 -0.10 44.31 26.83
CA LEU F 138 -0.13 42.98 27.42
C LEU F 138 1.27 42.60 27.90
N GLY F 139 1.79 43.38 28.84
CA GLY F 139 3.16 43.23 29.27
C GLY F 139 3.37 42.81 30.70
N ASN F 140 2.34 42.28 31.35
CA ASN F 140 2.46 41.70 32.69
C ASN F 140 3.02 42.72 33.68
N GLY F 141 2.23 43.76 33.94
CA GLY F 141 2.65 44.87 34.78
C GLY F 141 3.81 45.59 34.11
N SER F 142 3.58 46.20 32.95
CA SER F 142 4.69 46.80 32.19
C SER F 142 5.06 48.20 32.68
N LEU F 143 5.88 48.89 31.90
CA LEU F 143 6.36 50.21 32.26
C LEU F 143 7.78 50.47 31.80
N ALA F 144 8.41 49.48 31.17
CA ALA F 144 9.77 49.59 30.64
C ALA F 144 10.72 50.05 31.73
N PRO F 145 11.12 49.16 32.64
CA PRO F 145 11.88 49.60 33.82
C PRO F 145 13.27 50.11 33.45
N GLY F 146 13.32 51.32 32.91
CA GLY F 146 14.56 51.96 32.56
C GLY F 146 15.32 51.30 31.43
N LEU F 147 14.65 50.49 30.62
CA LEU F 147 15.35 49.74 29.59
C LEU F 147 15.82 50.68 28.49
N PRO F 148 17.01 50.49 27.94
CA PRO F 148 17.49 51.37 26.87
C PRO F 148 17.01 50.91 25.51
N ALA F 149 17.37 51.64 24.45
CA ALA F 149 17.06 51.16 23.11
C ALA F 149 17.97 50.01 22.70
N PRO F 150 19.28 50.18 22.63
CA PRO F 150 20.15 49.02 22.42
C PRO F 150 20.10 48.12 23.64
N GLU F 151 20.49 46.86 23.44
CA GLU F 151 20.38 45.84 24.46
C GLU F 151 18.93 45.57 24.84
N LEU F 152 18.02 45.99 24.01
CA LEU F 152 16.62 45.58 24.02
C LEU F 152 16.20 45.03 22.67
N ALA F 153 16.68 45.64 21.59
CA ALA F 153 16.58 45.00 20.28
C ALA F 153 17.18 43.61 20.31
N ARG F 154 18.32 43.46 20.99
CA ARG F 154 18.87 42.13 21.17
C ARG F 154 18.08 41.34 22.20
N LEU F 155 17.16 41.99 22.90
CA LEU F 155 16.26 41.27 23.79
C LEU F 155 15.01 40.81 23.07
N LEU F 156 14.36 41.72 22.36
CA LEU F 156 13.20 41.32 21.58
C LEU F 156 13.56 40.34 20.49
N ALA F 157 14.64 40.59 19.77
CA ALA F 157 14.84 39.93 18.49
C ALA F 157 15.00 38.44 18.61
N ARG F 158 15.25 37.91 19.78
CA ARG F 158 15.43 36.48 19.87
C ARG F 158 14.11 35.71 19.81
N VAL F 159 12.98 36.42 19.82
CA VAL F 159 11.69 35.79 20.16
C VAL F 159 11.39 34.51 19.40
N PRO F 160 11.68 34.41 18.10
CA PRO F 160 11.40 33.14 17.42
C PRO F 160 12.32 32.02 17.84
N CYS F 161 13.57 32.32 18.13
CA CYS F 161 14.49 31.25 18.50
C CYS F 161 14.14 30.78 19.90
N PRO F 162 13.45 29.64 20.05
CA PRO F 162 12.83 29.32 21.35
C PRO F 162 13.81 29.09 22.49
N GLU F 163 14.71 28.12 22.36
CA GLU F 163 15.50 27.72 23.51
C GLU F 163 16.53 28.78 23.89
N ILE F 164 16.79 29.74 23.02
CA ILE F 164 17.74 30.79 23.34
C ILE F 164 17.06 32.08 23.76
N TYR F 165 15.78 32.02 24.15
CA TYR F 165 15.12 33.24 24.59
C TYR F 165 15.68 33.73 25.91
N ASP F 166 15.84 35.04 26.03
CA ASP F 166 16.42 35.61 27.25
C ASP F 166 15.54 35.36 28.46
N GLY F 167 14.35 35.95 28.50
CA GLY F 167 13.54 35.82 29.69
C GLY F 167 12.31 36.69 29.82
N ASP F 168 11.75 36.73 31.02
CA ASP F 168 10.43 37.29 31.27
C ASP F 168 10.39 38.81 31.31
N TRP F 169 11.51 39.47 31.05
CA TRP F 169 11.54 40.92 31.19
C TRP F 169 10.62 41.56 30.18
N LEU F 170 9.49 42.05 30.67
CA LEU F 170 8.55 42.79 29.84
C LEU F 170 7.98 41.90 28.75
N LEU F 171 8.01 40.59 28.94
CA LEU F 171 7.40 39.72 27.96
C LEU F 171 7.44 38.29 28.45
N ALA F 172 6.42 37.53 28.09
CA ALA F 172 6.50 36.08 28.06
C ALA F 172 6.76 35.69 26.62
N ARG F 173 6.98 34.40 26.37
CA ARG F 173 7.13 34.00 24.99
C ARG F 173 5.77 33.80 24.33
N GLU F 174 4.85 33.13 25.01
CA GLU F 174 3.61 32.75 24.34
C GLU F 174 2.61 33.88 24.25
N VAL F 175 3.02 35.13 24.39
CA VAL F 175 2.14 36.24 24.12
C VAL F 175 2.75 37.18 23.09
N ALA F 176 4.06 37.09 22.85
CA ALA F 176 4.66 37.83 21.75
C ALA F 176 4.51 37.05 20.45
N VAL F 177 4.72 35.74 20.50
CA VAL F 177 4.21 34.87 19.46
C VAL F 177 2.76 34.70 19.82
N ARG F 178 1.96 34.15 18.91
CA ARG F 178 0.52 34.00 19.11
C ARG F 178 -0.16 35.35 19.24
N TYR F 179 0.53 36.40 18.81
CA TYR F 179 -0.11 37.66 18.47
C TYR F 179 0.48 38.22 17.19
N LEU F 180 1.61 37.69 16.75
CA LEU F 180 2.11 37.95 15.42
C LEU F 180 1.74 36.84 14.46
N ARG F 181 1.21 35.72 14.96
CA ARG F 181 0.64 34.76 14.04
C ARG F 181 -0.84 34.99 13.85
N CYS F 182 -1.41 35.93 14.61
CA CYS F 182 -2.76 36.39 14.28
C CYS F 182 -2.73 37.39 13.14
N ILE F 183 -2.01 38.49 13.31
CA ILE F 183 -1.94 39.53 12.28
C ILE F 183 -1.53 38.94 10.94
N SER F 184 -0.61 37.99 10.95
CA SER F 184 -0.19 37.36 9.71
C SER F 184 -1.34 36.68 9.02
N GLN F 185 -2.05 35.80 9.73
CA GLN F 185 -3.12 35.05 9.09
C GLN F 185 -4.27 35.94 8.66
N ALA F 186 -4.25 37.22 9.04
CA ALA F 186 -5.23 38.14 8.50
C ALA F 186 -4.85 38.58 7.10
N LEU F 187 -3.58 38.84 6.86
CA LEU F 187 -3.17 39.17 5.51
C LEU F 187 -3.39 37.98 4.59
N GLY F 188 -3.12 36.78 5.07
CA GLY F 188 -3.19 35.60 4.23
C GLY F 188 -4.56 35.38 3.63
N TRP F 189 -5.61 35.75 4.37
CA TRP F 189 -6.94 35.66 3.79
C TRP F 189 -7.27 36.92 3.01
N SER F 190 -7.00 38.09 3.58
CA SER F 190 -7.31 39.33 2.89
C SER F 190 -6.38 39.56 1.69
N PHE F 191 -5.41 38.66 1.50
CA PHE F 191 -4.67 38.66 0.25
C PHE F 191 -5.30 37.70 -0.75
N VAL F 192 -5.45 36.43 -0.37
CA VAL F 192 -5.96 35.43 -1.31
C VAL F 192 -7.36 35.78 -1.76
N LEU F 193 -8.12 36.48 -0.92
CA LEU F 193 -9.40 37.01 -1.37
C LEU F 193 -9.23 37.94 -2.55
N LEU F 194 -8.41 38.99 -2.39
CA LEU F 194 -8.25 39.99 -3.44
C LEU F 194 -7.76 39.39 -4.74
N THR F 195 -6.85 38.42 -4.67
CA THR F 195 -6.35 37.82 -5.90
C THR F 195 -7.45 37.06 -6.64
N THR F 196 -8.15 36.17 -5.93
CA THR F 196 -9.17 35.37 -6.62
C THR F 196 -10.27 36.26 -7.16
N LEU F 197 -10.65 37.30 -6.43
CA LEU F 197 -11.60 38.26 -6.97
C LEU F 197 -11.06 38.91 -8.23
N LEU F 198 -9.75 39.12 -8.29
CA LEU F 198 -9.17 39.68 -9.51
C LEU F 198 -9.00 38.62 -10.58
N ALA F 199 -9.13 37.35 -10.22
CA ALA F 199 -9.24 36.31 -11.23
C ALA F 199 -10.61 36.36 -11.88
N PHE F 200 -11.58 36.96 -11.20
CA PHE F 200 -12.92 37.06 -11.76
C PHE F 200 -12.96 38.00 -12.96
N VAL F 201 -12.59 39.19 -12.62
CA VAL F 201 -12.61 40.23 -13.53
C VAL F 201 -11.89 39.87 -14.73
N VAL F 202 -10.74 39.22 -14.67
CA VAL F 202 -10.02 39.03 -15.92
C VAL F 202 -10.73 38.26 -16.97
N ARG F 203 -11.26 37.10 -16.57
CA ARG F 203 -11.94 36.27 -17.51
C ARG F 203 -13.18 36.98 -17.92
N SER F 204 -13.87 37.46 -16.89
CA SER F 204 -15.13 38.08 -17.15
C SER F 204 -15.14 39.28 -18.00
N VAL F 205 -14.05 40.03 -18.12
CA VAL F 205 -14.17 41.03 -19.07
C VAL F 205 -13.54 40.75 -20.34
N ARG F 206 -12.26 40.43 -20.43
CA ARG F 206 -11.79 40.85 -21.81
C ARG F 206 -10.38 40.68 -22.35
N PRO F 207 -9.47 41.76 -22.12
CA PRO F 207 -8.05 41.85 -22.49
C PRO F 207 -7.58 40.86 -23.55
N CYS F 208 -7.84 41.20 -24.82
CA CYS F 208 -7.32 40.48 -25.97
C CYS F 208 -7.98 39.12 -26.15
N PHE F 209 -9.31 39.10 -26.06
CA PHE F 209 -10.10 37.91 -26.32
C PHE F 209 -10.76 37.95 -27.69
N THR F 210 -10.27 38.82 -28.59
CA THR F 210 -10.91 39.06 -29.88
C THR F 210 -11.07 37.77 -30.68
N GLN F 211 -12.28 37.58 -31.22
CA GLN F 211 -12.58 36.35 -31.95
C GLN F 211 -11.67 36.21 -33.16
N ALA F 212 -11.21 37.33 -33.71
CA ALA F 212 -10.33 37.26 -34.86
C ALA F 212 -9.04 36.53 -34.52
N ALA F 213 -8.27 37.06 -33.57
CA ALA F 213 -6.90 36.61 -33.42
C ALA F 213 -6.83 35.29 -32.68
N PHE F 214 -7.82 35.01 -31.82
CA PHE F 214 -7.88 33.71 -31.17
C PHE F 214 -7.93 32.61 -32.21
N LEU F 215 -8.67 32.85 -33.30
CA LEU F 215 -8.77 31.85 -34.35
C LEU F 215 -7.42 31.61 -34.99
N LYS F 216 -6.77 32.66 -35.47
CA LYS F 216 -5.49 32.51 -36.17
C LYS F 216 -4.48 31.80 -35.30
N SER F 217 -4.48 32.08 -34.00
CA SER F 217 -3.52 31.46 -33.11
C SER F 217 -3.70 29.95 -33.07
N LYS F 218 -4.84 29.50 -32.56
CA LYS F 218 -5.04 28.07 -32.34
C LYS F 218 -4.90 27.28 -33.64
N TYR F 219 -5.26 27.90 -34.76
CA TYR F 219 -4.94 27.30 -36.05
C TYR F 219 -3.44 27.11 -36.19
N TRP F 220 -2.68 28.16 -35.91
CA TRP F 220 -1.24 28.13 -36.14
C TRP F 220 -0.57 27.08 -35.26
N SER F 221 -0.79 27.15 -33.95
CA SER F 221 -0.17 26.19 -33.05
C SER F 221 -0.61 24.77 -33.36
N HIS F 222 -1.82 24.62 -33.90
CA HIS F 222 -2.23 23.30 -34.36
C HIS F 222 -1.40 22.89 -35.57
N TYR F 223 -0.92 23.86 -36.35
CA TYR F 223 -0.24 23.53 -37.59
C TYR F 223 1.17 23.04 -37.33
N ILE F 224 1.83 23.58 -36.31
CA ILE F 224 3.19 23.16 -36.00
C ILE F 224 3.22 21.68 -35.63
N ASP F 225 2.14 21.20 -35.02
CA ASP F 225 2.09 19.80 -34.61
C ASP F 225 2.21 18.89 -35.83
N ILE F 226 1.33 19.08 -36.82
CA ILE F 226 1.31 18.19 -37.97
C ILE F 226 2.62 18.28 -38.75
N GLU F 227 3.27 19.44 -38.73
CA GLU F 227 4.52 19.59 -39.45
C GLU F 227 5.59 18.67 -38.87
N ARG F 228 5.80 18.74 -37.55
CA ARG F 228 6.81 17.91 -36.93
C ARG F 228 6.48 16.43 -37.07
N LYS F 229 5.23 16.06 -36.76
CA LYS F 229 4.84 14.66 -36.81
C LYS F 229 4.99 14.08 -38.21
N LEU F 230 4.74 14.90 -39.23
CA LEU F 230 4.76 14.39 -40.58
C LEU F 230 6.16 14.31 -41.17
N PHE F 231 7.09 15.15 -40.70
CA PHE F 231 8.44 15.13 -41.28
C PHE F 231 9.10 13.78 -41.05
N ASP F 232 8.87 13.18 -39.88
CA ASP F 232 9.48 11.90 -39.57
C ASP F 232 9.07 10.82 -40.55
N GLU F 233 7.85 10.91 -41.10
CA GLU F 233 7.39 9.92 -42.05
C GLU F 233 8.30 9.86 -43.28
N THR F 234 8.55 11.02 -43.89
CA THR F 234 9.37 11.04 -45.11
C THR F 234 10.78 10.53 -44.83
N CYS F 235 11.33 10.86 -43.66
CA CYS F 235 12.67 10.40 -43.32
C CYS F 235 12.74 8.88 -43.26
N THR F 236 11.97 8.29 -42.35
CA THR F 236 11.97 6.84 -42.22
C THR F 236 11.60 6.17 -43.54
N GLU F 237 10.70 6.79 -44.29
CA GLU F 237 10.41 6.29 -45.63
C GLU F 237 11.63 6.42 -46.52
N HIS F 238 12.12 7.65 -46.70
CA HIS F 238 13.23 7.86 -47.63
C HIS F 238 14.48 7.12 -47.20
N ALA F 239 14.63 6.87 -45.89
CA ALA F 239 15.80 6.14 -45.44
C ALA F 239 15.70 4.65 -45.75
N LYS F 240 14.50 4.08 -45.62
CA LYS F 240 14.31 2.65 -45.79
C LYS F 240 14.79 2.19 -47.16
N ALA F 241 14.52 2.99 -48.20
CA ALA F 241 15.02 2.66 -49.52
C ALA F 241 16.54 2.72 -49.58
N PHE F 242 17.18 3.45 -48.67
CA PHE F 242 18.62 3.64 -48.74
C PHE F 242 19.41 2.58 -47.98
N ALA F 243 18.85 2.01 -46.92
CA ALA F 243 19.60 1.03 -46.15
C ALA F 243 19.85 -0.25 -46.93
N LYS F 244 18.91 -0.62 -47.81
CA LYS F 244 18.98 -1.91 -48.47
C LYS F 244 20.24 -2.05 -49.31
N VAL F 245 20.76 -0.93 -49.83
CA VAL F 245 21.96 -1.02 -50.65
C VAL F 245 23.17 -1.41 -49.82
N CYS F 246 23.26 -0.94 -48.57
CA CYS F 246 24.47 -1.18 -47.80
C CYS F 246 24.39 -2.45 -46.97
N ILE F 247 23.27 -2.66 -46.27
CA ILE F 247 23.13 -3.82 -45.39
C ILE F 247 23.37 -5.11 -46.15
N GLN F 248 22.93 -5.18 -47.40
CA GLN F 248 23.21 -6.36 -48.20
C GLN F 248 24.70 -6.56 -48.40
N GLN F 249 25.48 -5.49 -48.38
CA GLN F 249 26.90 -5.62 -48.62
C GLN F 249 27.59 -6.34 -47.46
N PHE F 250 27.10 -6.13 -46.24
CA PHE F 250 27.63 -6.87 -45.10
C PHE F 250 27.44 -8.37 -45.30
N PHE F 251 26.23 -8.78 -45.64
CA PHE F 251 26.03 -10.12 -46.15
C PHE F 251 26.82 -10.29 -47.44
N GLU F 252 27.21 -11.54 -47.72
CA GLU F 252 27.89 -11.87 -48.97
C GLU F 252 29.24 -11.18 -49.08
N ALA F 253 29.73 -10.60 -47.99
CA ALA F 253 30.92 -9.77 -48.03
C ALA F 253 31.90 -10.12 -46.94
N MET F 254 31.47 -10.97 -45.99
CA MET F 254 32.39 -11.44 -44.98
C MET F 254 33.10 -12.72 -45.43
N ASN F 255 32.33 -13.75 -45.76
CA ASN F 255 32.86 -14.97 -46.34
C ASN F 255 31.96 -15.54 -47.43
N HIS F 256 30.79 -14.95 -47.67
CA HIS F 256 29.78 -15.49 -48.58
C HIS F 256 29.26 -16.85 -48.12
N ASP F 257 29.53 -17.20 -46.86
CA ASP F 257 29.14 -18.48 -46.30
C ASP F 257 29.61 -18.52 -44.86
N LEU F 258 29.32 -19.63 -44.20
CA LEU F 258 29.82 -19.89 -42.86
C LEU F 258 30.70 -21.13 -42.89
N GLU F 259 31.78 -21.09 -42.12
CA GLU F 259 32.65 -22.24 -41.96
C GLU F 259 32.00 -23.34 -41.14
N LEU F 260 30.93 -23.04 -40.41
CA LEU F 260 30.24 -24.00 -39.56
C LEU F 260 29.37 -24.96 -40.37
N GLY F 261 29.44 -24.93 -41.69
CA GLY F 261 28.71 -25.89 -42.50
C GLY F 261 29.18 -27.30 -42.19
N HIS F 262 28.26 -28.14 -41.73
CA HIS F 262 28.59 -29.52 -41.37
C HIS F 262 28.40 -30.43 -42.57
N MET G 1 14.88 13.30 7.93
CA MET G 1 15.83 13.53 6.83
C MET G 1 15.25 12.99 5.53
N MET G 2 14.19 12.19 5.64
CA MET G 2 13.56 11.61 4.47
C MET G 2 12.90 12.66 3.59
N ASP G 3 12.65 13.86 4.12
CA ASP G 3 11.87 14.86 3.40
C ASP G 3 12.51 15.25 2.06
N LYS G 4 13.83 15.43 2.05
CA LYS G 4 14.48 15.95 0.84
C LYS G 4 14.38 14.96 -0.31
N PHE G 5 14.22 13.67 0.00
CA PHE G 5 14.17 12.64 -1.02
C PHE G 5 12.83 11.92 -1.10
N ARG G 6 12.10 11.83 0.01
CA ARG G 6 10.78 11.20 -0.03
C ARG G 6 9.82 11.98 -0.91
N MET G 7 10.09 13.28 -1.09
CA MET G 7 9.30 14.11 -1.99
C MET G 7 9.31 13.62 -3.42
N ILE G 8 10.48 13.49 -4.04
CA ILE G 8 10.57 12.94 -5.38
C ILE G 8 10.13 11.49 -5.41
N PHE G 9 10.18 10.81 -4.25
CA PHE G 9 9.73 9.42 -4.15
C PHE G 9 8.28 9.26 -4.58
N GLN G 10 7.35 9.99 -3.95
CA GLN G 10 5.97 9.96 -4.42
C GLN G 10 5.82 10.72 -5.73
N PHE G 11 6.64 11.75 -5.94
CA PHE G 11 6.66 12.43 -7.24
C PHE G 11 7.05 11.46 -8.34
N LEU G 12 8.06 10.65 -8.09
CA LEU G 12 8.33 9.50 -8.96
C LEU G 12 7.11 8.59 -9.00
N GLN G 13 6.56 8.28 -7.83
CA GLN G 13 5.32 7.52 -7.75
C GLN G 13 4.15 8.24 -8.41
N SER G 14 4.25 9.56 -8.60
CA SER G 14 3.13 10.33 -9.12
C SER G 14 2.70 9.89 -10.50
N ASN G 15 3.54 10.05 -11.51
CA ASN G 15 3.14 9.76 -12.88
C ASN G 15 4.37 9.35 -13.68
N GLN G 16 4.18 9.20 -14.98
CA GLN G 16 5.23 8.79 -15.89
C GLN G 16 5.26 9.72 -17.10
N GLU G 17 5.22 11.03 -16.84
CA GLU G 17 5.22 12.02 -17.90
C GLU G 17 6.51 12.82 -17.85
N SER G 18 7.35 12.64 -18.87
CA SER G 18 8.62 13.33 -18.94
C SER G 18 9.27 13.19 -20.32
N PHE G 19 10.54 13.59 -20.41
CA PHE G 19 11.31 13.50 -21.65
C PHE G 19 12.72 13.04 -21.31
N MET G 20 13.66 13.25 -22.24
CA MET G 20 15.07 12.96 -22.01
C MET G 20 15.55 13.57 -20.69
N ASN G 21 15.13 14.80 -20.41
CA ASN G 21 15.34 15.36 -19.07
C ASN G 21 14.65 14.52 -18.00
N GLY G 22 13.44 14.04 -18.29
CA GLY G 22 12.82 13.07 -17.41
C GLY G 22 13.57 11.75 -17.40
N ILE G 23 14.18 11.40 -18.54
CA ILE G 23 15.13 10.29 -18.55
C ILE G 23 16.33 10.63 -17.67
N CYS G 24 16.80 11.88 -17.74
CA CYS G 24 17.73 12.37 -16.74
C CYS G 24 17.09 12.39 -15.37
N GLY G 25 15.77 12.54 -15.33
CA GLY G 25 15.06 12.39 -14.06
C GLY G 25 15.23 11.01 -13.45
N ILE G 26 15.50 10.01 -14.29
CA ILE G 26 15.82 8.69 -13.77
C ILE G 26 17.05 8.75 -12.88
N MET G 27 18.06 9.51 -13.31
CA MET G 27 19.29 9.60 -12.53
C MET G 27 19.21 10.70 -11.48
N ALA G 28 19.03 11.95 -11.91
CA ALA G 28 19.27 13.08 -11.01
C ALA G 28 18.26 13.15 -9.89
N LEU G 29 17.05 12.63 -10.11
CA LEU G 29 16.10 12.49 -9.01
C LEU G 29 16.72 11.66 -7.89
N ALA G 30 17.45 10.60 -8.26
CA ALA G 30 18.30 9.94 -7.29
C ALA G 30 19.35 10.88 -6.73
N SER G 31 19.89 11.77 -7.57
CA SER G 31 20.85 12.75 -7.07
C SER G 31 20.18 13.72 -6.11
N ALA G 32 18.89 13.98 -6.30
CA ALA G 32 18.15 14.71 -5.28
C ALA G 32 17.98 13.87 -4.02
N GLN G 33 18.09 12.55 -4.15
CA GLN G 33 17.81 11.66 -3.03
C GLN G 33 19.07 11.03 -2.47
N MET G 34 20.04 10.76 -3.36
CA MET G 34 21.31 10.13 -2.94
C MET G 34 21.99 10.93 -1.84
N TYR G 35 21.77 12.25 -1.80
CA TYR G 35 22.25 13.03 -0.68
C TYR G 35 21.67 12.54 0.63
N SER G 36 20.43 12.06 0.60
CA SER G 36 19.71 11.78 1.85
C SER G 36 20.36 10.67 2.67
N ALA G 37 20.70 9.54 2.04
CA ALA G 37 21.26 8.41 2.76
C ALA G 37 22.77 8.49 2.94
N PHE G 38 23.46 9.23 2.07
CA PHE G 38 24.88 9.49 2.23
C PHE G 38 25.12 10.54 3.31
N ASP G 39 25.68 10.12 4.43
CA ASP G 39 25.77 10.96 5.62
C ASP G 39 26.79 12.07 5.37
N PHE G 40 26.91 12.97 6.34
CA PHE G 40 27.91 14.04 6.31
C PHE G 40 28.35 14.30 7.74
N ASN G 41 29.66 14.40 7.94
CA ASN G 41 30.22 14.64 9.28
C ASN G 41 31.65 15.09 9.11
N CYS G 42 31.97 16.28 9.63
CA CYS G 42 33.27 16.85 9.35
C CYS G 42 34.23 16.57 10.49
N PRO G 43 35.53 16.56 10.20
CA PRO G 43 36.53 16.14 11.18
C PRO G 43 36.53 16.95 12.46
N CYS G 44 36.05 18.18 12.42
CA CYS G 44 36.20 19.14 13.52
C CYS G 44 37.60 19.06 14.12
N LEU G 45 38.58 19.40 13.28
CA LEU G 45 40.01 19.57 13.46
C LEU G 45 40.44 20.92 12.89
N PRO G 46 41.68 21.36 13.10
CA PRO G 46 41.99 22.78 12.87
C PRO G 46 42.07 23.19 11.42
N GLY G 47 42.58 22.35 10.52
CA GLY G 47 42.79 22.81 9.16
C GLY G 47 42.20 21.91 8.11
N TYR G 48 41.82 20.70 8.47
CA TYR G 48 41.27 19.74 7.53
C TYR G 48 39.94 20.17 6.96
N ASN G 49 39.14 20.92 7.72
CA ASN G 49 37.78 21.26 7.30
C ASN G 49 37.78 21.87 5.92
N ALA G 50 38.45 23.02 5.76
CA ALA G 50 38.40 23.74 4.49
C ALA G 50 38.95 22.89 3.35
N ALA G 51 39.78 21.89 3.68
CA ALA G 51 40.06 20.87 2.68
C ALA G 51 38.85 19.98 2.47
N TYR G 52 38.30 19.44 3.53
CA TYR G 52 37.32 18.36 3.38
C TYR G 52 36.04 18.86 2.75
N SER G 53 35.58 20.05 3.11
CA SER G 53 34.30 20.48 2.60
C SER G 53 34.35 20.70 1.10
N ALA G 54 35.49 21.18 0.59
CA ALA G 54 35.61 21.35 -0.85
C ALA G 54 35.55 20.01 -1.57
N GLY G 55 35.72 18.92 -0.83
CA GLY G 55 35.54 17.61 -1.44
C GLY G 55 34.10 17.35 -1.83
N ILE G 56 33.15 17.95 -1.11
CA ILE G 56 31.76 17.60 -1.35
C ILE G 56 31.05 18.72 -2.09
N LEU G 57 31.79 19.56 -2.82
CA LEU G 57 31.17 20.41 -3.82
C LEU G 57 31.81 20.30 -5.18
N LEU G 58 32.81 19.45 -5.36
CA LEU G 58 33.47 19.32 -6.65
C LEU G 58 33.57 17.89 -7.14
N ALA G 59 33.81 16.93 -6.29
CA ALA G 59 33.95 15.60 -6.85
C ALA G 59 32.58 15.01 -7.17
N PRO G 60 31.68 14.87 -6.20
CA PRO G 60 30.38 14.25 -6.48
C PRO G 60 29.57 15.00 -7.53
N PRO G 61 29.77 16.31 -7.71
CA PRO G 61 29.21 16.90 -8.93
C PRO G 61 29.84 16.35 -10.17
N LEU G 62 31.17 16.42 -10.27
CA LEU G 62 31.85 16.03 -11.49
C LEU G 62 31.57 14.59 -11.87
N VAL G 63 31.37 13.72 -10.88
CA VAL G 63 30.98 12.36 -11.18
C VAL G 63 29.64 12.33 -11.88
N LEU G 64 28.65 13.04 -11.34
CA LEU G 64 27.33 12.99 -11.97
C LEU G 64 27.34 13.58 -13.36
N PHE G 65 28.32 14.44 -13.66
CA PHE G 65 28.44 14.95 -15.02
C PHE G 65 28.88 13.85 -15.98
N LEU G 66 30.08 13.30 -15.75
CA LEU G 66 30.62 12.27 -16.64
C LEU G 66 29.73 11.05 -16.73
N LEU G 67 28.92 10.79 -15.70
CA LEU G 67 27.97 9.69 -15.80
C LEU G 67 26.80 10.06 -16.69
N GLY G 68 26.74 11.30 -17.15
CA GLY G 68 25.71 11.68 -18.10
C GLY G 68 26.13 11.46 -19.53
N LEU G 69 27.38 11.76 -19.85
CA LEU G 69 27.85 11.52 -21.22
C LEU G 69 27.83 10.03 -21.54
N VAL G 70 28.48 9.22 -20.72
CA VAL G 70 28.59 7.80 -21.00
C VAL G 70 27.22 7.14 -21.00
N MET G 71 26.25 7.72 -20.29
CA MET G 71 24.96 7.06 -20.14
C MET G 71 24.15 7.07 -21.42
N ASN G 72 24.32 8.10 -22.25
CA ASN G 72 23.53 8.15 -23.47
C ASN G 72 24.28 7.55 -24.65
N ASN G 73 23.53 7.09 -25.64
CA ASN G 73 24.02 6.23 -26.70
C ASN G 73 24.46 7.00 -27.94
N ASN G 74 25.32 7.99 -27.77
CA ASN G 74 25.75 8.80 -28.90
C ASN G 74 27.25 9.02 -28.97
N VAL G 75 27.97 8.95 -27.84
CA VAL G 75 29.33 9.48 -27.79
C VAL G 75 30.26 8.72 -28.73
N SER G 76 29.98 7.45 -28.99
CA SER G 76 30.81 6.69 -29.92
C SER G 76 30.80 7.33 -31.29
N MET G 77 29.62 7.66 -31.81
CA MET G 77 29.51 8.24 -33.14
C MET G 77 30.28 9.55 -33.24
N LEU G 78 30.29 10.34 -32.17
CA LEU G 78 31.15 11.51 -32.13
C LEU G 78 32.59 11.12 -31.88
N ALA G 79 32.82 10.19 -30.95
CA ALA G 79 34.18 9.79 -30.66
C ALA G 79 34.82 9.09 -31.86
N GLU G 80 34.05 8.25 -32.56
CA GLU G 80 34.59 7.55 -33.72
C GLU G 80 35.02 8.51 -34.81
N GLU G 81 34.13 9.45 -35.17
CA GLU G 81 34.41 10.31 -36.32
C GLU G 81 35.32 11.48 -35.96
N TRP G 82 35.65 11.67 -34.69
CA TRP G 82 36.60 12.71 -34.35
C TRP G 82 38.03 12.23 -34.50
N LYS G 83 38.34 11.05 -33.97
CA LYS G 83 39.68 10.47 -34.11
C LYS G 83 40.11 10.32 -35.57
N ARG G 84 39.17 10.07 -36.47
CA ARG G 84 39.52 9.95 -37.88
C ARG G 84 40.03 11.29 -38.42
N PRO G 85 40.67 11.30 -39.58
CA PRO G 85 41.17 12.55 -40.15
C PRO G 85 40.05 13.37 -40.75
N PRO G 86 40.21 14.69 -40.82
CA PRO G 86 39.24 15.50 -41.56
C PRO G 86 39.17 15.09 -43.02
N GLY G 87 38.07 15.45 -43.67
CA GLY G 87 37.86 15.04 -45.05
C GLY G 87 37.14 13.71 -45.14
N ARG G 88 37.73 12.68 -44.53
CA ARG G 88 37.06 11.39 -44.43
C ARG G 88 35.79 11.45 -43.59
N ARG G 89 35.65 12.47 -42.74
CA ARG G 89 34.46 12.63 -41.90
C ARG G 89 33.24 12.73 -42.79
N ALA G 90 32.32 11.76 -42.63
CA ALA G 90 31.08 11.77 -43.38
C ALA G 90 30.09 12.81 -42.89
N LYS G 91 30.49 13.69 -41.98
CA LYS G 91 29.61 14.68 -41.41
C LYS G 91 30.31 16.03 -41.31
N ASP G 92 29.55 17.10 -41.54
CA ASP G 92 30.08 18.43 -41.47
C ASP G 92 30.45 18.79 -40.03
N PRO G 93 31.41 19.69 -39.84
CA PRO G 93 31.64 20.25 -38.51
C PRO G 93 30.37 20.78 -37.85
N ALA G 94 29.46 21.35 -38.64
CA ALA G 94 28.23 21.89 -38.08
C ALA G 94 27.44 20.83 -37.34
N VAL G 95 27.13 19.72 -38.01
CA VAL G 95 26.40 18.65 -37.36
C VAL G 95 27.20 18.06 -36.21
N LEU G 96 28.52 18.08 -36.33
CA LEU G 96 29.34 17.70 -35.19
C LEU G 96 29.17 18.71 -34.05
N ARG G 97 29.45 19.98 -34.33
CA ARG G 97 29.43 20.98 -33.27
C ARG G 97 28.09 21.06 -32.58
N TYR G 98 26.99 21.02 -33.34
CA TYR G 98 25.68 20.99 -32.71
C TYR G 98 25.52 19.74 -31.88
N MET G 99 25.57 18.57 -32.53
CA MET G 99 25.30 17.32 -31.84
C MET G 99 26.19 17.09 -30.64
N PHE G 100 27.42 17.60 -30.67
CA PHE G 100 28.24 17.57 -29.47
C PHE G 100 27.73 18.51 -28.39
N CYS G 101 27.26 19.69 -28.75
CA CYS G 101 26.71 20.62 -27.78
C CYS G 101 25.38 20.17 -27.22
N SER G 102 24.61 19.38 -27.96
CA SER G 102 23.35 18.89 -27.44
C SER G 102 23.54 17.70 -26.52
N MET G 103 24.78 17.41 -26.16
CA MET G 103 25.02 16.43 -25.11
C MET G 103 25.19 17.11 -23.76
N ALA G 104 25.85 18.27 -23.75
CA ALA G 104 26.03 19.01 -22.51
C ALA G 104 24.71 19.41 -21.90
N GLN G 105 23.84 20.07 -22.66
CA GLN G 105 22.63 20.65 -22.10
C GLN G 105 21.61 19.58 -21.70
N ARG G 106 21.93 18.31 -21.93
CA ARG G 106 21.12 17.26 -21.33
C ARG G 106 21.84 16.65 -20.13
N ALA G 107 23.13 16.91 -20.00
CA ALA G 107 23.88 16.38 -18.87
C ALA G 107 23.87 17.33 -17.69
N LEU G 108 23.80 18.64 -17.96
CA LEU G 108 23.92 19.64 -16.91
C LEU G 108 22.73 19.68 -15.98
N TRP G 109 21.74 18.79 -16.13
CA TRP G 109 20.58 18.84 -15.24
C TRP G 109 20.88 18.15 -13.92
N ALA G 110 21.86 17.26 -13.89
CA ALA G 110 22.26 16.67 -12.62
C ALA G 110 23.20 17.56 -11.81
N PRO G 111 24.28 18.11 -12.38
CA PRO G 111 25.26 18.81 -11.53
C PRO G 111 24.87 20.22 -11.17
N VAL G 112 23.62 20.59 -11.28
CA VAL G 112 23.19 21.88 -10.73
C VAL G 112 22.19 21.64 -9.62
N VAL G 113 21.51 20.50 -9.66
CA VAL G 113 20.62 20.14 -8.57
C VAL G 113 21.43 19.66 -7.38
N TRP G 114 22.63 19.14 -7.62
CA TRP G 114 23.43 18.67 -6.50
C TRP G 114 24.42 19.72 -6.05
N VAL G 115 24.24 20.96 -6.47
CA VAL G 115 24.97 22.05 -5.85
C VAL G 115 24.01 22.98 -5.13
N ALA G 116 22.76 23.04 -5.59
CA ALA G 116 21.75 23.66 -4.77
C ALA G 116 21.49 22.86 -3.52
N VAL G 117 21.14 21.59 -3.66
CA VAL G 117 20.57 20.84 -2.54
C VAL G 117 21.64 20.39 -1.55
N THR G 118 22.89 20.82 -1.74
CA THR G 118 23.83 20.79 -0.63
C THR G 118 24.35 22.16 -0.28
N LEU G 119 23.63 23.20 -0.65
CA LEU G 119 23.78 24.49 0.00
C LEU G 119 22.60 24.84 0.87
N LEU G 120 21.38 24.49 0.45
CA LEU G 120 20.20 24.91 1.20
C LEU G 120 20.12 24.27 2.57
N ASP G 121 20.84 23.17 2.78
CA ASP G 121 20.85 22.60 4.11
C ASP G 121 22.12 22.95 4.86
N GLY G 122 23.02 23.68 4.22
CA GLY G 122 24.06 24.37 4.94
C GLY G 122 25.15 23.51 5.55
N LYS G 123 24.90 22.21 5.73
CA LYS G 123 25.90 21.34 6.35
C LYS G 123 27.23 21.42 5.61
N CYS G 124 27.18 21.41 4.29
CA CYS G 124 28.39 21.52 3.50
C CYS G 124 29.11 22.84 3.75
N PHE G 125 28.35 23.88 4.09
CA PHE G 125 28.98 25.18 4.26
C PHE G 125 29.42 25.39 5.70
N LEU G 126 28.75 24.74 6.64
CA LEU G 126 29.03 24.98 8.05
C LEU G 126 30.45 24.56 8.40
N CYS G 127 30.84 23.34 8.01
CA CYS G 127 32.16 22.85 8.34
C CYS G 127 33.24 23.46 7.47
N ALA G 128 32.94 24.52 6.73
CA ALA G 128 33.92 25.04 5.79
C ALA G 128 34.37 26.44 6.17
N PHE G 129 33.62 27.14 7.01
CA PHE G 129 34.01 28.49 7.37
C PHE G 129 33.79 28.77 8.84
N CYS G 130 33.62 27.71 9.63
CA CYS G 130 33.47 27.96 11.05
C CYS G 130 34.75 28.47 11.68
N THR G 131 35.91 28.19 11.10
CA THR G 131 37.17 28.63 11.68
C THR G 131 37.28 30.15 11.77
N ALA G 132 36.56 30.87 10.92
CA ALA G 132 36.59 32.33 10.96
C ALA G 132 35.18 32.89 11.08
N VAL G 133 34.71 32.94 12.32
CA VAL G 133 33.49 33.62 12.70
C VAL G 133 33.90 34.85 13.50
N PRO G 134 33.25 35.98 13.34
CA PRO G 134 33.57 37.12 14.22
C PRO G 134 33.01 36.85 15.59
N VAL G 135 33.88 36.46 16.52
CA VAL G 135 33.43 36.03 17.84
C VAL G 135 32.95 37.20 18.66
N SER G 136 33.48 38.39 18.39
CA SER G 136 33.01 39.59 19.08
C SER G 136 31.56 39.92 18.74
N ALA G 137 31.05 39.46 17.60
CA ALA G 137 29.71 39.80 17.16
C ALA G 137 28.73 38.86 17.85
N LEU G 138 27.91 39.42 18.73
CA LEU G 138 26.95 38.64 19.50
C LEU G 138 27.68 37.60 20.36
N GLY G 139 28.52 38.11 21.26
CA GLY G 139 29.40 37.23 22.01
C GLY G 139 29.17 37.19 23.50
N ASN G 140 28.00 37.65 23.96
CA ASN G 140 27.60 37.54 25.37
C ASN G 140 28.63 38.17 26.30
N GLY G 141 28.73 39.50 26.19
CA GLY G 141 29.73 40.26 26.92
C GLY G 141 31.12 39.86 26.44
N SER G 142 31.45 40.12 25.18
CA SER G 142 32.72 39.66 24.62
C SER G 142 33.90 40.55 24.96
N LEU G 143 35.03 40.32 24.29
CA LEU G 143 36.24 41.06 24.55
C LEU G 143 37.50 40.23 24.40
N ALA G 144 37.33 38.93 24.11
CA ALA G 144 38.44 38.01 23.90
C ALA G 144 39.37 38.03 25.10
N PRO G 145 39.00 37.38 26.21
CA PRO G 145 39.78 37.54 27.45
C PRO G 145 41.16 36.93 27.34
N GLY G 146 42.06 37.62 26.64
CA GLY G 146 43.42 37.20 26.51
C GLY G 146 43.62 35.93 25.71
N LEU G 147 42.64 35.54 24.90
CA LEU G 147 42.71 34.27 24.20
C LEU G 147 43.77 34.35 23.11
N PRO G 148 44.57 33.31 22.89
CA PRO G 148 45.59 33.35 21.85
C PRO G 148 45.02 32.94 20.50
N ALA G 149 45.85 32.95 19.46
CA ALA G 149 45.40 32.43 18.17
C ALA G 149 45.33 30.91 18.17
N PRO G 150 46.40 30.17 18.40
CA PRO G 150 46.28 28.72 18.58
C PRO G 150 45.55 28.44 19.88
N GLU G 151 44.99 27.24 19.98
CA GLU G 151 44.15 26.85 21.09
C GLU G 151 42.87 27.68 21.16
N LEU G 152 42.54 28.33 20.08
CA LEU G 152 41.25 28.93 19.81
C LEU G 152 40.67 28.43 18.50
N ALA G 153 41.51 28.26 17.49
CA ALA G 153 41.09 27.52 16.31
C ALA G 153 40.60 26.14 16.70
N ARG G 154 41.28 25.48 17.65
CA ARG G 154 40.77 24.23 18.16
C ARG G 154 39.59 24.44 19.09
N LEU G 155 39.30 25.69 19.43
CA LEU G 155 38.09 25.98 20.19
C LEU G 155 36.91 26.25 19.27
N LEU G 156 37.10 27.13 18.29
CA LEU G 156 36.03 27.36 17.33
C LEU G 156 35.71 26.13 16.53
N ALA G 157 36.73 25.42 16.06
CA ALA G 157 36.52 24.47 14.98
C ALA G 157 35.63 23.32 15.36
N ARG G 158 35.36 23.11 16.63
CA ARG G 158 34.52 21.99 16.98
C ARG G 158 33.05 22.25 16.73
N VAL G 159 32.69 23.48 16.36
CA VAL G 159 31.30 23.94 16.48
C VAL G 159 30.27 23.00 15.88
N PRO G 160 30.49 22.39 14.72
CA PRO G 160 29.48 21.46 14.21
C PRO G 160 29.37 20.19 15.00
N CYS G 161 30.48 19.68 15.53
CA CYS G 161 30.40 18.43 16.27
C CYS G 161 29.73 18.70 17.60
N PRO G 162 28.44 18.36 17.76
CA PRO G 162 27.68 18.88 18.91
C PRO G 162 28.17 18.40 20.27
N GLU G 163 28.18 17.10 20.51
CA GLU G 163 28.41 16.62 21.87
C GLU G 163 29.85 16.84 22.31
N ILE G 164 30.75 17.12 21.38
CA ILE G 164 32.14 17.37 21.75
C ILE G 164 32.48 18.85 21.79
N TYR G 165 31.48 19.72 21.87
CA TYR G 165 31.78 21.14 21.94
C TYR G 165 32.42 21.50 23.26
N ASP G 166 33.43 22.38 23.21
CA ASP G 166 34.15 22.76 24.42
C ASP G 166 33.23 23.47 25.42
N GLY G 167 32.76 24.66 25.08
CA GLY G 167 31.98 25.41 26.06
C GLY G 167 31.66 26.87 25.74
N ASP G 168 31.20 27.58 26.75
CA ASP G 168 30.59 28.89 26.59
C ASP G 168 31.59 30.01 26.39
N TRP G 169 32.87 29.72 26.30
CA TRP G 169 33.86 30.78 26.21
C TRP G 169 33.68 31.55 24.92
N LEU G 170 33.15 32.76 25.05
CA LEU G 170 33.02 33.65 23.92
C LEU G 170 32.07 33.09 22.88
N LEU G 171 31.20 32.16 23.27
CA LEU G 171 30.24 31.65 22.32
C LEU G 171 29.26 30.73 23.02
N ALA G 172 28.03 30.73 22.56
CA ALA G 172 27.12 29.62 22.77
C ALA G 172 27.14 28.79 21.52
N ARG G 173 26.45 27.65 21.53
CA ARG G 173 26.38 26.88 20.31
C ARG G 173 25.30 27.42 19.38
N GLU G 174 24.13 27.71 19.92
CA GLU G 174 23.01 28.03 19.04
C GLU G 174 23.03 29.46 18.55
N VAL G 175 24.18 30.13 18.58
CA VAL G 175 24.30 31.43 17.93
C VAL G 175 25.46 31.43 16.95
N ALA G 176 26.37 30.47 17.05
CA ALA G 176 27.38 30.31 16.01
C ALA G 176 26.85 29.48 14.85
N VAL G 177 26.12 28.43 15.16
CA VAL G 177 25.23 27.84 14.18
C VAL G 177 24.02 28.74 14.21
N ARG G 178 23.12 28.59 13.23
CA ARG G 178 21.96 29.46 13.10
C ARG G 178 22.36 30.90 12.85
N TYR G 179 23.60 31.10 12.44
CA TYR G 179 24.02 32.32 11.76
C TYR G 179 24.91 32.00 10.58
N LEU G 180 25.41 30.78 10.52
CA LEU G 180 26.06 30.28 9.32
C LEU G 180 25.10 29.44 8.49
N ARG G 181 23.93 29.12 9.02
CA ARG G 181 22.92 28.53 8.15
C ARG G 181 22.01 29.59 7.58
N CYS G 182 22.17 30.84 8.02
CA CYS G 182 21.51 31.93 7.32
C CYS G 182 22.28 32.33 6.08
N ILE G 183 23.54 32.71 6.24
CA ILE G 183 24.37 33.13 5.10
C ILE G 183 24.38 32.07 4.01
N SER G 184 24.40 30.80 4.39
CA SER G 184 24.38 29.74 3.39
C SER G 184 23.11 29.79 2.57
N GLN G 185 21.96 29.80 3.22
CA GLN G 185 20.70 29.77 2.46
C GLN G 185 20.50 31.03 1.64
N ALA G 186 21.35 32.03 1.81
CA ALA G 186 21.29 33.18 0.91
C ALA G 186 21.96 32.87 -0.41
N LEU G 187 23.09 32.17 -0.37
CA LEU G 187 23.71 31.78 -1.63
C LEU G 187 22.81 30.81 -2.38
N GLY G 188 22.16 29.90 -1.66
CA GLY G 188 21.38 28.87 -2.30
C GLY G 188 20.26 29.42 -3.16
N TRP G 189 19.68 30.55 -2.76
CA TRP G 189 18.69 31.17 -3.62
C TRP G 189 19.35 32.08 -4.64
N SER G 190 20.31 32.91 -4.22
CA SER G 190 20.97 33.80 -5.15
C SER G 190 21.88 33.05 -6.11
N PHE G 191 22.01 31.73 -5.92
CA PHE G 191 22.64 30.91 -6.94
C PHE G 191 21.60 30.35 -7.90
N VAL G 192 20.60 29.63 -7.37
CA VAL G 192 19.62 28.98 -8.24
C VAL G 192 18.87 30.00 -9.06
N LEU G 193 18.72 31.22 -8.55
CA LEU G 193 18.17 32.28 -9.36
C LEU G 193 19.01 32.52 -10.60
N LEU G 194 20.30 32.80 -10.41
CA LEU G 194 21.18 33.13 -11.54
C LEU G 194 21.22 32.03 -12.58
N THR G 195 21.24 30.77 -12.14
CA THR G 195 21.27 29.68 -13.11
C THR G 195 20.01 29.62 -13.95
N THR G 196 18.85 29.62 -13.31
CA THR G 196 17.61 29.51 -14.08
C THR G 196 17.43 30.70 -15.00
N LEU G 197 17.81 31.89 -14.56
CA LEU G 197 17.79 33.04 -15.45
C LEU G 197 18.72 32.82 -16.63
N LEU G 198 19.84 32.12 -16.41
CA LEU G 198 20.72 31.82 -17.53
C LEU G 198 20.21 30.65 -18.35
N ALA G 199 19.22 29.91 -17.83
CA ALA G 199 18.51 28.97 -18.67
C ALA G 199 17.59 29.69 -19.62
N PHE G 200 17.23 30.92 -19.30
CA PHE G 200 16.36 31.70 -20.16
C PHE G 200 17.05 32.05 -21.47
N VAL G 201 18.10 32.78 -21.24
CA VAL G 201 18.86 33.29 -22.28
C VAL G 201 19.23 32.23 -23.21
N VAL G 202 19.63 31.06 -22.77
CA VAL G 202 20.12 30.13 -23.78
C VAL G 202 19.15 29.72 -24.83
N ARG G 203 17.95 29.33 -24.38
CA ARG G 203 16.95 28.92 -25.33
C ARG G 203 16.56 30.10 -26.12
N SER G 204 16.30 31.17 -25.37
CA SER G 204 15.80 32.35 -26.01
C SER G 204 16.67 32.98 -27.02
N VAL G 205 17.98 32.80 -26.99
CA VAL G 205 18.65 33.34 -28.10
C VAL G 205 19.01 32.38 -29.12
N ARG G 206 19.74 31.30 -28.85
CA ARG G 206 20.46 30.94 -30.13
C ARG G 206 21.43 29.76 -30.29
N PRO G 207 22.80 30.03 -30.01
CA PRO G 207 23.94 29.08 -30.05
C PRO G 207 23.68 27.78 -30.79
N CYS G 208 23.82 27.85 -32.12
CA CYS G 208 23.80 26.68 -33.00
C CYS G 208 22.40 26.06 -33.11
N PHE G 209 21.41 26.93 -33.33
CA PHE G 209 20.04 26.50 -33.59
C PHE G 209 19.70 26.57 -35.07
N THR G 210 20.70 26.64 -35.94
CA THR G 210 20.48 26.85 -37.37
C THR G 210 19.55 25.81 -37.97
N GLN G 211 18.57 26.29 -38.74
CA GLN G 211 17.58 25.40 -39.33
C GLN G 211 18.23 24.38 -40.25
N ALA G 212 19.37 24.74 -40.84
CA ALA G 212 20.05 23.81 -41.72
C ALA G 212 20.48 22.56 -40.98
N ALA G 213 21.34 22.72 -39.97
CA ALA G 213 22.03 21.56 -39.43
C ALA G 213 21.14 20.77 -38.49
N PHE G 214 20.16 21.44 -37.86
CA PHE G 214 19.19 20.72 -37.05
C PHE G 214 18.49 19.67 -37.89
N LEU G 215 18.18 20.01 -39.14
CA LEU G 215 17.51 19.06 -40.01
C LEU G 215 18.39 17.85 -40.27
N LYS G 216 19.61 18.07 -40.74
CA LYS G 216 20.49 16.96 -41.08
C LYS G 216 20.69 16.04 -39.89
N SER G 217 20.79 16.60 -38.70
CA SER G 217 21.01 15.79 -37.51
C SER G 217 19.86 14.82 -37.28
N LYS G 218 18.68 15.36 -37.00
CA LYS G 218 17.55 14.52 -36.61
C LYS G 218 17.21 13.52 -37.70
N TYR G 219 17.45 13.87 -38.95
CA TYR G 219 17.38 12.88 -40.02
C TYR G 219 18.36 11.76 -39.76
N TRP G 220 19.61 12.10 -39.48
CA TRP G 220 20.65 11.10 -39.35
C TRP G 220 20.38 10.16 -38.19
N SER G 221 20.17 10.72 -37.00
CA SER G 221 19.92 9.89 -35.83
C SER G 221 18.65 9.06 -36.02
N HIS G 222 17.70 9.56 -36.79
CA HIS G 222 16.55 8.74 -37.13
C HIS G 222 16.96 7.58 -38.02
N TYR G 223 18.02 7.77 -38.81
CA TYR G 223 18.40 6.75 -39.78
C TYR G 223 19.08 5.57 -39.12
N ILE G 224 19.86 5.82 -38.07
CA ILE G 224 20.55 4.74 -37.39
C ILE G 224 19.54 3.77 -36.79
N ASP G 225 18.38 4.26 -36.38
CA ASP G 225 17.37 3.39 -35.79
C ASP G 225 16.93 2.33 -36.79
N ILE G 226 16.49 2.76 -37.97
CA ILE G 226 15.96 1.81 -38.94
C ILE G 226 17.03 0.83 -39.39
N GLU G 227 18.29 1.26 -39.40
CA GLU G 227 19.36 0.37 -39.81
C GLU G 227 19.49 -0.80 -38.87
N ARG G 228 19.59 -0.53 -37.56
CA ARG G 228 19.74 -1.61 -36.59
C ARG G 228 18.50 -2.49 -36.58
N LYS G 229 17.31 -1.88 -36.52
CA LYS G 229 16.09 -2.67 -36.44
C LYS G 229 15.91 -3.56 -37.65
N LEU G 230 16.34 -3.09 -38.82
CA LEU G 230 16.12 -3.85 -40.03
C LEU G 230 17.14 -4.95 -40.25
N PHE G 231 18.35 -4.82 -39.71
CA PHE G 231 19.36 -5.84 -39.93
C PHE G 231 18.93 -7.17 -39.35
N ASP G 232 18.27 -7.13 -38.19
CA ASP G 232 17.82 -8.36 -37.54
C ASP G 232 16.86 -9.14 -38.41
N GLU G 233 16.08 -8.46 -39.24
CA GLU G 233 15.14 -9.14 -40.11
C GLU G 233 15.85 -10.09 -41.06
N THR G 234 16.86 -9.60 -41.77
CA THR G 234 17.56 -10.43 -42.74
C THR G 234 18.23 -11.62 -42.06
N CYS G 235 18.77 -11.41 -40.86
CA CYS G 235 19.43 -12.50 -40.14
C CYS G 235 18.45 -13.62 -39.84
N THR G 236 17.41 -13.31 -39.05
CA THR G 236 16.43 -14.32 -38.70
C THR G 236 15.81 -14.92 -39.95
N GLU G 237 15.60 -14.12 -40.98
CA GLU G 237 15.15 -14.66 -42.25
C GLU G 237 16.20 -15.60 -42.83
N HIS G 238 17.41 -15.07 -43.09
CA HIS G 238 18.43 -15.88 -43.74
C HIS G 238 18.82 -17.09 -42.92
N ALA G 239 18.67 -17.01 -41.59
CA ALA G 239 19.00 -18.15 -40.76
C ALA G 239 17.95 -19.24 -40.85
N LYS G 240 16.67 -18.84 -40.93
CA LYS G 240 15.58 -19.82 -40.91
C LYS G 240 15.72 -20.82 -42.04
N ALA G 241 16.13 -20.37 -43.22
CA ALA G 241 16.38 -21.29 -44.31
C ALA G 241 17.54 -22.22 -44.02
N PHE G 242 18.42 -21.86 -43.11
CA PHE G 242 19.62 -22.65 -42.86
C PHE G 242 19.43 -23.70 -41.78
N ALA G 243 18.56 -23.47 -40.80
CA ALA G 243 18.40 -24.45 -39.73
C ALA G 243 17.78 -25.74 -40.23
N LYS G 244 16.89 -25.65 -41.23
CA LYS G 244 16.12 -26.81 -41.65
C LYS G 244 17.02 -27.94 -42.13
N VAL G 245 18.19 -27.61 -42.68
CA VAL G 245 19.07 -28.67 -43.17
C VAL G 245 19.64 -29.49 -42.02
N CYS G 246 19.94 -28.86 -40.88
CA CYS G 246 20.60 -29.59 -39.82
C CYS G 246 19.63 -30.22 -38.84
N ILE G 247 18.61 -29.47 -38.40
CA ILE G 247 17.66 -29.97 -37.41
C ILE G 247 17.02 -31.27 -37.87
N GLN G 248 16.75 -31.38 -39.17
CA GLN G 248 16.20 -32.62 -39.69
C GLN G 248 17.18 -33.77 -39.49
N GLN G 249 18.48 -33.49 -39.46
CA GLN G 249 19.46 -34.56 -39.32
C GLN G 249 19.38 -35.20 -37.94
N PHE G 250 19.08 -34.40 -36.92
CA PHE G 250 18.89 -34.95 -35.58
C PHE G 250 17.75 -35.97 -35.58
N PHE G 251 16.61 -35.59 -36.13
CA PHE G 251 15.60 -36.57 -36.45
C PHE G 251 16.16 -37.55 -37.48
N GLU G 252 15.62 -38.77 -37.46
CA GLU G 252 15.99 -39.79 -38.44
C GLU G 252 17.45 -40.18 -38.34
N ALA G 253 18.13 -39.78 -37.26
CA ALA G 253 19.56 -39.94 -37.15
C ALA G 253 19.96 -40.52 -35.82
N MET G 254 19.01 -40.59 -34.88
CA MET G 254 19.29 -41.24 -33.61
C MET G 254 18.98 -42.73 -33.67
N ASN G 255 17.74 -43.08 -34.02
CA ASN G 255 17.35 -44.46 -34.25
C ASN G 255 16.40 -44.60 -35.42
N HIS G 256 15.94 -43.49 -36.02
CA HIS G 256 14.90 -43.49 -37.05
C HIS G 256 13.57 -44.02 -36.52
N ASP G 257 13.44 -44.09 -35.19
CA ASP G 257 12.25 -44.61 -34.55
C ASP G 257 12.47 -44.55 -33.05
N LEU G 258 11.46 -44.98 -32.31
CA LEU G 258 11.55 -45.12 -30.86
C LEU G 258 11.37 -46.58 -30.49
N GLU G 259 12.13 -47.02 -29.50
CA GLU G 259 11.98 -48.36 -28.97
C GLU G 259 10.70 -48.52 -28.16
N LEU G 260 10.07 -47.41 -27.76
CA LEU G 260 8.86 -47.44 -26.97
C LEU G 260 7.62 -47.80 -27.78
N GLY G 261 7.78 -48.18 -29.05
CA GLY G 261 6.66 -48.64 -29.84
C GLY G 261 6.03 -49.87 -29.21
N HIS G 262 4.76 -49.76 -28.86
CA HIS G 262 4.05 -50.87 -28.22
C HIS G 262 3.37 -51.74 -29.27
N MET H 1 19.35 2.31 9.05
CA MET H 1 20.26 1.59 8.18
C MET H 1 19.57 1.21 6.88
N MET H 2 18.24 1.33 6.87
CA MET H 2 17.47 0.99 5.68
C MET H 2 17.76 1.93 4.51
N ASP H 3 18.36 3.10 4.77
CA ASP H 3 18.50 4.11 3.74
C ASP H 3 19.33 3.62 2.56
N LYS H 4 20.43 2.90 2.83
CA LYS H 4 21.34 2.53 1.74
C LYS H 4 20.68 1.57 0.77
N PHE H 5 19.67 0.83 1.23
CA PHE H 5 19.01 -0.18 0.41
C PHE H 5 17.54 0.15 0.13
N ARG H 6 16.86 0.85 1.03
CA ARG H 6 15.47 1.22 0.77
C ARG H 6 15.36 2.15 -0.42
N MET H 7 16.45 2.86 -0.73
CA MET H 7 16.50 3.72 -1.91
C MET H 7 16.27 2.96 -3.20
N ILE H 8 17.09 1.96 -3.50
CA ILE H 8 16.88 1.13 -4.68
C ILE H 8 15.57 0.36 -4.58
N PHE H 9 15.08 0.15 -3.35
CA PHE H 9 13.80 -0.53 -3.15
C PHE H 9 12.65 0.16 -3.87
N GLN H 10 12.42 1.43 -3.61
CA GLN H 10 11.42 2.17 -4.38
C GLN H 10 11.92 2.45 -5.79
N PHE H 11 13.23 2.61 -5.96
CA PHE H 11 13.79 2.74 -7.31
C PHE H 11 13.52 1.49 -8.12
N LEU H 12 13.69 0.32 -7.51
CA LEU H 12 13.18 -0.91 -8.10
C LEU H 12 11.66 -0.81 -8.28
N GLN H 13 10.96 -0.35 -7.25
CA GLN H 13 9.54 -0.10 -7.35
C GLN H 13 9.21 0.98 -8.37
N SER H 14 10.18 1.82 -8.73
CA SER H 14 9.93 2.95 -9.62
C SER H 14 9.41 2.52 -10.98
N ASN H 15 10.21 1.82 -11.77
CA ASN H 15 9.80 1.49 -13.13
C ASN H 15 10.49 0.19 -13.54
N GLN H 16 10.34 -0.16 -14.81
CA GLN H 16 10.92 -1.37 -15.37
C GLN H 16 11.64 -1.04 -16.67
N GLU H 17 12.48 -0.01 -16.63
CA GLU H 17 13.22 0.42 -17.81
C GLU H 17 14.71 0.18 -17.57
N SER H 18 15.27 -0.76 -18.32
CA SER H 18 16.69 -1.09 -18.20
C SER H 18 17.16 -1.98 -19.34
N PHE H 19 18.38 -2.53 -19.19
CA PHE H 19 18.96 -3.42 -20.18
C PHE H 19 19.67 -4.56 -19.45
N MET H 20 20.57 -5.26 -20.16
CA MET H 20 21.40 -6.30 -19.55
C MET H 20 22.06 -5.80 -18.26
N ASN H 21 22.56 -4.57 -18.29
CA ASN H 21 23.00 -3.93 -17.04
C ASN H 21 21.84 -3.80 -16.05
N GLY H 22 20.65 -3.46 -16.54
CA GLY H 22 19.48 -3.53 -15.69
C GLY H 22 19.15 -4.95 -15.30
N ILE H 23 19.43 -5.91 -16.18
CA ILE H 23 19.38 -7.31 -15.79
C ILE H 23 20.44 -7.59 -14.73
N CYS H 24 21.62 -7.00 -14.88
CA CYS H 24 22.57 -6.97 -13.78
C CYS H 24 22.01 -6.16 -12.62
N GLY H 25 21.14 -5.20 -12.91
CA GLY H 25 20.43 -4.51 -11.85
C GLY H 25 19.59 -5.44 -11.00
N ILE H 26 19.17 -6.57 -11.59
CA ILE H 26 18.47 -7.59 -10.81
C ILE H 26 19.35 -8.08 -9.67
N MET H 27 20.64 -8.28 -9.96
CA MET H 27 21.55 -8.79 -8.94
C MET H 27 22.15 -7.66 -8.11
N ALA H 28 22.90 -6.76 -8.76
CA ALA H 28 23.78 -5.86 -8.03
C ALA H 28 22.98 -4.85 -7.20
N LEU H 29 21.76 -4.51 -7.62
CA LEU H 29 20.89 -3.71 -6.77
C LEU H 29 20.72 -4.39 -5.42
N ALA H 30 20.57 -5.73 -5.43
CA ALA H 30 20.67 -6.48 -4.20
C ALA H 30 22.04 -6.30 -3.56
N SER H 31 23.10 -6.23 -4.38
CA SER H 31 24.42 -6.00 -3.82
C SER H 31 24.52 -4.61 -3.21
N ALA H 32 23.76 -3.66 -3.75
CA ALA H 32 23.64 -2.38 -3.06
C ALA H 32 22.85 -2.53 -1.76
N GLN H 33 22.07 -3.59 -1.65
CA GLN H 33 21.17 -3.74 -0.51
C GLN H 33 21.64 -4.84 0.43
N MET H 34 22.22 -5.91 -0.14
CA MET H 34 22.69 -7.04 0.65
C MET H 34 23.65 -6.60 1.75
N TYR H 35 24.38 -5.50 1.52
CA TYR H 35 25.19 -4.93 2.59
C TYR H 35 24.33 -4.55 3.79
N SER H 36 23.10 -4.12 3.54
CA SER H 36 22.29 -3.52 4.61
C SER H 36 21.97 -4.51 5.72
N ALA H 37 21.49 -5.71 5.38
CA ALA H 37 21.09 -6.69 6.38
C ALA H 37 22.24 -7.53 6.90
N PHE H 38 23.31 -7.67 6.11
CA PHE H 38 24.52 -8.35 6.56
C PHE H 38 25.32 -7.44 7.49
N ASP H 39 25.37 -7.80 8.77
CA ASP H 39 25.92 -6.93 9.79
C ASP H 39 27.43 -6.84 9.63
N PHE H 40 28.07 -6.00 10.44
CA PHE H 40 29.52 -5.87 10.48
C PHE H 40 29.92 -5.56 11.91
N ASN H 41 30.93 -6.27 12.41
CA ASN H 41 31.40 -6.09 13.78
C ASN H 41 32.78 -6.72 13.88
N CYS H 42 33.77 -5.92 14.28
CA CYS H 42 35.13 -6.41 14.23
C CYS H 42 35.58 -6.91 15.59
N PRO H 43 36.54 -7.82 15.62
CA PRO H 43 36.92 -8.49 16.86
C PRO H 43 37.37 -7.56 17.96
N CYS H 44 37.85 -6.37 17.62
CA CYS H 44 38.53 -5.49 18.56
C CYS H 44 39.47 -6.26 19.48
N LEU H 45 40.48 -6.86 18.86
CA LEU H 45 41.63 -7.60 19.34
C LEU H 45 42.89 -7.05 18.69
N PRO H 46 44.09 -7.46 19.11
CA PRO H 46 45.29 -6.71 18.74
C PRO H 46 45.74 -6.87 17.30
N GLY H 47 45.60 -8.03 16.70
CA GLY H 47 46.17 -8.21 15.37
C GLY H 47 45.20 -8.79 14.36
N TYR H 48 44.08 -9.31 14.81
CA TYR H 48 43.10 -9.92 13.93
C TYR H 48 42.44 -8.91 13.00
N ASN H 49 42.31 -7.65 13.42
CA ASN H 49 41.57 -6.67 12.64
C ASN H 49 42.08 -6.60 11.22
N ALA H 50 43.36 -6.25 11.05
CA ALA H 50 43.91 -6.05 9.71
C ALA H 50 43.82 -7.32 8.88
N ALA H 51 43.73 -8.48 9.54
CA ALA H 51 43.32 -9.66 8.81
C ALA H 51 41.85 -9.61 8.46
N TYR H 52 40.99 -9.34 9.44
CA TYR H 52 39.57 -9.54 9.22
C TYR H 52 39.00 -8.54 8.25
N SER H 53 39.44 -7.30 8.29
CA SER H 53 38.83 -6.30 7.43
C SER H 53 39.12 -6.60 5.97
N ALA H 54 40.32 -7.11 5.67
CA ALA H 54 40.63 -7.48 4.30
C ALA H 54 39.73 -8.59 3.81
N GLY H 55 39.07 -9.29 4.72
CA GLY H 55 38.09 -10.28 4.31
C GLY H 55 36.88 -9.66 3.63
N ILE H 56 36.54 -8.44 4.00
CA ILE H 56 35.30 -7.86 3.49
C ILE H 56 35.59 -6.81 2.43
N LEU H 57 36.75 -6.88 1.79
CA LEU H 57 36.94 -6.15 0.55
C LEU H 57 37.44 -7.01 -0.59
N LEU H 58 37.61 -8.31 -0.39
CA LEU H 58 38.10 -9.16 -1.45
C LEU H 58 37.24 -10.40 -1.68
N ALA H 59 36.70 -11.02 -0.65
CA ALA H 59 35.95 -12.22 -0.94
C ALA H 59 34.57 -11.86 -1.49
N PRO H 60 33.74 -11.12 -0.75
CA PRO H 60 32.39 -10.81 -1.23
C PRO H 60 32.38 -10.05 -2.54
N PRO H 61 33.41 -9.28 -2.87
CA PRO H 61 33.50 -8.84 -4.26
C PRO H 61 33.68 -9.98 -5.22
N LEU H 62 34.71 -10.80 -5.01
CA LEU H 62 35.04 -11.85 -5.96
C LEU H 62 33.89 -12.82 -6.16
N VAL H 63 33.08 -13.04 -5.13
CA VAL H 63 31.89 -13.86 -5.29
C VAL H 63 30.94 -13.22 -6.28
N LEU H 64 30.65 -11.93 -6.11
CA LEU H 64 29.69 -11.30 -7.01
C LEU H 64 30.20 -11.27 -8.44
N PHE H 65 31.52 -11.35 -8.63
CA PHE H 65 32.06 -11.44 -9.98
C PHE H 65 31.71 -12.77 -10.62
N LEU H 66 32.20 -13.87 -10.04
CA LEU H 66 31.96 -15.20 -10.60
C LEU H 66 30.48 -15.54 -10.70
N LEU H 67 29.64 -14.93 -9.87
CA LEU H 67 28.21 -15.15 -10.02
C LEU H 67 27.67 -14.38 -11.21
N GLY H 68 28.49 -13.57 -11.85
CA GLY H 68 28.06 -12.90 -13.07
C GLY H 68 28.32 -13.73 -14.31
N LEU H 69 29.47 -14.40 -14.37
CA LEU H 69 29.74 -15.24 -15.52
C LEU H 69 28.76 -16.39 -15.60
N VAL H 70 28.63 -17.17 -14.53
CA VAL H 70 27.76 -18.34 -14.56
C VAL H 70 26.31 -17.94 -14.77
N MET H 71 25.94 -16.71 -14.42
CA MET H 71 24.54 -16.33 -14.47
C MET H 71 24.04 -16.17 -15.90
N ASN H 72 24.92 -15.76 -16.82
CA ASN H 72 24.47 -15.54 -18.18
C ASN H 72 24.70 -16.78 -19.04
N ASN H 73 23.89 -16.91 -20.09
CA ASN H 73 23.75 -18.14 -20.85
C ASN H 73 24.68 -18.19 -22.07
N ASN H 74 25.98 -17.98 -21.85
CA ASN H 74 26.93 -17.99 -22.96
C ASN H 74 28.18 -18.81 -22.71
N VAL H 75 28.58 -19.00 -21.45
CA VAL H 75 29.93 -19.46 -21.16
C VAL H 75 30.17 -20.87 -21.71
N SER H 76 29.13 -21.67 -21.83
CA SER H 76 29.28 -23.00 -22.41
C SER H 76 29.82 -22.92 -23.82
N MET H 77 29.20 -22.07 -24.65
CA MET H 77 29.61 -21.95 -26.04
C MET H 77 31.06 -21.53 -26.16
N LEU H 78 31.52 -20.67 -25.25
CA LEU H 78 32.95 -20.36 -25.20
C LEU H 78 33.73 -21.49 -24.56
N ALA H 79 33.20 -22.04 -23.46
CA ALA H 79 33.90 -23.13 -22.79
C ALA H 79 33.99 -24.36 -23.68
N GLU H 80 32.91 -24.67 -24.41
CA GLU H 80 32.91 -25.84 -25.28
C GLU H 80 33.96 -25.72 -26.38
N GLU H 81 33.97 -24.59 -27.08
CA GLU H 81 34.83 -24.44 -28.25
C GLU H 81 36.26 -24.08 -27.88
N TRP H 82 36.55 -23.81 -26.60
CA TRP H 82 37.92 -23.57 -26.22
C TRP H 82 38.66 -24.87 -25.95
N LYS H 83 38.05 -25.77 -25.18
CA LYS H 83 38.65 -27.07 -24.91
C LYS H 83 38.97 -27.86 -26.18
N ARG H 84 38.18 -27.70 -27.23
CA ARG H 84 38.46 -28.39 -28.48
C ARG H 84 39.77 -27.90 -29.08
N PRO H 85 40.33 -28.62 -30.04
CA PRO H 85 41.59 -28.20 -30.66
C PRO H 85 41.35 -27.06 -31.63
N PRO H 86 42.37 -26.22 -31.87
CA PRO H 86 42.26 -25.22 -32.94
C PRO H 86 42.03 -25.88 -34.29
N GLY H 87 41.51 -25.11 -35.23
CA GLY H 87 41.18 -25.65 -36.54
C GLY H 87 39.77 -26.16 -36.59
N ARG H 88 39.46 -27.11 -35.71
CA ARG H 88 38.08 -27.59 -35.56
C ARG H 88 37.13 -26.50 -35.08
N ARG H 89 37.66 -25.45 -34.45
CA ARG H 89 36.85 -24.35 -33.96
C ARG H 89 36.06 -23.75 -35.11
N ALA H 90 34.73 -23.81 -35.02
CA ALA H 90 33.87 -23.23 -36.04
C ALA H 90 33.82 -21.72 -35.97
N LYS H 91 34.63 -21.09 -35.14
CA LYS H 91 34.62 -19.65 -34.96
C LYS H 91 36.04 -19.10 -34.91
N ASP H 92 36.21 -17.92 -35.47
CA ASP H 92 37.51 -17.26 -35.49
C ASP H 92 37.90 -16.85 -34.08
N PRO H 93 39.21 -16.75 -33.81
CA PRO H 93 39.66 -16.12 -32.57
C PRO H 93 39.05 -14.76 -32.33
N ALA H 94 38.81 -13.98 -33.38
CA ALA H 94 38.24 -12.65 -33.23
C ALA H 94 36.88 -12.72 -32.54
N VAL H 95 35.96 -13.51 -33.08
CA VAL H 95 34.65 -13.63 -32.47
C VAL H 95 34.76 -14.25 -31.08
N LEU H 96 35.75 -15.12 -30.87
CA LEU H 96 36.02 -15.58 -29.54
C LEU H 96 36.49 -14.44 -28.65
N ARG H 97 37.57 -13.76 -29.04
CA ARG H 97 38.17 -12.75 -28.20
C ARG H 97 37.17 -11.65 -27.86
N TYR H 98 36.39 -11.19 -28.84
CA TYR H 98 35.38 -10.20 -28.55
C TYR H 98 34.34 -10.77 -27.59
N MET H 99 33.64 -11.83 -28.02
CA MET H 99 32.54 -12.37 -27.23
C MET H 99 32.97 -12.76 -25.83
N PHE H 100 34.21 -13.20 -25.64
CA PHE H 100 34.72 -13.40 -24.30
C PHE H 100 34.88 -12.10 -23.53
N CYS H 101 35.36 -11.05 -24.17
CA CYS H 101 35.53 -9.76 -23.52
C CYS H 101 34.21 -9.09 -23.23
N SER H 102 33.16 -9.38 -23.99
CA SER H 102 31.87 -8.78 -23.72
C SER H 102 31.14 -9.51 -22.60
N MET H 103 31.83 -10.42 -21.91
CA MET H 103 31.26 -10.97 -20.70
C MET H 103 31.75 -10.22 -19.47
N ALA H 104 33.02 -9.81 -19.49
CA ALA H 104 33.57 -9.04 -18.38
C ALA H 104 32.81 -7.74 -18.16
N GLN H 105 32.67 -6.93 -19.21
CA GLN H 105 32.14 -5.59 -19.04
C GLN H 105 30.64 -5.60 -18.74
N ARG H 106 30.03 -6.78 -18.68
CA ARG H 106 28.68 -6.86 -18.13
C ARG H 106 28.71 -7.42 -16.71
N ALA H 107 29.83 -8.02 -16.33
CA ALA H 107 29.94 -8.57 -14.98
C ALA H 107 30.49 -7.55 -14.00
N LEU H 108 31.34 -6.65 -14.48
CA LEU H 108 32.03 -5.70 -13.61
C LEU H 108 31.11 -4.65 -13.00
N TRP H 109 29.81 -4.71 -13.25
CA TRP H 109 28.93 -3.70 -12.68
C TRP H 109 28.58 -4.02 -11.23
N ALA H 110 28.69 -5.28 -10.82
CA ALA H 110 28.50 -5.60 -9.42
C ALA H 110 29.74 -5.34 -8.56
N PRO H 111 30.94 -5.78 -8.94
CA PRO H 111 32.06 -5.67 -8.00
C PRO H 111 32.72 -4.31 -7.97
N VAL H 112 32.05 -3.27 -8.43
CA VAL H 112 32.57 -1.93 -8.21
C VAL H 112 31.59 -1.15 -7.35
N VAL H 113 30.33 -1.55 -7.36
CA VAL H 113 29.36 -0.94 -6.48
C VAL H 113 29.52 -1.48 -5.06
N TRP H 114 30.09 -2.68 -4.93
CA TRP H 114 30.27 -3.22 -3.59
C TRP H 114 31.67 -2.97 -3.09
N VAL H 115 32.40 -2.07 -3.73
CA VAL H 115 33.63 -1.58 -3.13
C VAL H 115 33.50 -0.10 -2.82
N ALA H 116 32.67 0.60 -3.56
CA ALA H 116 32.28 1.93 -3.12
C ALA H 116 31.46 1.86 -1.85
N VAL H 117 30.35 1.13 -1.88
CA VAL H 117 29.36 1.25 -0.82
C VAL H 117 29.77 0.52 0.46
N THR H 118 30.98 -0.01 0.51
CA THR H 118 31.58 -0.32 1.80
C THR H 118 32.86 0.43 2.04
N LEU H 119 33.06 1.54 1.35
CA LEU H 119 33.99 2.55 1.81
C LEU H 119 33.30 3.80 2.31
N LEU H 120 32.19 4.20 1.67
CA LEU H 120 31.56 5.46 2.03
C LEU H 120 30.97 5.41 3.44
N ASP H 121 30.74 4.22 3.98
CA ASP H 121 30.26 4.18 5.35
C ASP H 121 31.38 3.84 6.31
N GLY H 122 32.58 3.61 5.81
CA GLY H 122 33.76 3.64 6.63
C GLY H 122 33.94 2.50 7.61
N LYS H 123 32.87 1.77 7.93
CA LYS H 123 32.97 0.68 8.89
C LYS H 123 34.05 -0.30 8.49
N CYS H 124 34.10 -0.64 7.21
CA CYS H 124 35.13 -1.56 6.72
C CYS H 124 36.52 -0.99 6.93
N PHE H 125 36.65 0.33 6.91
CA PHE H 125 37.97 0.92 7.02
C PHE H 125 38.33 1.18 8.47
N LEU H 126 37.33 1.41 9.32
CA LEU H 126 37.61 1.78 10.70
C LEU H 126 38.33 0.68 11.44
N CYS H 127 37.83 -0.55 11.34
CA CYS H 127 38.44 -1.66 12.05
C CYS H 127 39.71 -2.15 11.38
N ALA H 128 40.26 -1.40 10.43
CA ALA H 128 41.40 -1.90 9.69
C ALA H 128 42.65 -1.08 9.93
N PHE H 129 42.51 0.13 10.45
CA PHE H 129 43.68 0.96 10.67
C PHE H 129 43.60 1.71 11.99
N CYS H 130 42.71 1.27 12.87
CA CYS H 130 42.66 1.93 14.16
C CYS H 130 43.89 1.67 14.99
N THR H 131 44.60 0.57 14.75
CA THR H 131 45.78 0.25 15.53
C THR H 131 46.88 1.30 15.41
N ALA H 132 46.90 2.04 14.31
CA ALA H 132 47.91 3.08 14.13
C ALA H 132 47.24 4.42 13.82
N VAL H 133 46.84 5.09 14.89
CA VAL H 133 46.37 6.47 14.85
C VAL H 133 47.45 7.32 15.53
N PRO H 134 47.74 8.50 15.04
CA PRO H 134 48.69 9.35 15.78
C PRO H 134 48.00 9.90 17.00
N VAL H 135 48.30 9.32 18.16
CA VAL H 135 47.59 9.65 19.39
C VAL H 135 47.97 11.04 19.87
N SER H 136 49.18 11.49 19.56
CA SER H 136 49.59 12.84 19.92
C SER H 136 48.78 13.91 19.20
N ALA H 137 48.18 13.58 18.06
CA ALA H 137 47.44 14.55 17.26
C ALA H 137 46.04 14.69 17.83
N LEU H 138 45.75 15.86 18.40
CA LEU H 138 44.47 16.12 19.03
C LEU H 138 44.24 15.14 20.19
N GLY H 139 45.13 15.21 21.17
CA GLY H 139 45.15 14.24 22.24
C GLY H 139 44.83 14.77 23.62
N ASN H 140 44.26 15.96 23.71
CA ASN H 140 43.78 16.53 24.98
C ASN H 140 44.91 16.58 26.02
N GLY H 141 45.88 17.45 25.73
CA GLY H 141 47.09 17.57 26.54
C GLY H 141 47.86 16.25 26.48
N SER H 142 48.37 15.90 25.30
CA SER H 142 49.02 14.59 25.15
C SER H 142 50.48 14.59 25.61
N LEU H 143 51.19 13.51 25.28
CA LEU H 143 52.57 13.35 25.70
C LEU H 143 52.94 11.91 25.99
N ALA H 144 51.97 11.00 25.87
CA ALA H 144 52.18 9.57 26.08
C ALA H 144 52.78 9.33 27.45
N PRO H 145 52.00 9.41 28.52
CA PRO H 145 52.58 9.37 29.87
C PRO H 145 53.19 8.01 30.20
N GLY H 146 54.37 7.75 29.63
CA GLY H 146 55.10 6.53 29.89
C GLY H 146 54.44 5.28 29.37
N LEU H 147 53.51 5.40 28.43
CA LEU H 147 52.77 4.24 27.96
C LEU H 147 53.68 3.32 27.16
N PRO H 148 53.57 2.01 27.31
CA PRO H 148 54.42 1.11 26.54
C PRO H 148 53.83 0.80 25.18
N ALA H 149 54.52 -0.01 24.38
CA ALA H 149 53.93 -0.45 23.12
C ALA H 149 52.85 -1.50 23.34
N PRO H 150 53.13 -2.65 23.93
CA PRO H 150 52.04 -3.57 24.30
C PRO H 150 51.23 -2.95 25.41
N GLU H 151 50.00 -3.45 25.57
CA GLU H 151 49.04 -2.88 26.50
C GLU H 151 48.65 -1.45 26.13
N LEU H 152 48.93 -1.08 24.91
CA LEU H 152 48.39 0.11 24.26
C LEU H 152 47.73 -0.23 22.94
N ALA H 153 48.30 -1.17 22.19
CA ALA H 153 47.58 -1.77 21.08
C ALA H 153 46.26 -2.34 21.56
N ARG H 154 46.26 -2.99 22.72
CA ARG H 154 44.99 -3.43 23.30
C ARG H 154 44.21 -2.27 23.87
N LEU H 155 44.81 -1.09 23.93
CA LEU H 155 44.06 0.10 24.33
C LEU H 155 43.45 0.79 23.13
N LEU H 156 44.25 1.03 22.09
CA LEU H 156 43.69 1.61 20.88
C LEU H 156 42.67 0.70 20.23
N ALA H 157 42.99 -0.58 20.13
CA ALA H 157 42.26 -1.43 19.20
C ALA H 157 40.80 -1.58 19.53
N ARG H 158 40.38 -1.22 20.72
CA ARG H 158 38.97 -1.39 21.03
C ARG H 158 38.08 -0.34 20.40
N VAL H 159 38.68 0.67 19.77
CA VAL H 159 37.97 1.92 19.48
C VAL H 159 36.61 1.73 18.81
N PRO H 160 36.45 0.83 17.84
CA PRO H 160 35.12 0.67 17.25
C PRO H 160 34.13 0.03 18.19
N CYS H 161 34.56 -0.90 19.04
CA CYS H 161 33.60 -1.54 19.93
C CYS H 161 33.19 -0.55 21.00
N PRO H 162 32.01 0.06 20.91
CA PRO H 162 31.72 1.24 21.74
C PRO H 162 31.66 0.96 23.24
N GLU H 163 30.77 0.08 23.67
CA GLU H 163 30.52 -0.04 25.10
C GLU H 163 31.69 -0.67 25.83
N ILE H 164 32.61 -1.30 25.12
CA ILE H 164 33.77 -1.90 25.76
C ILE H 164 35.01 -1.04 25.64
N TYR H 165 34.86 0.25 25.35
CA TYR H 165 36.03 1.10 25.27
C TYR H 165 36.66 1.32 26.63
N ASP H 166 37.99 1.31 26.68
CA ASP H 166 38.69 1.46 27.95
C ASP H 166 38.43 2.82 28.58
N GLY H 167 38.91 3.89 27.95
CA GLY H 167 38.78 5.19 28.59
C GLY H 167 39.54 6.35 27.99
N ASP H 168 39.60 7.44 28.73
CA ASP H 168 40.05 8.73 28.23
C ASP H 168 41.56 8.86 28.09
N TRP H 169 42.31 7.80 28.36
CA TRP H 169 43.75 7.91 28.34
C TRP H 169 44.24 8.22 26.94
N LEU H 170 44.66 9.46 26.75
CA LEU H 170 45.25 9.88 25.49
C LEU H 170 44.25 9.78 24.36
N LEU H 171 42.95 9.79 24.67
CA LEU H 171 41.97 9.77 23.61
C LEU H 171 40.58 9.91 24.20
N ALA H 172 39.70 10.57 23.46
CA ALA H 172 38.28 10.42 23.62
C ALA H 172 37.82 9.45 22.55
N ARG H 173 36.54 9.07 22.58
CA ARG H 173 36.06 8.21 21.52
C ARG H 173 35.70 9.04 20.29
N GLU H 174 34.99 10.14 20.47
CA GLU H 174 34.46 10.85 19.32
C GLU H 174 35.47 11.73 18.62
N VAL H 175 36.76 11.49 18.83
CA VAL H 175 37.77 12.17 18.03
C VAL H 175 38.70 11.16 17.36
N ALA H 176 38.71 9.91 17.82
CA ALA H 176 39.43 8.88 17.10
C ALA H 176 38.56 8.30 15.99
N VAL H 177 37.28 8.09 16.27
CA VAL H 177 36.30 7.95 15.22
C VAL H 177 36.02 9.38 14.81
N ARG H 178 35.33 9.58 13.69
CA ARG H 178 35.06 10.90 13.15
C ARG H 178 36.35 11.62 12.78
N TYR H 179 37.43 10.87 12.64
CA TYR H 179 38.60 11.29 11.91
C TYR H 179 39.13 10.16 11.04
N LEU H 180 38.68 8.95 11.29
CA LEU H 180 38.90 7.84 10.37
C LEU H 180 37.69 7.63 9.48
N ARG H 181 36.57 8.28 9.76
CA ARG H 181 35.50 8.25 8.78
C ARG H 181 35.58 9.45 7.85
N CYS H 182 36.51 10.37 8.11
CA CYS H 182 36.82 11.37 7.11
C CYS H 182 37.74 10.83 6.04
N ILE H 183 38.92 10.34 6.44
CA ILE H 183 39.89 9.81 5.48
C ILE H 183 39.26 8.75 4.60
N SER H 184 38.40 7.91 5.17
CA SER H 184 37.73 6.89 4.37
C SER H 184 36.89 7.51 3.27
N GLN H 185 36.00 8.43 3.62
CA GLN H 185 35.12 8.99 2.61
C GLN H 185 35.87 9.80 1.57
N ALA H 186 37.16 10.03 1.78
CA ALA H 186 37.95 10.65 0.73
C ALA H 186 38.34 9.63 -0.34
N LEU H 187 38.70 8.43 0.08
CA LEU H 187 38.97 7.40 -0.92
C LEU H 187 37.72 7.06 -1.69
N GLY H 188 36.58 7.02 -1.02
CA GLY H 188 35.35 6.59 -1.65
C GLY H 188 34.96 7.46 -2.83
N TRP H 189 35.27 8.75 -2.76
CA TRP H 189 35.03 9.60 -3.92
C TRP H 189 36.19 9.55 -4.89
N SER H 190 37.42 9.66 -4.38
CA SER H 190 38.58 9.63 -5.26
C SER H 190 38.80 8.24 -5.84
N PHE H 191 38.00 7.26 -5.43
CA PHE H 191 37.98 5.99 -6.13
C PHE H 191 36.91 5.98 -7.21
N VAL H 192 35.66 6.24 -6.82
CA VAL H 192 34.55 6.16 -7.79
C VAL H 192 34.74 7.15 -8.91
N LEU H 193 35.42 8.26 -8.64
CA LEU H 193 35.80 9.16 -9.73
C LEU H 193 36.67 8.45 -10.75
N LEU H 194 37.79 7.88 -10.31
CA LEU H 194 38.74 7.25 -11.23
C LEU H 194 38.10 6.14 -12.04
N THR H 195 37.23 5.35 -11.43
CA THR H 195 36.59 4.26 -12.17
C THR H 195 35.69 4.80 -13.27
N THR H 196 34.79 5.72 -12.93
CA THR H 196 33.86 6.21 -13.95
C THR H 196 34.59 6.92 -15.06
N LEU H 197 35.64 7.66 -14.73
CA LEU H 197 36.46 8.25 -15.77
C LEU H 197 37.08 7.18 -16.65
N LEU H 198 37.42 6.04 -16.06
CA LEU H 198 37.94 4.94 -16.87
C LEU H 198 36.84 4.21 -17.60
N ALA H 199 35.59 4.44 -17.22
CA ALA H 199 34.48 3.97 -18.04
C ALA H 199 34.36 4.82 -19.29
N PHE H 200 34.91 6.02 -19.26
CA PHE H 200 34.85 6.90 -20.42
C PHE H 200 35.69 6.36 -21.56
N VAL H 201 36.94 6.27 -21.21
CA VAL H 201 37.91 5.88 -22.11
C VAL H 201 37.54 4.63 -22.74
N VAL H 202 37.01 3.64 -22.05
CA VAL H 202 36.81 2.38 -22.74
C VAL H 202 35.90 2.42 -23.92
N ARG H 203 34.73 3.02 -23.71
CA ARG H 203 33.78 3.09 -24.79
C ARG H 203 34.34 3.98 -25.83
N SER H 204 34.82 5.12 -25.34
CA SER H 204 35.30 6.11 -26.26
C SER H 204 36.44 5.74 -27.12
N VAL H 205 37.28 4.78 -26.75
CA VAL H 205 38.20 4.44 -27.73
C VAL H 205 37.90 3.24 -28.48
N ARG H 206 37.68 2.07 -27.88
CA ARG H 206 38.07 1.00 -28.87
C ARG H 206 37.99 -0.51 -28.61
N PRO H 207 39.16 -1.12 -28.06
CA PRO H 207 39.36 -2.52 -27.68
C PRO H 207 38.35 -3.51 -28.25
N CYS H 208 38.58 -3.92 -29.50
CA CYS H 208 37.84 -4.99 -30.16
C CYS H 208 36.42 -4.57 -30.51
N PHE H 209 36.28 -3.38 -31.09
CA PHE H 209 35.01 -2.90 -31.60
C PHE H 209 34.90 -3.03 -33.10
N THR H 210 35.75 -3.86 -33.72
CA THR H 210 35.85 -3.96 -35.17
C THR H 210 34.50 -4.28 -35.80
N GLN H 211 34.16 -3.53 -36.85
CA GLN H 211 32.86 -3.70 -37.51
C GLN H 211 32.72 -5.11 -38.08
N ALA H 212 33.85 -5.73 -38.43
CA ALA H 212 33.78 -7.08 -38.96
C ALA H 212 33.20 -8.05 -37.95
N ALA H 213 33.86 -8.20 -36.81
CA ALA H 213 33.56 -9.33 -35.94
C ALA H 213 32.30 -9.06 -35.14
N PHE H 214 31.99 -7.80 -34.87
CA PHE H 214 30.73 -7.47 -34.21
C PHE H 214 29.57 -8.02 -35.01
N LEU H 215 29.66 -7.93 -36.33
CA LEU H 215 28.59 -8.41 -37.18
C LEU H 215 28.43 -9.92 -37.03
N LYS H 216 29.52 -10.67 -37.23
CA LYS H 216 29.44 -12.13 -37.17
C LYS H 216 28.88 -12.59 -35.84
N SER H 217 29.25 -11.91 -34.76
CA SER H 217 28.77 -12.31 -33.44
C SER H 217 27.27 -12.21 -33.34
N LYS H 218 26.74 -10.99 -33.44
CA LYS H 218 25.32 -10.78 -33.20
C LYS H 218 24.47 -11.60 -34.16
N TYR H 219 24.96 -11.83 -35.36
CA TYR H 219 24.31 -12.78 -36.25
C TYR H 219 24.27 -14.16 -35.60
N TRP H 220 25.40 -14.62 -35.08
CA TRP H 220 25.49 -15.98 -34.56
C TRP H 220 24.57 -16.15 -33.36
N SER H 221 24.69 -15.29 -32.35
CA SER H 221 23.86 -15.41 -31.16
C SER H 221 22.39 -15.26 -31.51
N HIS H 222 22.09 -14.50 -32.56
CA HIS H 222 20.71 -14.45 -33.02
C HIS H 222 20.30 -15.80 -33.60
N TYR H 223 21.26 -16.55 -34.13
CA TYR H 223 20.92 -17.79 -34.82
C TYR H 223 20.58 -18.90 -33.84
N ILE H 224 21.25 -18.92 -32.69
CA ILE H 224 20.97 -19.95 -31.69
C ILE H 224 19.54 -19.86 -31.21
N ASP H 225 18.98 -18.65 -31.17
CA ASP H 225 17.61 -18.46 -30.71
C ASP H 225 16.64 -19.22 -31.60
N ILE H 226 16.69 -18.96 -32.91
CA ILE H 226 15.74 -19.57 -33.82
C ILE H 226 15.89 -21.09 -33.84
N GLU H 227 17.11 -21.58 -33.61
CA GLU H 227 17.32 -23.02 -33.62
C GLU H 227 16.55 -23.69 -32.49
N ARG H 228 16.73 -23.20 -31.26
CA ARG H 228 16.03 -23.79 -30.13
C ARG H 228 14.52 -23.64 -30.27
N LYS H 229 14.06 -22.43 -30.59
CA LYS H 229 12.63 -22.19 -30.69
C LYS H 229 11.98 -23.06 -31.75
N LEU H 230 12.70 -23.32 -32.84
CA LEU H 230 12.11 -24.05 -33.94
C LEU H 230 12.13 -25.56 -33.73
N PHE H 231 13.07 -26.08 -32.95
CA PHE H 231 13.15 -27.53 -32.76
C PHE H 231 11.89 -28.05 -32.09
N ASP H 232 11.34 -27.29 -31.14
CA ASP H 232 10.14 -27.72 -30.44
C ASP H 232 8.97 -27.91 -31.37
N GLU H 233 8.91 -27.14 -32.47
CA GLU H 233 7.82 -27.27 -33.41
C GLU H 233 7.77 -28.68 -34.00
N THR H 234 8.90 -29.16 -34.52
CA THR H 234 8.92 -30.48 -35.15
C THR H 234 8.56 -31.57 -34.15
N CYS H 235 9.01 -31.42 -32.91
CA CYS H 235 8.72 -32.43 -31.89
C CYS H 235 7.21 -32.53 -31.66
N THR H 236 6.60 -31.44 -31.19
CA THR H 236 5.18 -31.44 -30.94
C THR H 236 4.40 -31.83 -32.19
N GLU H 237 4.87 -31.40 -33.35
CA GLU H 237 4.27 -31.86 -34.60
C GLU H 237 4.45 -33.36 -34.76
N HIS H 238 5.71 -33.82 -34.79
CA HIS H 238 5.97 -35.23 -35.05
C HIS H 238 5.37 -36.12 -33.98
N ALA H 239 5.21 -35.60 -32.75
CA ALA H 239 4.63 -36.41 -31.70
C ALA H 239 3.12 -36.55 -31.87
N LYS H 240 2.46 -35.48 -32.30
CA LYS H 240 1.00 -35.48 -32.39
C LYS H 240 0.51 -36.61 -33.28
N ALA H 241 1.20 -36.86 -34.39
CA ALA H 241 0.83 -37.98 -35.23
C ALA H 241 1.03 -39.32 -34.53
N PHE H 242 1.88 -39.36 -33.51
CA PHE H 242 2.20 -40.62 -32.86
C PHE H 242 1.27 -40.96 -31.71
N ALA H 243 0.71 -39.97 -31.01
CA ALA H 243 -0.13 -40.28 -29.87
C ALA H 243 -1.43 -40.95 -30.29
N LYS H 244 -1.95 -40.60 -31.47
CA LYS H 244 -3.27 -41.08 -31.87
C LYS H 244 -3.33 -42.59 -31.95
N VAL H 245 -2.21 -43.25 -32.25
CA VAL H 245 -2.25 -44.70 -32.34
C VAL H 245 -2.46 -45.34 -30.97
N CYS H 246 -1.90 -44.75 -29.91
CA CYS H 246 -1.98 -45.41 -28.62
C CYS H 246 -3.19 -44.98 -27.81
N ILE H 247 -3.46 -43.67 -27.75
CA ILE H 247 -4.57 -43.16 -26.95
C ILE H 247 -5.88 -43.81 -27.34
N GLN H 248 -6.07 -44.07 -28.63
CA GLN H 248 -7.27 -44.78 -29.06
C GLN H 248 -7.34 -46.17 -28.46
N GLN H 249 -6.20 -46.78 -28.17
CA GLN H 249 -6.22 -48.13 -27.64
C GLN H 249 -6.79 -48.17 -26.23
N PHE H 250 -6.55 -47.11 -25.45
CA PHE H 250 -7.16 -47.02 -24.12
C PHE H 250 -8.68 -47.04 -24.23
N PHE H 251 -9.23 -46.19 -25.09
CA PHE H 251 -10.61 -46.34 -25.48
C PHE H 251 -10.79 -47.68 -26.19
N GLU H 252 -12.01 -48.22 -26.10
CA GLU H 252 -12.35 -49.45 -26.80
C GLU H 252 -11.55 -50.65 -26.29
N ALA H 253 -10.86 -50.49 -25.16
CA ALA H 253 -9.92 -51.48 -24.68
C ALA H 253 -10.11 -51.79 -23.22
N MET H 254 -10.93 -50.98 -22.54
CA MET H 254 -11.25 -51.28 -21.15
C MET H 254 -12.48 -52.17 -21.05
N ASN H 255 -13.60 -51.73 -21.62
CA ASN H 255 -14.80 -52.54 -21.72
C ASN H 255 -15.51 -52.35 -23.05
N HIS H 256 -15.06 -51.43 -23.90
CA HIS H 256 -15.75 -51.06 -25.14
C HIS H 256 -17.12 -50.44 -24.86
N ASP H 257 -17.35 -50.05 -23.61
CA ASP H 257 -18.63 -49.49 -23.19
C ASP H 257 -18.53 -49.16 -21.72
N LEU H 258 -19.62 -48.63 -21.18
CA LEU H 258 -19.75 -48.39 -19.75
C LEU H 258 -20.89 -49.22 -19.21
N GLU H 259 -20.70 -49.75 -18.01
CA GLU H 259 -21.75 -50.48 -17.32
C GLU H 259 -22.86 -49.56 -16.82
N LEU H 260 -22.61 -48.25 -16.76
CA LEU H 260 -23.57 -47.27 -16.29
C LEU H 260 -24.66 -46.98 -17.31
N GLY H 261 -24.71 -47.71 -18.42
CA GLY H 261 -25.79 -47.53 -19.38
C GLY H 261 -27.13 -47.86 -18.73
N HIS H 262 -28.02 -46.87 -18.71
CA HIS H 262 -29.33 -47.03 -18.10
C HIS H 262 -30.33 -47.53 -19.13
N POV I . 18.93 -19.22 -14.82
P POV I . 21.22 -23.42 -14.17
C1 POV I . 22.75 -24.44 -12.31
C2 POV I . 22.96 -24.57 -10.81
C3 POV I . 23.89 -25.77 -10.58
C210 POV I . 24.71 -17.81 -2.28
C310 POV I . 29.30 -32.92 -4.71
C11 POV I . 20.86 -20.87 -14.20
O11 POV I . 21.78 -23.47 -12.60
C211 POV I . 25.28 -16.91 -1.19
C311 POV I . 30.59 -33.68 -4.39
C12 POV I . 20.23 -19.82 -15.14
O12 POV I . 20.26 -22.10 -14.37
C212 POV I . 24.18 -15.90 -0.89
C312 POV I . 30.53 -35.06 -5.05
C13 POV I . 17.85 -19.94 -15.50
O13 POV I . 22.41 -23.38 -15.11
C213 POV I . 24.27 -15.21 0.46
C14 POV I . 18.60 -19.16 -13.41
O14 POV I . 20.42 -24.66 -14.44
C214 POV I . 23.01 -14.45 0.91
C15 POV I . 18.93 -17.87 -15.31
C215 POV I . 21.81 -14.45 -0.05
C216 POV I . 20.65 -13.59 0.47
C217 POV I . 19.49 -13.63 -0.53
C218 POV I . 19.03 -12.20 -0.80
C21 POV I . 21.54 -24.19 -8.90
O21 POV I . 21.70 -24.73 -10.20
C22 POV I . 22.39 -24.78 -7.77
O22 POV I . 20.77 -23.30 -8.69
C23 POV I . 22.58 -23.91 -6.54
C24 POV I . 23.29 -22.61 -6.95
C25 POV I . 24.63 -22.42 -6.20
C26 POV I . 24.99 -20.94 -6.06
C27 POV I . 25.42 -20.52 -4.64
C28 POV I . 24.69 -19.23 -4.26
C29 POV I . 25.44 -18.40 -3.21
C31 POV I . 25.38 -26.41 -8.84
O31 POV I . 24.97 -25.41 -9.75
C32 POV I . 25.71 -26.02 -7.39
O32 POV I . 25.49 -27.54 -9.22
C33 POV I . 25.54 -27.21 -6.42
C34 POV I . 26.92 -27.61 -5.87
C35 POV I . 26.86 -29.05 -5.33
C36 POV I . 27.23 -29.98 -6.53
C37 POV I . 27.00 -31.46 -6.17
C38 POV I . 28.05 -32.36 -6.84
C39 POV I . 29.41 -32.30 -6.10
H29 POV I . 26.36 -18.28 -3.25
H1 POV I . 22.45 -25.28 -12.66
H1A POV I . 23.60 -24.20 -12.73
H2 POV I . 23.39 -23.78 -10.45
H3 POV I . 24.25 -26.07 -11.44
H3A POV I . 23.40 -26.49 -10.18
H310 POV I . 29.17 -32.21 -4.07
H31A POV I . 28.54 -33.52 -4.69
H210 POV I . 23.80 -17.95 -2.33
H11 POV I . 21.79 -20.97 -14.45
H11A POV I . 20.83 -20.61 -13.27
H211 POV I . 25.50 -17.42 -0.39
H21A POV I . 26.07 -16.46 -1.51
H311 POV I . 30.65 -33.79 -3.42
H31B POV I . 31.35 -33.19 -4.70
H12 POV I . 20.17 -20.24 -16.01
H12A POV I . 20.88 -19.12 -15.22
H22 POV I . 23.26 -24.90 -8.11
H212 POV I . 23.36 -16.40 -0.91
H22A POV I . 22.04 -25.63 -7.49
H21B POV I . 24.17 -15.24 -1.59
H32 POV I . 25.14 -25.32 -7.07
H312 POV I . 30.89 -35.73 -4.43
H32A POV I . 26.62 -25.72 -7.35
H31C POV I . 31.07 -35.04 -5.84
H13 POV I . 17.84 -20.86 -15.20
H13A POV I . 17.98 -19.91 -16.46
H13B POV I . 17.01 -19.53 -15.29
H23 POV I . 21.72 -23.73 -6.18
H213 POV I . 25.00 -14.59 0.43
H23A POV I . 23.09 -24.42 -5.90
H21C POV I . 24.47 -15.89 1.13
H33 POV I . 24.99 -26.91 -5.68
H33A POV I . 25.13 -27.95 -6.85
H14 POV I . 19.35 -18.79 -12.92
H14A POV I . 18.43 -20.06 -13.07
H14B POV I . 17.83 -18.61 -13.27
H24 POV I . 22.69 -21.88 -6.79
H214 POV I . 23.26 -13.53 1.08
H24A POV I . 23.50 -22.63 -7.89
H21D POV I . 22.72 -14.85 1.74
H34 POV I . 27.17 -27.02 -5.17
H34A POV I . 27.56 -27.59 -6.58
H15 POV I . 19.21 -17.86 -16.24
H15A POV I . 19.54 -17.33 -14.77
H15B POV I . 18.05 -17.49 -15.25
H25 POV I . 24.57 -22.84 -5.34
H215 POV I . 21.48 -15.36 -0.14
H25A POV I . 25.32 -22.87 -6.71
H21E POV I . 22.09 -14.12 -0.91
H35 POV I . 25.97 -29.25 -5.01
H35A POV I . 27.50 -29.16 -4.61
H26 POV I . 25.73 -20.77 -6.66
H216 POV I . 20.95 -12.68 0.57
H26A POV I . 24.25 -20.40 -6.36
H21F POV I . 20.34 -13.93 1.31
H36 POV I . 26.69 -29.73 -7.28
H36A POV I . 28.17 -29.85 -6.75
H27 POV I . 26.37 -20.39 -4.61
H217 POV I . 19.78 -14.04 -1.36
H27A POV I . 25.17 -21.18 -3.99
H21G POV I . 18.76 -14.14 -0.16
H37 POV I . 26.12 -31.73 -6.50
H37A POV I . 27.01 -31.56 -5.21
H28 POV I . 24.58 -18.66 -5.04
H218 POV I . 18.85 -11.76 0.04
H28A POV I . 23.82 -19.48 -3.95
H21H POV I . 18.22 -12.22 -1.34
H21J POV I . 19.73 -11.72 -1.28
H38 POV I . 27.73 -33.27 -6.85
H38A POV I . 28.17 -32.06 -7.75
H39 POV I . 29.70 -31.39 -6.01
H39A POV I . 30.06 -32.79 -6.62
N POV J . 1.99 -29.98 -6.68
P POV J . 0.80 -34.29 -4.86
C1 POV J . 1.11 -35.48 -2.55
C2 POV J . 1.07 -35.30 -1.04
C3 POV J . 0.92 -36.69 -0.41
C210 POV J . 6.30 -29.17 6.48
C310 POV J . -0.35 -43.66 7.62
C11 POV J . 2.25 -32.22 -5.37
O11 POV J . 1.08 -34.24 -3.21
C211 POV J . 7.25 -28.59 7.53
C311 POV J . 0.05 -44.94 8.36
C12 POV J . 2.57 -31.33 -6.58
O12 POV J . 0.99 -32.78 -5.48
C212 POV J . 7.09 -27.08 7.40
C312 POV J . -0.87 -46.07 7.93
C13 POV J . 0.77 -30.00 -7.48
O13 POV J . 1.77 -35.27 -5.49
C213 POV J . 7.53 -26.27 8.60
C14 POV J . 1.69 -29.35 -5.41
O14 POV J . -0.61 -34.75 -5.11
C214 POV J . 7.08 -24.79 8.61
C15 POV J . 2.94 -29.14 -7.37
C215 POV J . 6.27 -24.30 7.41
C216 POV J . 5.97 -22.80 7.49
C217 POV J . 5.16 -22.36 6.26
C218 POV J . 5.80 -21.11 5.67
C21 POV J . 0.14 -33.59 0.39
O21 POV J . -0.02 -34.44 -0.73
C22 POV J . 0.28 -34.25 1.77
O22 POV J . 0.16 -32.40 0.27
C23 POV J . 0.92 -33.40 2.86
C24 POV J . 2.35 -33.02 2.42
C25 POV J . 3.40 -33.54 3.44
C26 POV J . 4.66 -32.66 3.42
C27 POV J . 5.15 -32.23 4.82
C28 POV J . 5.47 -30.73 4.80
C29 POV J . 6.51 -30.32 5.86
C31 POV J . 1.46 -37.61 1.71
O31 POV J . 1.89 -36.88 0.59
C32 POV J . 1.86 -37.15 3.12
O32 POV J . 0.81 -38.60 1.55
C33 POV J . 0.86 -37.62 4.20
C34 POV J . 1.56 -38.64 5.11
C35 POV J . 0.51 -39.50 5.84
C36 POV J . 0.24 -40.72 4.93
C37 POV J . -0.96 -41.54 5.44
C38 POV J . -0.74 -43.04 5.20
C39 POV J . 0.24 -43.66 6.22
H29 POV J . 7.26 -30.83 6.03
H1 POV J . 0.33 -35.99 -2.82
H1A POV J . 1.92 -35.96 -2.79
H2 POV J . 1.89 -34.90 -0.72
H3 POV J . 1.04 -37.36 -1.11
H3A POV J . 0.04 -36.78 -0.03
H310 POV J . -0.01 -42.89 8.09
H31A POV J . -1.31 -43.61 7.56
H210 POV J . 5.53 -28.71 6.25
H11 POV J . 2.89 -32.95 -5.38
H11A POV J . 2.35 -31.77 -4.53
H211 POV J . 7.00 -28.88 8.43
H21A POV J . 8.15 -28.86 7.34
H311 POV J . -0.05 -44.78 9.32
H31B POV J . 0.97 -45.16 8.16
H12 POV J . 2.30 -31.83 -7.37
H12A POV J . 3.53 -31.25 -6.62
H22 POV J . 0.87 -34.98 1.67
H212 POV J . 6.16 -26.92 7.26
H22A POV J . -0.57 -34.56 2.09
H21B POV J . 7.58 -26.78 6.62
H32 POV J . 1.90 -36.19 3.17
H312 POV J . -1.10 -46.61 8.70
H32A POV J . 2.73 -37.48 3.32
H31C POV J . -0.40 -46.62 7.29
H13 POV J . 0.12 -30.58 -7.05
H13A POV J . 0.96 -30.32 -8.37
H13B POV J . 0.41 -29.10 -7.54
H23 POV J . 0.38 -32.61 2.97
H213 POV J . 8.50 -26.28 8.65
H23A POV J . 0.91 -33.91 3.67
H21C POV J . 7.18 -26.70 9.40
H33 POV J . 0.59 -36.85 4.73
H33A POV J . 0.09 -38.02 3.80
H14 POV J . 2.47 -29.41 -4.83
H14A POV J . 0.94 -29.78 -5.00
H14B POV J . 1.49 -28.41 -5.56
H24 POV J . 2.39 -32.07 2.33
H214 POV J . 7.88 -24.24 8.69
H24A POV J . 2.56 -33.43 1.58
H21D POV J . 6.54 -24.66 9.41
H34 POV J . 2.11 -38.18 5.75
H34A POV J . 2.10 -39.23 4.58
H15 POV J . 3.22 -29.56 -8.19
H15A POV J . 3.71 -28.98 -6.79
H15B POV J . 2.55 -28.28 -7.58
H25 POV J . 3.02 -33.56 4.32
H215 POV J . 5.43 -24.76 7.39
H25A POV J . 3.65 -34.43 3.18
H21E POV J . 6.76 -24.46 6.60
H35 POV J . -0.30 -38.98 5.97
H35A POV J . 0.85 -39.78 6.71
H26 POV J . 5.37 -33.17 3.00
H216 POV J . 6.80 -22.30 7.52
H26A POV J . 4.50 -31.87 2.88
H21F POV J . 5.45 -22.62 8.28
H36 POV J . 0.06 -40.40 4.04
H36A POV J . 1.03 -41.28 4.92
H27 POV J . 5.95 -32.73 5.05
H217 POV J . 5.16 -23.07 5.60
H27A POV J . 4.48 -32.37 5.49
H21G POV J . 4.26 -22.16 6.53
H37 POV J . -1.75 -41.28 4.96
H37A POV J . -1.08 -41.36 6.38
H28 POV J . 5.82 -30.48 3.95
H218 POV J . 5.91 -20.45 6.36
H28A POV J . 4.63 -30.26 4.94
H21H POV J . 5.24 -20.76 4.96
H21J POV J . 6.67 -21.34 5.31
H38 POV J . -1.59 -43.50 5.25
H38A POV J . -0.38 -43.16 4.31
H39 POV J . 1.07 -43.16 6.22
H39A POV J . 0.42 -44.57 5.95
N01 R2R K . -1.71 -1.90 -1.76
N03 R2R K . 1.12 0.22 -1.91
N04 R2R K . 0.74 -2.16 -2.15
N05 R2R K . -1.54 0.49 -1.71
O06 R2R K . -0.21 -1.00 -0.18
N08 R2R K . -0.31 -0.89 2.17
N09 R2R K . -0.09 1.63 2.20
N10 R2R K . -1.92 0.54 0.86
N11 R2R K . 1.64 0.20 0.97
N12 R2R K . 0.05 1.78 -0.16
O13 R2R K . -0.27 -0.43 -3.60
N15 R2R K . -0.13 -1.28 -5.87
N16 R2R K . -2.86 -0.58 -3.68
N17 R2R K . -2.65 -1.47 -5.96
N18 R2R K . -1.58 0.71 -5.32
N19 R2R K . -1.31 -2.65 -4.20
RU2 R2R K . -0.34 -0.79 -1.90
RU3 R2R K . -0.14 0.38 0.93
RU1 R2R K . -1.47 -0.96 -4.73
N POV L . -18.29 -24.73 -1.22
P POV L . -22.20 -26.57 0.92
C1 POV L . -22.94 -26.99 3.39
C2 POV L . -22.96 -26.41 4.80
C3 POV L . -24.05 -27.16 5.59
C210 POV L . -15.52 -23.25 12.30
C310 POV L . -30.27 -29.16 14.08
C11 POV L . -19.70 -26.15 0.45
O11 POV L . -22.09 -26.26 2.56
C211 POV L . -14.50 -23.14 13.43
C311 POV L . -30.88 -30.13 15.09
C12 POV L . -18.78 -26.04 -0.78
O12 POV L . -20.99 -25.79 0.13
C212 POV L . -13.59 -22.00 13.03
C312 POV L . -32.29 -30.49 14.63
C13 POV L . -19.14 -24.19 -2.27
O13 POV L . -22.11 -28.07 0.70
C213 POV L . -12.81 -21.35 14.17
C14 POV L . -18.16 -23.73 -0.18
O14 POV L . -23.52 -26.08 0.41
C214 POV L . -12.14 -20.01 13.83
C15 POV L . -16.97 -24.91 -1.78
C215 POV L . -12.32 -19.46 12.41
C216 POV L . -11.53 -18.16 12.18
C217 POV L . -11.75 -17.68 10.75
C218 POV L . -10.39 -17.35 10.13
C21 POV L . -22.59 -24.20 5.68
O21 POV L . -23.20 -25.03 4.70
C22 POV L . -23.03 -24.39 7.14
O22 POV L . -21.77 -23.39 5.39
C23 POV L . -22.06 -23.88 8.20
C24 POV L . -20.73 -24.64 8.07
C25 POV L . -20.37 -25.40 9.37
C26 POV L . -18.86 -25.57 9.52
C27 POV L . -18.31 -25.19 10.91
C28 POV L . -17.06 -24.31 10.73
C29 POV L . -16.10 -24.38 11.93
C31 POV L . -24.43 -27.58 7.89
O31 POV L . -23.54 -27.64 6.80
C32 POV L . -23.92 -27.10 9.27
O32 POV L . -25.56 -27.92 7.74
C33 POV L . -25.05 -26.52 10.14
C34 POV L . -25.29 -27.45 11.34
C35 POV L . -26.69 -27.19 11.93
C36 POV L . -27.65 -28.16 11.18
C37 POV L . -29.12 -27.85 11.52
C38 POV L . -29.96 -29.13 11.57
C39 POV L . -29.72 -29.93 12.87
H29 POV L . -15.90 -25.19 12.35
H1 POV L . -23.84 -26.95 3.03
H1A POV L . -22.65 -27.92 3.43
H2 POV L . -22.10 -26.56 5.23
H3 POV L . -24.37 -27.91 5.06
H3A POV L . -24.78 -26.56 5.76
H310 POV L . -29.53 -28.69 14.49
H31A POV L . -30.93 -28.52 13.78
H210 POV L . -15.76 -22.50 11.82
H11 POV L . -19.72 -27.08 0.71
H11A POV L . -19.38 -25.65 1.20
H211 POV L . -14.94 -22.95 14.27
H21A POV L . -14.01 -23.97 13.50
H311 POV L . -30.92 -29.70 15.96
H31B POV L . -30.34 -30.93 15.15
H12 POV L . -19.26 -26.45 -1.52
H12A POV L . -18.02 -26.60 -0.60
H22 POV L . -23.08 -25.31 7.30
H212 POV L . -14.16 -21.32 12.65
H22A POV L . -23.88 -23.98 7.29
H21B POV L . -12.98 -22.31 12.35
H32 POV L . -23.26 -26.42 9.18
H312 POV L . -32.88 -30.51 15.40
H32A POV L . -23.53 -27.85 9.72
H31C POV L . -32.28 -31.36 14.22
H13 POV L . -20.04 -24.07 -1.93
H13A POV L . -19.16 -24.78 -3.04
H13B POV L . -18.79 -23.34 -2.56
H23 POV L . -21.93 -22.95 8.06
H213 POV L . -12.12 -21.97 14.44
H23A POV L . -22.48 -24.02 9.06
H21C POV L . -13.42 -21.22 14.91
H33 POV L . -24.77 -25.66 10.47
H33A POV L . -25.86 -26.43 9.64
H14 POV L . -17.69 -24.11 0.57
H14A POV L . -19.05 -23.45 0.11
H14B POV L . -17.68 -22.97 -0.51
H24 POV L . -20.05 -24.00 7.84
H214 POV L . -11.19 -20.09 14.01
H24A POV L . -20.78 -25.30 7.37
H21D POV L . -12.51 -19.35 14.44
H34 POV L . -24.63 -27.28 12.01
H34A POV L . -25.25 -28.36 11.05
H15 POV L . -16.99 -25.63 -2.44
H15A POV L . -16.34 -25.14 -1.08
H15B POV L . -16.67 -24.11 -2.21
H25 POV L . -20.73 -24.93 10.13
H215 POV L . -13.25 -19.27 12.27
H25A POV L . -20.78 -26.28 9.33
H21E POV L . -12.02 -20.12 11.78
H35 POV L . -26.95 -26.27 11.77
H35A POV L . -26.69 -27.38 12.88
H26 POV L . -18.65 -26.50 9.36
H216 POV L . -10.59 -18.32 12.33
H26A POV L . -18.41 -25.05 8.84
H21F POV L . -11.85 -17.49 12.78
H36 POV L . -27.51 -28.07 10.23
H36A POV L . -27.44 -29.07 11.44
H27 POV L . -18.08 -25.99 11.40
H217 POV L . -12.18 -18.37 10.22
H27A POV L . -18.94 -24.68 11.41
H21G POV L . -12.30 -16.88 10.75
H37 POV L . -29.49 -27.28 10.82
H37A POV L . -29.16 -27.38 12.36
H28 POV L . -16.56 -24.59 9.95
H218 POV L . -9.91 -16.74 10.71
H28A POV L . -17.38 -23.42 10.59
H21H POV L . -10.52 -16.93 9.27
H21J POV L . -9.88 -18.17 10.03
H38 POV L . -30.90 -28.92 11.49
H38A POV L . -29.71 -29.69 10.82
H39 POV L . -28.79 -30.09 13.00
H39A POV L . -30.19 -30.77 12.81
N POV M . -30.03 -6.55 -1.63
P POV M . -34.30 -4.80 -0.22
C1 POV M . -35.31 -3.95 2.04
C2 POV M . -35.03 -3.14 3.29
C3 POV M . -36.39 -2.76 3.90
C210 POV M . -27.97 -3.52 11.75
C310 POV M . -42.91 2.09 10.88
C11 POV M . -32.15 -6.21 -0.15
O11 POV M . -34.12 -4.20 1.32
C211 POV M . -27.23 -3.76 13.06
C311 POV M . -44.09 2.07 11.85
C12 POV M . -31.31 -7.06 -1.12
O12 POV M . -32.84 -5.22 -0.82
C212 POV M . -25.75 -3.62 12.71
C312 POV M . -45.34 2.58 11.14
C13 POV M . -30.22 -5.91 -2.93
O13 POV M . -35.23 -5.99 -0.17
C213 POV M . -24.83 -3.35 13.89
C14 POV M . -29.35 -5.62 -0.76
O14 POV M . -34.91 -3.74 -1.10
C214 POV M . -23.41 -2.89 13.51
C15 POV M . -29.15 -7.67 -1.83
C215 POV M . -23.07 -2.78 12.03
C216 POV M . -21.60 -2.41 11.79
C217 POV M . -21.33 -2.32 10.29
C218 POV M . -20.06 -3.11 9.97
C21 POV M . -33.33 -1.53 3.87
O21 POV M . -34.26 -2.01 2.92
C22 POV M . -33.88 -0.98 5.20
O22 POV M . -32.16 -1.55 3.66
C23 POV M . -32.90 -0.94 6.37
C24 POV M . -32.44 -2.37 6.68
C25 POV M . -32.78 -2.78 8.13
C26 POV M . -31.79 -3.83 8.66
C27 POV M . -31.22 -3.52 10.06
C28 POV M . -29.71 -3.73 10.05
C29 POV M . -29.13 -4.07 11.44
C31 POV M . -37.12 -2.19 6.09
O31 POV M . -36.43 -3.09 5.27
C32 POV M . -36.53 -1.79 7.45
O32 POV M . -38.17 -1.75 5.73
C33 POV M . -37.02 -0.41 7.93
C34 POV M . -37.91 -0.59 9.17
C35 POV M . -38.81 0.64 9.36
C36 POV M . -40.11 0.35 8.56
C37 POV M . -41.01 1.61 8.49
C38 POV M . -42.49 1.22 8.54
C39 POV M . -42.95 0.87 9.97
H29 POV M . -29.56 -4.65 12.01
H1 POV M . -35.91 -3.45 1.47
H1A POV M . -35.73 -4.79 2.28
H2 POV M . -34.54 -3.66 3.94
H3 POV M . -37.09 -3.25 3.44
H3A POV M . -36.55 -1.81 3.80
H310 POV M . -42.09 2.08 11.38
H31A POV M . -42.96 2.89 10.34
H210 POV M . -27.60 -2.95 11.11
H11 POV M . -32.81 -6.80 0.24
H11A POV M . -31.63 -5.85 0.58
H211 POV M . -27.49 -3.11 13.74
H21A POV M . -27.43 -4.65 13.38
H311 POV M . -43.90 2.63 12.61
H31B POV M . -44.24 1.16 12.17
H12 POV M . -31.89 -7.25 -1.88
H12A POV M . -31.14 -7.90 -0.68
H22 POV M . -34.56 -1.57 5.49
H212 POV M . -25.69 -2.89 12.11
H22A POV M . -34.25 -0.10 5.08
H21B POV M . -25.47 -4.44 12.26
H32 POV M . -35.56 -1.75 7.42
H312 POV M . -45.84 3.14 11.74
H32A POV M . -36.77 -2.45 8.10
H31C POV M . -45.89 1.82 10.88
H13 POV M . -30.83 -5.15 -2.83
H13A POV M . -30.58 -6.54 -3.57
H13B POV M . -29.37 -5.59 -3.25
H23 POV M . -32.18 -0.38 6.12
H213 POV M . -24.75 -4.16 14.41
H23A POV M . -33.36 -0.54 7.11
H21C POV M . -25.24 -2.67 14.43
H33 POV M . -36.25 0.14 8.17
H33A POV M . -37.52 0.04 7.24
H14 POV M . -29.30 -5.99 0.13
H14A POV M . -29.82 -4.77 -0.74
H14B POV M . -28.45 -5.47 -1.08
H24 POV M . -31.48 -2.40 6.51
H214 POV M . -22.78 -3.51 13.93
H24A POV M . -32.87 -3.00 6.10
H21D POV M . -23.27 -2.02 13.91
H34 POV M . -37.36 -0.71 9.94
H34A POV M . -38.48 -1.36 9.04
H15 POV M . -29.60 -8.35 -2.35
H15A POV M . -28.89 -8.04 -0.97
H15B POV M . -28.35 -7.40 -2.30
H25 POV M . -32.78 -2.01 8.69
H215 POV M . -23.61 -2.09 11.63
H25A POV M . -33.65 -3.17 8.12
H21E POV M . -23.25 -3.62 11.59
H35 POV M . -38.36 1.43 9.01
H35A POV M . -39.00 0.77 10.30
H26 POV M . -32.26 -4.68 8.70
H216 POV M . -21.03 -3.08 12.18
H26A POV M . -31.05 -3.93 8.03
H21F POV M . -21.43 -1.55 12.19
H36 POV M . -39.88 0.06 7.68
H36A POV M . -40.60 -0.35 9.01
H27 POV M . -31.64 -4.11 10.71
H217 POV M . -22.07 -2.69 9.78
H27A POV M . -31.38 -2.61 10.31
H21G POV M . -21.19 -1.39 10.03
H37 POV M . -40.85 2.06 7.65
H37A POV M . -40.78 2.21 9.21
H28 POV M . -29.47 -4.45 9.46
H218 POV M . -19.35 -2.82 10.55
H28A POV M . -29.32 -2.92 9.70
H21H POV M . -19.82 -2.98 9.05
H21J POV M . -20.23 -4.06 10.12
H38 POV M . -43.02 1.96 8.21
H38A POV M . -42.63 0.45 7.97
H39 POV M . -42.38 0.18 10.35
H39A POV M . -43.86 0.53 9.93
N POV N . -26.36 13.92 -7.68
P POV N . -28.42 18.28 -7.62
C1 POV N . -28.75 20.15 -5.82
C2 POV N . -28.08 20.91 -4.68
C3 POV N . -28.87 22.21 -4.48
C210 POV N . -23.76 18.49 5.16
C310 POV N . -30.89 31.78 -0.10
C11 POV N . -27.80 15.91 -6.81
O11 POV N . -27.99 19.03 -6.19
C211 POV N . -23.48 18.19 6.64
C311 POV N . -31.84 32.78 0.55
C12 POV N . -27.68 14.50 -7.41
O12 POV N . -27.58 16.87 -7.77
C212 POV N . -22.27 17.26 6.63
C312 POV N . -32.36 33.74 -0.51
C13 POV N . -25.97 14.14 -9.07
O13 POV N . -29.91 18.02 -7.60
C213 POV N . -21.50 17.20 7.93
C14 POV N . -25.29 14.39 -6.83
O14 POV N . -28.09 19.18 -8.77
C214 POV N . -20.12 16.52 7.84
C15 POV N . -26.46 12.49 -7.48
C215 POV N . -19.68 15.97 6.48
C216 POV N . -18.33 15.24 6.54
C217 POV N . -17.97 14.72 5.15
C218 POV N . -17.55 13.26 5.27
C21 POV N . -25.79 21.15 -3.97
O21 POV N . -26.73 21.13 -5.03
C22 POV N . -25.92 22.26 -2.92
O22 POV N . -24.93 20.33 -3.89
C23 POV N . -25.26 22.00 -1.57
C24 POV N . -25.90 20.74 -0.94
C25 POV N . -26.53 21.06 0.44
C26 POV N . -26.55 19.83 1.34
C27 POV N . -26.04 20.08 2.77
C28 POV N . -25.06 18.96 3.16
C29 POV N . -24.97 18.74 4.68
C31 POV N . -29.17 23.69 -2.65
O31 POV N . -29.22 22.37 -3.13
C32 POV N . -28.57 23.98 -1.26
O32 POV N . -29.63 24.58 -3.31
C33 POV N . -28.04 25.42 -1.14
C34 POV N . -28.90 26.19 -0.13
C35 POV N . -28.74 27.71 -0.36
C36 POV N . -29.85 28.11 -1.38
C37 POV N . -29.65 29.56 -1.87
C38 POV N . -31.01 30.24 -2.11
C39 POV N . -31.68 30.67 -0.79
H29 POV N . -25.71 18.74 5.21
H1 POV N . -28.81 20.74 -6.59
H1A POV N . -29.64 19.88 -5.55
H2 POV N . -28.12 20.39 -3.87
H3 POV N . -29.68 22.18 -5.01
H3A POV N . -28.34 22.96 -4.76
H310 POV N . -30.33 31.39 0.57
H31A POV N . -30.34 32.23 -0.76
H210 POV N . -23.06 18.48 4.55
H11 POV N . -28.71 16.02 -6.50
H11A POV N . -27.22 16.04 -6.05
H211 POV N . -23.28 19.00 7.12
H21A POV N . -24.24 17.76 7.03
H311 POV N . -31.37 33.27 1.24
H31B POV N . -32.59 32.30 0.96
H12 POV N . -28.17 14.52 -8.25
H12A POV N . -28.15 13.91 -6.81
H22 POV N . -26.83 22.35 -2.71
H212 POV N . -21.69 17.59 5.95
H22A POV N . -25.59 23.09 -3.26
H21B POV N . -22.58 16.37 6.39
H32 POV N . -27.83 23.39 -1.08
H312 POV N . -32.40 34.63 -0.14
H32A POV N . -29.24 23.84 -0.60
H31C POV N . -33.25 33.48 -0.77
H13 POV N . -25.91 15.09 -9.24
H13A POV N . -26.61 13.74 -9.67
H13B POV N . -25.11 13.74 -9.22
H23 POV N . -24.33 21.86 -1.73
H213 POV N . -22.03 16.71 8.58
H23A POV N . -25.38 22.78 -1.03
H21C POV N . -21.37 18.10 8.25
H33 POV N . -27.13 25.39 -0.81
H33A POV N . -28.05 25.86 -1.99
H14 POV N . -25.57 14.34 -5.90
H14A POV N . -25.08 15.31 -7.05
H14B POV N . -24.51 13.84 -6.94
H24 POV N . -25.21 20.07 -0.86
H214 POV N . -20.10 15.79 8.48
H24A POV N . -26.60 20.40 -1.50
H21D POV N . -19.46 17.17 8.12
H34 POV N . -28.63 25.97 0.76
H34A POV N . -29.82 25.97 -0.27
H15 POV N . -27.21 12.14 -7.98
H15A POV N . -26.58 12.29 -6.53
H15B POV N . -25.65 12.05 -7.78
H25 POV N . -26.05 21.78 0.85
H215 POV N . -19.59 16.71 5.86
H25A POV N . -27.44 21.35 0.28
H21E POV N . -20.35 15.36 6.15
H35 POV N . -27.86 27.90 -0.72
H35A POV N . -28.87 28.18 0.48
H26 POV N . -27.47 19.53 1.40
H216 POV N . -18.39 14.50 7.16
H26A POV N . -26.04 19.12 0.93
H21F POV N . -17.65 15.85 6.83
H36 POV N . -29.80 27.51 -2.13
H36A POV N . -30.71 28.02 -0.96
H27 POV N . -26.77 20.10 3.39
H217 POV N . -18.73 14.79 4.55
H27A POV N . -25.55 20.90 2.83
H21G POV N . -17.23 15.23 4.80
H37 POV N . -29.17 29.55 -2.70
H37A POV N . -29.13 30.05 -1.21
H28 POV N . -25.33 18.12 2.77
H218 POV N . -16.87 13.16 5.95
H28A POV N . -24.20 19.20 2.78
H21H POV N . -17.21 12.94 4.42
H21J POV N . -18.32 12.72 5.52
H38 POV N . -30.88 31.02 -2.67
H38A POV N . -31.58 29.62 -2.57
H39 POV N . -31.74 29.92 -0.19
H39A POV N . -32.57 30.99 -0.99
N POV O . -9.42 24.67 -15.81
P POV O . -8.00 29.14 -16.93
C1 POV O . -7.10 31.20 -15.59
C2 POV O . -6.18 31.64 -14.45
C3 POV O . -5.90 33.13 -14.65
C210 POV O . -5.35 29.85 -3.61
C310 POV O . -1.24 42.52 -12.44
C11 POV O . -9.19 27.26 -15.64
O11 POV O . -7.28 29.80 -15.57
C211 POV O . -5.44 29.87 -2.08
C311 POV O . -1.31 44.03 -12.20
C12 POV O . -10.02 26.00 -15.96
O12 POV O . -8.31 27.56 -16.66
C212 POV O . -5.20 28.43 -1.65
C312 POV O . -0.96 44.76 -13.49
C13 POV O . -8.89 24.20 -17.09
O13 POV O . -9.27 29.91 -17.23
C213 POV O . -4.75 28.25 -0.21
C14 POV O . -8.38 24.57 -14.82
O14 POV O . -7.06 29.27 -18.10
C214 POV O . -4.19 26.85 0.14
C15 POV O . -10.47 23.76 -15.42
C215 POV O . -4.15 25.81 -0.98
C216 POV O . -3.65 24.45 -0.49
C217 POV O . -3.64 23.46 -1.65
C218 POV O . -4.33 22.17 -1.20
C21 POV O . -4.39 30.55 -13.26
O21 POV O . -5.02 30.85 -14.50
C22 POV O . -3.81 31.72 -12.46
O22 POV O . -4.31 29.43 -12.85
C23 POV O . -3.60 31.48 -10.97
C24 POV O . -4.96 31.17 -10.32
C25 POV O . -5.31 32.18 -9.20
C26 POV O . -6.23 31.54 -8.14
C27 POV O . -5.77 31.79 -6.69
C28 POV O . -5.84 30.47 -5.91
C29 POV O . -6.03 30.67 -4.40
C31 POV O . -5.25 34.90 -13.20
O31 POV O . -6.14 33.84 -13.46
C32 POV O . -4.71 35.10 -11.77
O32 POV O . -4.95 35.64 -14.07
C33 POV O . -3.36 35.84 -11.75
C34 POV O . -3.54 37.23 -11.11
C35 POV O . -2.39 38.15 -11.53
C36 POV O . -2.86 38.85 -12.84
C37 POV O . -1.70 39.65 -13.48
C38 POV O . -2.22 40.93 -14.14
C39 POV O . -2.52 42.03 -13.10
H29 POV O . -6.61 31.30 -4.06
H1 POV O . -6.69 31.44 -16.43
H1A POV O . -7.96 31.64 -15.49
H2 POV O . -6.62 31.52 -13.60
H3 POV O . -6.48 33.48 -15.35
H3A POV O . -4.98 33.26 -14.91
H310 POV O . -1.14 42.07 -11.59
H31A POV O . -0.48 42.32 -13.01
H210 POV O . -4.80 29.24 -4.02
H11 POV O . -9.81 28.00 -15.58
H11A POV O . -8.74 27.20 -14.79
H211 POV O . -4.78 30.46 -1.70
H21A POV O . -6.33 30.16 -1.81
H311 POV O . -0.68 44.27 -11.50
H31B POV O . -2.21 44.27 -11.90
H12 POV O . -10.31 26.10 -16.88
H12A POV O . -10.81 26.05 -15.41
H22 POV O . -4.44 32.42 -12.49
H212 POV O . -4.49 28.10 -2.22
H22A POV O . -2.98 32.02 -12.83
H21B POV O . -6.00 27.92 -1.82
H32 POV O . -4.59 34.26 -11.32
H312 POV O . -0.41 45.53 -13.28
H32A POV O . -5.35 35.61 -11.27
H31C POV O . -1.78 45.06 -13.90
H13 POV O . -8.19 24.81 -17.39
H13A POV O . -9.59 24.16 -17.75
H13B POV O . -8.51 23.32 -16.97
H23 POV O . -3.00 30.75 -10.88
H213 POV O . -5.52 28.41 0.36
H23A POV O . -3.20 32.27 -10.60
H21C POV O . -4.08 28.91 -0.02
H33 POV O . -2.74 35.33 -11.21
H33A POV O . -3.01 35.93 -12.64
H14 POV O . -8.69 24.97 -13.99
H14A POV O . -7.58 25.03 -15.12
H14B POV O . -8.17 23.64 -14.66
H24 POV O . -4.92 30.26 -9.98
H214 POV O . -4.71 26.50 0.87
H24A POV O . -5.67 31.21 -10.97
H21D POV O . -3.29 26.99 0.46
H34 POV O . -3.56 37.14 -10.16
H34A POV O . -4.37 37.61 -11.43
H15 POV O . -11.22 23.84 -16.03
H15A POV O . -10.76 23.96 -14.51
H15B POV O . -10.16 22.84 -15.45
H25 POV O . -4.51 32.51 -8.80
H215 POV O . -3.54 26.12 -1.66
H25A POV O . -5.77 32.91 -9.61
H21E POV O . -5.03 25.71 -1.35
H35 POV O . -1.59 37.63 -11.69
H35A POV O . -2.22 38.80 -10.83
H26 POV O . -7.10 31.93 -8.26
H216 POV O . -4.24 24.12 0.21
H26A POV O . -6.29 30.59 -8.30
H21F POV O . -2.76 24.55 -0.14
H36 POV O . -3.17 38.19 -13.45
H36A POV O . -3.58 39.46 -12.62
H27 POV O . -6.35 32.45 -6.27
H217 POV O . -4.10 23.82 -2.41
H27A POV O . -4.86 32.09 -6.65
H21G POV O . -2.72 23.25 -1.89
H37 POV O . -1.30 39.10 -14.17
H37A POV O . -1.04 39.84 -12.81
H28 POV O . -6.57 29.94 -6.22
H218 POV O . -3.93 21.86 -0.37
H28A POV O . -5.02 30.00 -6.10
H21H POV O . -4.23 21.50 -1.89
H21J POV O . -5.27 22.34 -1.06
H38 POV O . -1.56 41.25 -14.77
H38A POV O . -3.03 40.72 -14.63
H39 POV O . -3.12 41.70 -12.43
H39A POV O . -2.94 42.78 -13.56
N POV P . 10.85 19.42 -21.27
P POV P . 15.00 21.43 -22.71
C1 POV P . 16.95 22.72 -21.53
C2 POV P . 17.84 22.76 -20.29
C3 POV P . 19.07 23.60 -20.65
C210 POV P . 16.48 23.93 -9.42
C310 POV P . 28.68 28.02 -18.90
C11 POV P . 12.76 21.19 -21.46
O11 POV P . 15.88 21.82 -21.34
C211 POV P . 16.31 24.43 -7.98
C311 POV P . 29.62 29.23 -18.92
C12 POV P . 11.33 20.72 -21.77
O12 POV P . 13.68 20.56 -22.27
C212 POV P . 15.49 23.35 -7.28
C312 POV P . 30.46 29.17 -20.19
C13 POV P . 11.02 18.39 -22.30
O13 POV P . 14.60 22.71 -23.42
C213 POV P . 15.59 23.34 -5.77
C14 POV P . 11.48 18.95 -20.05
O14 POV P . 15.85 20.60 -23.62
C214 POV P . 15.04 22.07 -5.08
C15 POV P . 9.44 19.53 -21.01
C215 POV P . 14.44 20.98 -5.98
C216 POV P . 13.85 19.82 -5.17
C217 POV P . 13.27 18.78 -6.13
C218 POV P . 11.87 18.40 -5.66
C21 POV P . 18.34 21.16 -18.56
O21 POV P . 18.17 21.43 -19.93
C22 POV P . 19.50 21.86 -17.83
O22 POV P . 17.61 20.42 -17.97
C23 POV P . 19.38 21.96 -16.32
C24 POV P . 18.12 22.78 -15.96
C25 POV P . 18.47 24.04 -15.13
C26 POV P . 17.29 24.46 -14.24
C27 POV P . 17.69 24.75 -12.78
C28 POV P . 16.70 24.05 -11.84
C29 POV P . 16.58 24.74 -10.47
C31 POV P . 20.63 24.87 -19.38
O31 POV P . 19.29 24.59 -19.68
C32 POV P . 21.07 25.06 -17.92
O32 POV P . 21.43 24.96 -20.27
C33 POV P . 22.55 24.74 -17.70
C34 POV P . 23.31 26.03 -17.34
C35 POV P . 24.81 25.86 -17.62
C36 POV P . 25.04 26.29 -19.09
C37 POV P . 26.47 25.95 -19.56
C38 POV P . 27.00 27.03 -20.52
C39 POV P . 27.45 28.30 -19.77
H29 POV P . 16.55 25.65 -10.38
H1 POV P . 17.48 22.40 -22.28
H1A POV P . 16.61 23.60 -21.71
H2 POV P . 17.38 23.18 -19.56
H3 POV P . 18.93 24.02 -21.51
H3A POV P . 19.85 23.03 -20.70
H310 POV P . 28.38 27.86 -17.99
H31A POV P . 29.14 27.24 -19.23
H210 POV P . 16.49 23.02 -9.59
H11 POV P . 12.80 22.13 -21.66
H11A POV P . 13.00 21.09 -20.53
H211 POV P . 17.16 24.54 -7.55
H21A POV P . 15.83 25.27 -7.98
H311 POV P . 30.20 29.18 -18.14
H31B POV P . 29.10 30.04 -18.89
H12 POV P . 11.25 20.72 -22.74
H12A POV P . 10.74 21.40 -21.43
H22 POV P . 19.51 22.75 -18.12
H212 POV P . 15.83 22.51 -7.61
H22A POV P . 20.33 21.44 -18.04
H21B POV P . 14.56 23.45 -7.55
H32 POV P . 20.56 24.49 -17.33
H312 POV P . 31.37 29.44 -19.98
H32A POV P . 20.91 25.97 -17.67
H31C POV P . 30.09 29.79 -20.83
H13 POV P . 11.97 18.30 -22.51
H13A POV P . 10.53 18.61 -23.09
H13B POV P . 10.70 17.55 -21.95
H23 POV P . 19.32 21.08 -15.97
H213 POV P . 15.10 24.10 -5.43
H23A POV P . 20.19 22.38 -15.99
H21C POV P . 16.52 23.43 -5.53
H33 POV P . 22.63 24.12 -16.95
H33A POV P . 22.94 24.34 -18.47
H14 POV P . 11.47 19.66 -19.40
H14A POV P . 12.40 18.70 -20.23
H14B POV P . 11.00 18.20 -19.71
H24 POV P . 17.52 22.19 -15.49
H214 POV P . 14.36 22.35 -4.45
H24A POV P . 17.68 23.08 -16.76
H21D POV P . 15.77 21.68 -4.58
H34 POV P . 23.17 26.24 -16.42
H34A POV P . 22.99 26.74 -17.90
H15 POV P . 8.99 19.91 -21.78
H15A POV P . 9.30 20.11 -20.23
H15B POV P . 9.06 18.67 -20.82
H25 POV P . 19.25 23.87 -14.61
H215 POV P . 15.15 20.62 -6.54
H25A POV P . 18.66 24.76 -15.75
H21E POV P . 13.75 21.36 -6.53
H35 POV P . 25.06 24.92 -17.50
H35A POV P . 25.33 26.40 -17.01
H26 POV P . 16.91 25.26 -14.62
H216 POV P . 13.14 20.15 -4.60
H26A POV P . 16.61 23.77 -14.26
H21F POV P . 14.55 19.41 -4.65
H36 POV P . 24.40 25.84 -19.65
H36A POV P . 24.91 27.25 -19.15
H27 POV P . 17.68 25.70 -12.62
H217 POV P . 13.24 19.12 -7.03
H27A POV P . 18.56 24.40 -12.57
H21G POV P . 13.83 17.98 -6.12
H37 POV P . 26.45 25.12 -20.03
H37A POV P . 27.04 25.86 -18.79
H28 POV P . 15.81 24.05 -12.23
H218 POV P . 11.89 18.16 -4.73
H28A POV P . 16.99 23.14 -11.76
H21H POV P . 11.54 17.66 -6.19
H21J POV P . 11.28 19.18 -5.78
H38 POV P . 27.75 26.67 -21.01
H38A POV P . 26.30 27.26 -21.14
H39 POV P . 26.74 28.62 -19.21
H39A POV P . 27.67 28.97 -20.42
N POV Q . 22.60 1.23 -20.86
P POV Q . 27.11 -0.35 -21.57
C1 POV Q . 29.32 -0.33 -20.17
C2 POV Q . 29.92 -0.52 -18.78
C3 POV Q . 31.41 -0.80 -18.96
C210 POV Q . 28.92 4.19 -8.87
C310 POV Q . 41.32 -3.23 -15.70
C11 POV Q . 25.21 1.25 -20.86
O11 POV Q . 27.92 -0.24 -20.11
C211 POV Q . 29.03 5.05 -7.61
C311 POV Q . 42.83 -2.97 -15.68
C12 POV Q . 23.86 1.73 -21.43
O12 POV Q . 25.52 -0.01 -21.33
C212 POV Q . 27.65 4.99 -6.97
C312 POV Q . 43.50 -3.89 -16.69
C13 POV Q . 22.10 0.10 -21.64
O13 POV Q . 27.73 0.63 -22.54
C213 POV Q . 27.61 5.33 -5.49
C14 POV Q . 22.66 0.85 -19.47
O14 POV Q . 27.24 -1.74 -22.11
C214 POV Q . 26.29 4.96 -4.76
C15 POV Q . 21.62 2.29 -20.96
C215 POV Q . 25.19 4.30 -5.59
C216 POV Q . 23.92 4.06 -4.78
C217 POV Q . 22.85 3.41 -5.67
C218 POV Q . 21.54 4.18 -5.50
C21 POV Q . 29.08 -1.51 -16.75
O21 POV Q . 29.23 -1.59 -18.15
C22 POV Q . 30.35 -1.54 -15.89
O22 POV Q . 28.00 -1.42 -16.24
C23 POV Q . 30.23 -0.98 -14.48
C24 POV Q . 29.82 0.50 -14.57
C25 POV Q . 30.87 1.42 -13.89
C26 POV Q . 30.22 2.72 -13.38
C27 POV Q . 30.61 3.08 -11.93
C28 POV Q . 29.35 3.47 -11.16
C29 POV Q . 29.62 4.41 -9.97
C31 POV Q . 33.33 -0.53 -17.58
O31 POV Q . 32.17 0.05 -18.14
C32 POV Q . 33.67 -0.26 -16.10
O32 POV Q . 34.03 -1.20 -18.25
C33 POV Q . 34.52 -1.37 -15.49
C34 POV Q . 35.92 -0.83 -15.17
C35 POV Q . 36.93 -1.99 -15.05
C36 POV Q . 37.50 -2.22 -16.47
C37 POV Q . 38.35 -3.50 -16.53
C38 POV Q . 39.54 -3.33 -17.49
C39 POV Q . 40.67 -2.49 -16.87
H29 POV Q . 30.21 5.12 -10.04
H1 POV Q . 29.54 -1.09 -20.72
H1A POV Q . 29.69 0.47 -20.57
H2 POV Q . 29.81 0.28 -18.26
H3 POV Q . 31.66 -0.64 -19.89
H3A POV Q . 31.60 -1.72 -18.73
H310 POV Q . 40.93 -2.91 -14.88
H31A POV Q . 41.16 -4.18 -15.79
H210 POV Q . 28.34 3.48 -8.89
H11 POV Q . 25.89 1.85 -21.20
H11A POV Q . 25.25 1.28 -19.90
H211 POV Q . 29.71 4.71 -7.01
H21A POV Q . 29.25 5.96 -7.85
H311 POV Q . 43.17 -3.15 -14.79
H31B POV Q . 43.00 -2.04 -15.91
H12 POV Q . 23.87 1.52 -22.37
H12A POV Q . 23.87 2.69 -21.35
H22 POV Q . 30.99 -0.99 -16.31
H212 POV Q . 27.36 4.07 -7.06
H22A POV Q . 30.70 -2.44 -15.83
H21B POV Q . 27.05 5.56 -7.46
H32 POV Q . 32.87 -0.18 -15.57
H312 POV Q . 44.33 -4.22 -16.32
H32A POV Q . 34.14 0.57 -16.04
H31C POV Q . 43.69 -3.39 -17.49
H13 POV Q . 22.75 -0.62 -21.61
H13A POV Q . 21.94 0.36 -22.55
H13B POV Q . 21.26 -0.20 -21.26
H23 POV Q . 29.56 -1.48 -14.02
H213 POV Q . 27.73 6.29 -5.40
H23A POV Q . 31.07 -1.10 -14.04
H21C POV Q . 28.34 4.88 -5.05
H33 POV Q . 34.11 -1.66 -14.65
H33A POV Q . 34.60 -2.12 -16.08
H14 POV Q . 23.08 1.54 -18.96
H14A POV Q . 23.18 0.02 -19.38
H14B POV Q . 21.76 0.69 -19.13
H24 POV Q . 28.96 0.60 -14.16
H214 POV Q . 25.94 5.76 -4.36
H24A POV Q . 29.76 0.78 -15.49
H21D POV Q . 26.53 4.35 -4.05
H34 POV Q . 35.90 -0.33 -14.35
H34A POV Q . 36.21 -0.26 -15.90
H15 POV Q . 21.60 2.63 -21.86
H15A POV Q . 21.85 3.00 -20.34
H15B POV Q . 20.74 1.97 -20.73
H25 POV Q . 31.30 0.95 -13.18
H215 POV Q . 25.50 3.45 -5.90
H25A POV Q . 31.53 1.65 -14.55
H21E POV Q . 24.98 4.86 -6.35
H35 POV Q . 36.47 -2.78 -14.73
H35A POV Q . 37.64 -1.74 -14.43
H26 POV Q . 30.52 3.43 -13.96
H216 POV Q . 23.58 4.90 -4.45
H26A POV Q . 29.26 2.65 -13.46
H21F POV Q . 24.11 3.47 -4.05
H36 POV Q . 36.76 -2.29 -17.09
H36A POV Q . 38.05 -1.46 -16.72
H27 POV Q . 31.23 3.82 -11.93
H217 POV Q . 23.13 3.44 -6.60
H27A POV Q . 31.00 2.33 -11.47
H21G POV Q . 22.72 2.49 -5.40
H37 POV Q . 37.80 -4.22 -16.86
H37A POV Q . 38.65 -3.72 -15.64
H28 POV Q . 28.72 3.92 -11.74
H218 POV Q . 21.33 4.24 -4.56
H28A POV Q . 28.94 2.65 -10.86
H21H POV Q . 20.84 3.70 -5.97
H21J POV Q . 21.64 5.06 -5.87
H38 POV Q . 39.88 -4.21 -17.73
H38A POV Q . 39.23 -2.89 -18.29
H39 POV Q . 40.33 -1.65 -16.55
H39A POV Q . 41.34 -2.32 -17.54
#